data_5UF0
# 
_entry.id   5UF0 
# 
_audit_conform.dict_name       mmcif_pdbx.dic 
_audit_conform.dict_version    5.389 
_audit_conform.dict_location   http://mmcif.pdb.org/dictionaries/ascii/mmcif_pdbx.dic 
# 
loop_
_database_2.database_id 
_database_2.database_code 
_database_2.pdbx_database_accession 
_database_2.pdbx_DOI 
PDB   5UF0         pdb_00005uf0 10.2210/pdb5uf0/pdb 
WWPDB D_1000224161 ?            ?                   
# 
loop_
_pdbx_audit_revision_history.ordinal 
_pdbx_audit_revision_history.data_content_type 
_pdbx_audit_revision_history.major_revision 
_pdbx_audit_revision_history.minor_revision 
_pdbx_audit_revision_history.revision_date 
1 'Structure model' 1 0 2017-06-28 
2 'Structure model' 1 1 2024-03-06 
3 'Structure model' 1 2 2024-04-03 
# 
_pdbx_audit_revision_details.ordinal             1 
_pdbx_audit_revision_details.revision_ordinal    1 
_pdbx_audit_revision_details.data_content_type   'Structure model' 
_pdbx_audit_revision_details.provider            repository 
_pdbx_audit_revision_details.type                'Initial release' 
_pdbx_audit_revision_details.description         ? 
_pdbx_audit_revision_details.details             ? 
# 
loop_
_pdbx_audit_revision_group.ordinal 
_pdbx_audit_revision_group.revision_ordinal 
_pdbx_audit_revision_group.data_content_type 
_pdbx_audit_revision_group.group 
1 2 'Structure model' 'Data collection'        
2 2 'Structure model' 'Database references'    
3 3 'Structure model' 'Refinement description' 
# 
loop_
_pdbx_audit_revision_category.ordinal 
_pdbx_audit_revision_category.revision_ordinal 
_pdbx_audit_revision_category.data_content_type 
_pdbx_audit_revision_category.category 
1 2 'Structure model' chem_comp_atom                
2 2 'Structure model' chem_comp_bond                
3 2 'Structure model' database_2                    
4 3 'Structure model' pdbx_initial_refinement_model 
# 
loop_
_pdbx_audit_revision_item.ordinal 
_pdbx_audit_revision_item.revision_ordinal 
_pdbx_audit_revision_item.data_content_type 
_pdbx_audit_revision_item.item 
1 2 'Structure model' '_database_2.pdbx_DOI'                
2 2 'Structure model' '_database_2.pdbx_database_accession' 
# 
_pdbx_database_status.status_code                     REL 
_pdbx_database_status.status_code_sf                  REL 
_pdbx_database_status.status_code_mr                  ? 
_pdbx_database_status.entry_id                        5UF0 
_pdbx_database_status.recvd_initial_deposition_date   2017-01-03 
_pdbx_database_status.SG_entry                        N 
_pdbx_database_status.deposit_site                    RCSB 
_pdbx_database_status.process_site                    RCSB 
_pdbx_database_status.status_code_cs                  ? 
_pdbx_database_status.methods_development_category    ? 
_pdbx_database_status.pdb_format_compatible           Y 
_pdbx_database_status.status_code_nmr_data            ? 
# 
loop_
_pdbx_database_related.content_type 
_pdbx_database_related.db_id 
_pdbx_database_related.db_name 
_pdbx_database_related.details 
unspecified 5UEZ PDB . 
unspecified 5UEY PDB . 
unspecified 5UEX PDB . 
unspecified 5UEV PDB . 
unspecified 5UEP PDB . 
unspecified 5UET PDB . 
unspecified 5UES PDB . 
unspecified 5UER PDB . 
unspecified 5UEQ PDB . 
unspecified 5UEU PDB . 
unspecified 5UEO PDB . 
unspecified 5UEW PDB . 
# 
_audit_author.name               'Park, C.H.' 
_audit_author.pdbx_ordinal       1 
_audit_author.identifier_ORCID   ? 
# 
_citation.abstract                  ? 
_citation.abstract_id_CAS           ? 
_citation.book_id_ISBN              ? 
_citation.book_publisher            ? 
_citation.book_publisher_city       ? 
_citation.book_title                ? 
_citation.coordinate_linkage        ? 
_citation.country                   US 
_citation.database_id_Medline       ? 
_citation.details                   ? 
_citation.id                        primary 
_citation.journal_abbrev            'J. Med. Chem.' 
_citation.journal_id_ASTM           JMCMAR 
_citation.journal_id_CSD            0151 
_citation.journal_id_ISSN           1520-4804 
_citation.journal_full              ? 
_citation.journal_issue             ? 
_citation.journal_volume            60 
_citation.language                  ? 
_citation.page_first                3828 
_citation.page_last                 3850 
_citation.title                     
;Fragment-Based, Structure-Enabled Discovery of Novel Pyridones and Pyridone Macrocycles as Potent Bromodomain and Extra-Terminal Domain (BET) Family Bromodomain Inhibitors.
;
_citation.year                      2017 
_citation.database_id_CSD           ? 
_citation.pdbx_database_id_DOI      10.1021/acs.jmedchem.7b00017 
_citation.pdbx_database_id_PubMed   28368119 
_citation.unpublished_flag          ? 
# 
loop_
_citation_author.citation_id 
_citation_author.name 
_citation_author.ordinal 
_citation_author.identifier_ORCID 
primary 'Wang, L.'        1  ? 
primary 'Pratt, J.K.'     2  ? 
primary 'Soltwedel, T.'   3  ? 
primary 'Sheppard, G.S.'  4  ? 
primary 'Fidanze, S.D.'   5  ? 
primary 'Liu, D.'         6  ? 
primary 'Hasvold, L.A.'   7  ? 
primary 'Mantei, R.A.'    8  ? 
primary 'Holms, J.H.'     9  ? 
primary 'McClellan, W.J.' 10 ? 
primary 'Wendt, M.D.'     11 ? 
primary 'Wada, C.'        12 ? 
primary 'Frey, R.'        13 ? 
primary 'Hansen, T.M.'    14 ? 
primary 'Hubbard, R.'     15 ? 
primary 'Park, C.H.'      16 ? 
primary 'Li, L.'          17 ? 
primary 'Magoc, T.J.'     18 ? 
primary 'Albert, D.H.'    19 ? 
primary 'Lin, X.'         20 ? 
primary 'Warder, S.E.'    21 ? 
primary 'Kovar, P.'       22 ? 
primary 'Huang, X.'       23 ? 
primary 'Wilcox, D.'      24 ? 
primary 'Wang, R.'        25 ? 
primary 'Rajaraman, G.'   26 ? 
primary 'Petros, A.M.'    27 ? 
primary 'Hutchins, C.W.'  28 ? 
primary 'Panchal, S.C.'   29 ? 
primary 'Sun, C.'         30 ? 
primary 'Elmore, S.W.'    31 ? 
primary 'Shen, Y.'        32 ? 
primary 'Kati, W.M.'      33 ? 
primary 'McDaniel, K.F.'  34 ? 
# 
loop_
_entity.id 
_entity.type 
_entity.src_method 
_entity.pdbx_description 
_entity.formula_weight 
_entity.pdbx_number_of_molecules 
_entity.pdbx_ec 
_entity.pdbx_mutation 
_entity.pdbx_fragment 
_entity.details 
1 polymer     man 'Bromodomain-containing protein 4'                     12806.933 1   ? ? 'residues 352-457' ? 
2 non-polymer syn '2-methyl-5-(methylamino)-6-phenylpyridazin-3(2H)-one' 215.251   1   ? ? ?                  ? 
3 water       nat water                                                  18.015    196 ? ? ?                  ? 
# 
_entity_name_com.entity_id   1 
_entity_name_com.name        'Protein HUNK1' 
# 
_entity_poly.entity_id                      1 
_entity_poly.type                           'polypeptide(L)' 
_entity_poly.nstd_linkage                   no 
_entity_poly.nstd_monomer                   no 
_entity_poly.pdbx_seq_one_letter_code       
;SHMEQLKCCSGILKEMFAKKHAAYAWPFYKPVDVEALGLHDYCDIIKHPMDMSTIKSKLEAREYRDAQEFGADVRLMFSN
CYKYNPPDHEVVAMARKLQDVFEMRFAKM
;
_entity_poly.pdbx_seq_one_letter_code_can   
;SHMEQLKCCSGILKEMFAKKHAAYAWPFYKPVDVEALGLHDYCDIIKHPMDMSTIKSKLEAREYRDAQEFGADVRLMFSN
CYKYNPPDHEVVAMARKLQDVFEMRFAKM
;
_entity_poly.pdbx_strand_id                 A 
_entity_poly.pdbx_target_identifier         ? 
# 
loop_
_pdbx_entity_nonpoly.entity_id 
_pdbx_entity_nonpoly.name 
_pdbx_entity_nonpoly.comp_id 
2 '2-methyl-5-(methylamino)-6-phenylpyridazin-3(2H)-one' 89J 
3 water                                                  HOH 
# 
loop_
_entity_poly_seq.entity_id 
_entity_poly_seq.num 
_entity_poly_seq.mon_id 
_entity_poly_seq.hetero 
1 1   SER n 
1 2   HIS n 
1 3   MET n 
1 4   GLU n 
1 5   GLN n 
1 6   LEU n 
1 7   LYS n 
1 8   CYS n 
1 9   CYS n 
1 10  SER n 
1 11  GLY n 
1 12  ILE n 
1 13  LEU n 
1 14  LYS n 
1 15  GLU n 
1 16  MET n 
1 17  PHE n 
1 18  ALA n 
1 19  LYS n 
1 20  LYS n 
1 21  HIS n 
1 22  ALA n 
1 23  ALA n 
1 24  TYR n 
1 25  ALA n 
1 26  TRP n 
1 27  PRO n 
1 28  PHE n 
1 29  TYR n 
1 30  LYS n 
1 31  PRO n 
1 32  VAL n 
1 33  ASP n 
1 34  VAL n 
1 35  GLU n 
1 36  ALA n 
1 37  LEU n 
1 38  GLY n 
1 39  LEU n 
1 40  HIS n 
1 41  ASP n 
1 42  TYR n 
1 43  CYS n 
1 44  ASP n 
1 45  ILE n 
1 46  ILE n 
1 47  LYS n 
1 48  HIS n 
1 49  PRO n 
1 50  MET n 
1 51  ASP n 
1 52  MET n 
1 53  SER n 
1 54  THR n 
1 55  ILE n 
1 56  LYS n 
1 57  SER n 
1 58  LYS n 
1 59  LEU n 
1 60  GLU n 
1 61  ALA n 
1 62  ARG n 
1 63  GLU n 
1 64  TYR n 
1 65  ARG n 
1 66  ASP n 
1 67  ALA n 
1 68  GLN n 
1 69  GLU n 
1 70  PHE n 
1 71  GLY n 
1 72  ALA n 
1 73  ASP n 
1 74  VAL n 
1 75  ARG n 
1 76  LEU n 
1 77  MET n 
1 78  PHE n 
1 79  SER n 
1 80  ASN n 
1 81  CYS n 
1 82  TYR n 
1 83  LYS n 
1 84  TYR n 
1 85  ASN n 
1 86  PRO n 
1 87  PRO n 
1 88  ASP n 
1 89  HIS n 
1 90  GLU n 
1 91  VAL n 
1 92  VAL n 
1 93  ALA n 
1 94  MET n 
1 95  ALA n 
1 96  ARG n 
1 97  LYS n 
1 98  LEU n 
1 99  GLN n 
1 100 ASP n 
1 101 VAL n 
1 102 PHE n 
1 103 GLU n 
1 104 MET n 
1 105 ARG n 
1 106 PHE n 
1 107 ALA n 
1 108 LYS n 
1 109 MET n 
# 
_entity_src_gen.entity_id                          1 
_entity_src_gen.pdbx_src_id                        1 
_entity_src_gen.pdbx_alt_source_flag               sample 
_entity_src_gen.pdbx_seq_type                      'Biological sequence' 
_entity_src_gen.pdbx_beg_seq_num                   1 
_entity_src_gen.pdbx_end_seq_num                   109 
_entity_src_gen.gene_src_common_name               Human 
_entity_src_gen.gene_src_genus                     ? 
_entity_src_gen.pdbx_gene_src_gene                 'BRD4, HUNK1' 
_entity_src_gen.gene_src_species                   ? 
_entity_src_gen.gene_src_strain                    ? 
_entity_src_gen.gene_src_tissue                    ? 
_entity_src_gen.gene_src_tissue_fraction           ? 
_entity_src_gen.gene_src_details                   ? 
_entity_src_gen.pdbx_gene_src_fragment             ? 
_entity_src_gen.pdbx_gene_src_scientific_name      'Homo sapiens' 
_entity_src_gen.pdbx_gene_src_ncbi_taxonomy_id     9606 
_entity_src_gen.pdbx_gene_src_variant              ? 
_entity_src_gen.pdbx_gene_src_cell_line            ? 
_entity_src_gen.pdbx_gene_src_atcc                 ? 
_entity_src_gen.pdbx_gene_src_organ                ? 
_entity_src_gen.pdbx_gene_src_organelle            ? 
_entity_src_gen.pdbx_gene_src_cell                 ? 
_entity_src_gen.pdbx_gene_src_cellular_location    ? 
_entity_src_gen.host_org_common_name               ? 
_entity_src_gen.pdbx_host_org_scientific_name      'Escherichia coli-Pichia pastoris shuttle vector pPpARG4' 
_entity_src_gen.pdbx_host_org_ncbi_taxonomy_id     1182032 
_entity_src_gen.host_org_genus                     ? 
_entity_src_gen.pdbx_host_org_gene                 ? 
_entity_src_gen.pdbx_host_org_organ                ? 
_entity_src_gen.host_org_species                   ? 
_entity_src_gen.pdbx_host_org_tissue               ? 
_entity_src_gen.pdbx_host_org_tissue_fraction      ? 
_entity_src_gen.pdbx_host_org_strain               ? 
_entity_src_gen.pdbx_host_org_variant              ? 
_entity_src_gen.pdbx_host_org_cell_line            ? 
_entity_src_gen.pdbx_host_org_atcc                 ? 
_entity_src_gen.pdbx_host_org_culture_collection   ? 
_entity_src_gen.pdbx_host_org_cell                 ? 
_entity_src_gen.pdbx_host_org_organelle            ? 
_entity_src_gen.pdbx_host_org_cellular_location    ? 
_entity_src_gen.pdbx_host_org_vector_type          ? 
_entity_src_gen.pdbx_host_org_vector               ? 
_entity_src_gen.host_org_details                   ? 
_entity_src_gen.expression_system_id               ? 
_entity_src_gen.plasmid_name                       ? 
_entity_src_gen.plasmid_details                    ? 
_entity_src_gen.pdbx_description                   ? 
# 
loop_
_chem_comp.id 
_chem_comp.type 
_chem_comp.mon_nstd_flag 
_chem_comp.name 
_chem_comp.pdbx_synonyms 
_chem_comp.formula 
_chem_comp.formula_weight 
89J non-polymer         . '2-methyl-5-(methylamino)-6-phenylpyridazin-3(2H)-one' ? 'C12 H13 N3 O'   215.251 
ALA 'L-peptide linking' y ALANINE                                                ? 'C3 H7 N O2'     89.093  
ARG 'L-peptide linking' y ARGININE                                               ? 'C6 H15 N4 O2 1' 175.209 
ASN 'L-peptide linking' y ASPARAGINE                                             ? 'C4 H8 N2 O3'    132.118 
ASP 'L-peptide linking' y 'ASPARTIC ACID'                                        ? 'C4 H7 N O4'     133.103 
CYS 'L-peptide linking' y CYSTEINE                                               ? 'C3 H7 N O2 S'   121.158 
GLN 'L-peptide linking' y GLUTAMINE                                              ? 'C5 H10 N2 O3'   146.144 
GLU 'L-peptide linking' y 'GLUTAMIC ACID'                                        ? 'C5 H9 N O4'     147.129 
GLY 'peptide linking'   y GLYCINE                                                ? 'C2 H5 N O2'     75.067  
HIS 'L-peptide linking' y HISTIDINE                                              ? 'C6 H10 N3 O2 1' 156.162 
HOH non-polymer         . WATER                                                  ? 'H2 O'           18.015  
ILE 'L-peptide linking' y ISOLEUCINE                                             ? 'C6 H13 N O2'    131.173 
LEU 'L-peptide linking' y LEUCINE                                                ? 'C6 H13 N O2'    131.173 
LYS 'L-peptide linking' y LYSINE                                                 ? 'C6 H15 N2 O2 1' 147.195 
MET 'L-peptide linking' y METHIONINE                                             ? 'C5 H11 N O2 S'  149.211 
PHE 'L-peptide linking' y PHENYLALANINE                                          ? 'C9 H11 N O2'    165.189 
PRO 'L-peptide linking' y PROLINE                                                ? 'C5 H9 N O2'     115.130 
SER 'L-peptide linking' y SERINE                                                 ? 'C3 H7 N O3'     105.093 
THR 'L-peptide linking' y THREONINE                                              ? 'C4 H9 N O3'     119.119 
TRP 'L-peptide linking' y TRYPTOPHAN                                             ? 'C11 H12 N2 O2'  204.225 
TYR 'L-peptide linking' y TYROSINE                                               ? 'C9 H11 N O3'    181.189 
VAL 'L-peptide linking' y VALINE                                                 ? 'C5 H11 N O2'    117.146 
# 
loop_
_pdbx_poly_seq_scheme.asym_id 
_pdbx_poly_seq_scheme.entity_id 
_pdbx_poly_seq_scheme.seq_id 
_pdbx_poly_seq_scheme.mon_id 
_pdbx_poly_seq_scheme.ndb_seq_num 
_pdbx_poly_seq_scheme.pdb_seq_num 
_pdbx_poly_seq_scheme.auth_seq_num 
_pdbx_poly_seq_scheme.pdb_mon_id 
_pdbx_poly_seq_scheme.auth_mon_id 
_pdbx_poly_seq_scheme.pdb_strand_id 
_pdbx_poly_seq_scheme.pdb_ins_code 
_pdbx_poly_seq_scheme.hetero 
A 1 1   SER 1   349 ?   ?   ?   A . n 
A 1 2   HIS 2   350 350 HIS HIS A . n 
A 1 3   MET 3   351 351 MET MET A . n 
A 1 4   GLU 4   352 352 GLU GLU A . n 
A 1 5   GLN 5   353 353 GLN GLN A . n 
A 1 6   LEU 6   354 354 LEU LEU A . n 
A 1 7   LYS 7   355 355 LYS LYS A . n 
A 1 8   CYS 8   356 356 CYS CYS A . n 
A 1 9   CYS 9   357 357 CYS CYS A . n 
A 1 10  SER 10  358 358 SER SER A . n 
A 1 11  GLY 11  359 359 GLY GLY A . n 
A 1 12  ILE 12  360 360 ILE ILE A . n 
A 1 13  LEU 13  361 361 LEU LEU A . n 
A 1 14  LYS 14  362 362 LYS LYS A . n 
A 1 15  GLU 15  363 363 GLU GLU A . n 
A 1 16  MET 16  364 364 MET MET A . n 
A 1 17  PHE 17  365 365 PHE PHE A . n 
A 1 18  ALA 18  366 366 ALA ALA A . n 
A 1 19  LYS 19  367 367 LYS LYS A . n 
A 1 20  LYS 20  368 368 LYS LYS A . n 
A 1 21  HIS 21  369 369 HIS HIS A . n 
A 1 22  ALA 22  370 370 ALA ALA A . n 
A 1 23  ALA 23  371 371 ALA ALA A . n 
A 1 24  TYR 24  372 372 TYR TYR A . n 
A 1 25  ALA 25  373 373 ALA ALA A . n 
A 1 26  TRP 26  374 374 TRP TRP A . n 
A 1 27  PRO 27  375 375 PRO PRO A . n 
A 1 28  PHE 28  376 376 PHE PHE A . n 
A 1 29  TYR 29  377 377 TYR TYR A . n 
A 1 30  LYS 30  378 378 LYS LYS A . n 
A 1 31  PRO 31  379 379 PRO PRO A . n 
A 1 32  VAL 32  380 380 VAL VAL A . n 
A 1 33  ASP 33  381 381 ASP ASP A . n 
A 1 34  VAL 34  382 382 VAL VAL A . n 
A 1 35  GLU 35  383 383 GLU GLU A . n 
A 1 36  ALA 36  384 384 ALA ALA A . n 
A 1 37  LEU 37  385 385 LEU LEU A . n 
A 1 38  GLY 38  386 386 GLY GLY A . n 
A 1 39  LEU 39  387 387 LEU LEU A . n 
A 1 40  HIS 40  388 388 HIS HIS A . n 
A 1 41  ASP 41  389 389 ASP ASP A . n 
A 1 42  TYR 42  390 390 TYR TYR A . n 
A 1 43  CYS 43  391 391 CYS CYS A . n 
A 1 44  ASP 44  392 392 ASP ASP A . n 
A 1 45  ILE 45  393 393 ILE ILE A . n 
A 1 46  ILE 46  394 394 ILE ILE A . n 
A 1 47  LYS 47  395 395 LYS LYS A . n 
A 1 48  HIS 48  396 396 HIS HIS A . n 
A 1 49  PRO 49  397 397 PRO PRO A . n 
A 1 50  MET 50  398 398 MET MET A . n 
A 1 51  ASP 51  399 399 ASP ASP A . n 
A 1 52  MET 52  400 400 MET MET A . n 
A 1 53  SER 53  401 401 SER SER A . n 
A 1 54  THR 54  402 402 THR THR A . n 
A 1 55  ILE 55  403 403 ILE ILE A . n 
A 1 56  LYS 56  404 404 LYS LYS A . n 
A 1 57  SER 57  405 405 SER SER A . n 
A 1 58  LYS 58  406 406 LYS LYS A . n 
A 1 59  LEU 59  407 407 LEU LEU A . n 
A 1 60  GLU 60  408 408 GLU GLU A . n 
A 1 61  ALA 61  409 409 ALA ALA A . n 
A 1 62  ARG 62  410 410 ARG ARG A . n 
A 1 63  GLU 63  411 411 GLU GLU A . n 
A 1 64  TYR 64  412 412 TYR TYR A . n 
A 1 65  ARG 65  413 413 ARG ARG A . n 
A 1 66  ASP 66  414 414 ASP ASP A . n 
A 1 67  ALA 67  415 415 ALA ALA A . n 
A 1 68  GLN 68  416 416 GLN GLN A . n 
A 1 69  GLU 69  417 417 GLU GLU A . n 
A 1 70  PHE 70  418 418 PHE PHE A . n 
A 1 71  GLY 71  419 419 GLY GLY A . n 
A 1 72  ALA 72  420 420 ALA ALA A . n 
A 1 73  ASP 73  421 421 ASP ASP A . n 
A 1 74  VAL 74  422 422 VAL VAL A . n 
A 1 75  ARG 75  423 423 ARG ARG A . n 
A 1 76  LEU 76  424 424 LEU LEU A . n 
A 1 77  MET 77  425 425 MET MET A . n 
A 1 78  PHE 78  426 426 PHE PHE A . n 
A 1 79  SER 79  427 427 SER SER A . n 
A 1 80  ASN 80  428 428 ASN ASN A . n 
A 1 81  CYS 81  429 429 CYS CYS A . n 
A 1 82  TYR 82  430 430 TYR TYR A . n 
A 1 83  LYS 83  431 431 LYS LYS A . n 
A 1 84  TYR 84  432 432 TYR TYR A . n 
A 1 85  ASN 85  433 433 ASN ASN A . n 
A 1 86  PRO 86  434 434 PRO PRO A . n 
A 1 87  PRO 87  435 435 PRO PRO A . n 
A 1 88  ASP 88  436 436 ASP ASP A . n 
A 1 89  HIS 89  437 437 HIS HIS A . n 
A 1 90  GLU 90  438 438 GLU GLU A . n 
A 1 91  VAL 91  439 439 VAL VAL A . n 
A 1 92  VAL 92  440 440 VAL VAL A . n 
A 1 93  ALA 93  441 441 ALA ALA A . n 
A 1 94  MET 94  442 442 MET MET A . n 
A 1 95  ALA 95  443 443 ALA ALA A . n 
A 1 96  ARG 96  444 444 ARG ARG A . n 
A 1 97  LYS 97  445 445 LYS LYS A . n 
A 1 98  LEU 98  446 446 LEU LEU A . n 
A 1 99  GLN 99  447 447 GLN GLN A . n 
A 1 100 ASP 100 448 448 ASP ASP A . n 
A 1 101 VAL 101 449 449 VAL VAL A . n 
A 1 102 PHE 102 450 450 PHE PHE A . n 
A 1 103 GLU 103 451 451 GLU GLU A . n 
A 1 104 MET 104 452 452 MET MET A . n 
A 1 105 ARG 105 453 453 ARG ARG A . n 
A 1 106 PHE 106 454 454 PHE PHE A . n 
A 1 107 ALA 107 455 455 ALA ALA A . n 
A 1 108 LYS 108 456 456 LYS LYS A . n 
A 1 109 MET 109 457 457 MET MET A . n 
# 
loop_
_pdbx_nonpoly_scheme.asym_id 
_pdbx_nonpoly_scheme.entity_id 
_pdbx_nonpoly_scheme.mon_id 
_pdbx_nonpoly_scheme.ndb_seq_num 
_pdbx_nonpoly_scheme.pdb_seq_num 
_pdbx_nonpoly_scheme.auth_seq_num 
_pdbx_nonpoly_scheme.pdb_mon_id 
_pdbx_nonpoly_scheme.auth_mon_id 
_pdbx_nonpoly_scheme.pdb_strand_id 
_pdbx_nonpoly_scheme.pdb_ins_code 
B 2 89J 1   501 1   89J LIG A . 
C 3 HOH 1   601 139 HOH HOH A . 
C 3 HOH 2   602 6   HOH HOH A . 
C 3 HOH 3   603 1   HOH HOH A . 
C 3 HOH 4   604 16  HOH HOH A . 
C 3 HOH 5   605 18  HOH HOH A . 
C 3 HOH 6   606 59  HOH HOH A . 
C 3 HOH 7   607 62  HOH HOH A . 
C 3 HOH 8   608 32  HOH HOH A . 
C 3 HOH 9   609 27  HOH HOH A . 
C 3 HOH 10  610 61  HOH HOH A . 
C 3 HOH 11  611 121 HOH HOH A . 
C 3 HOH 12  612 143 HOH HOH A . 
C 3 HOH 13  613 28  HOH HOH A . 
C 3 HOH 14  614 145 HOH HOH A . 
C 3 HOH 15  615 42  HOH HOH A . 
C 3 HOH 16  616 64  HOH HOH A . 
C 3 HOH 17  617 9   HOH HOH A . 
C 3 HOH 18  618 171 HOH HOH A . 
C 3 HOH 19  619 168 HOH HOH A . 
C 3 HOH 20  620 175 HOH HOH A . 
C 3 HOH 21  621 164 HOH HOH A . 
C 3 HOH 22  622 115 HOH HOH A . 
C 3 HOH 23  623 68  HOH HOH A . 
C 3 HOH 24  624 161 HOH HOH A . 
C 3 HOH 25  625 136 HOH HOH A . 
C 3 HOH 26  626 119 HOH HOH A . 
C 3 HOH 27  627 78  HOH HOH A . 
C 3 HOH 28  628 162 HOH HOH A . 
C 3 HOH 29  629 94  HOH HOH A . 
C 3 HOH 30  630 93  HOH HOH A . 
C 3 HOH 31  631 11  HOH HOH A . 
C 3 HOH 32  632 113 HOH HOH A . 
C 3 HOH 33  633 150 HOH HOH A . 
C 3 HOH 34  634 137 HOH HOH A . 
C 3 HOH 35  635 17  HOH HOH A . 
C 3 HOH 36  636 90  HOH HOH A . 
C 3 HOH 37  637 178 HOH HOH A . 
C 3 HOH 38  638 12  HOH HOH A . 
C 3 HOH 39  639 55  HOH HOH A . 
C 3 HOH 40  640 85  HOH HOH A . 
C 3 HOH 41  641 37  HOH HOH A . 
C 3 HOH 42  642 193 HOH HOH A . 
C 3 HOH 43  643 74  HOH HOH A . 
C 3 HOH 44  644 140 HOH HOH A . 
C 3 HOH 45  645 36  HOH HOH A . 
C 3 HOH 46  646 88  HOH HOH A . 
C 3 HOH 47  647 129 HOH HOH A . 
C 3 HOH 48  648 165 HOH HOH A . 
C 3 HOH 49  649 102 HOH HOH A . 
C 3 HOH 50  650 142 HOH HOH A . 
C 3 HOH 51  651 56  HOH HOH A . 
C 3 HOH 52  652 35  HOH HOH A . 
C 3 HOH 53  653 54  HOH HOH A . 
C 3 HOH 54  654 66  HOH HOH A . 
C 3 HOH 55  655 95  HOH HOH A . 
C 3 HOH 56  656 5   HOH HOH A . 
C 3 HOH 57  657 15  HOH HOH A . 
C 3 HOH 58  658 75  HOH HOH A . 
C 3 HOH 59  659 67  HOH HOH A . 
C 3 HOH 60  660 25  HOH HOH A . 
C 3 HOH 61  661 21  HOH HOH A . 
C 3 HOH 62  662 14  HOH HOH A . 
C 3 HOH 63  663 133 HOH HOH A . 
C 3 HOH 64  664 3   HOH HOH A . 
C 3 HOH 65  665 44  HOH HOH A . 
C 3 HOH 66  666 194 HOH HOH A . 
C 3 HOH 67  667 29  HOH HOH A . 
C 3 HOH 68  668 57  HOH HOH A . 
C 3 HOH 69  669 8   HOH HOH A . 
C 3 HOH 70  670 105 HOH HOH A . 
C 3 HOH 71  671 43  HOH HOH A . 
C 3 HOH 72  672 146 HOH HOH A . 
C 3 HOH 73  673 22  HOH HOH A . 
C 3 HOH 74  674 187 HOH HOH A . 
C 3 HOH 75  675 106 HOH HOH A . 
C 3 HOH 76  676 181 HOH HOH A . 
C 3 HOH 77  677 174 HOH HOH A . 
C 3 HOH 78  678 71  HOH HOH A . 
C 3 HOH 79  679 149 HOH HOH A . 
C 3 HOH 80  680 144 HOH HOH A . 
C 3 HOH 81  681 65  HOH HOH A . 
C 3 HOH 82  682 31  HOH HOH A . 
C 3 HOH 83  683 13  HOH HOH A . 
C 3 HOH 84  684 39  HOH HOH A . 
C 3 HOH 85  685 172 HOH HOH A . 
C 3 HOH 86  686 109 HOH HOH A . 
C 3 HOH 87  687 38  HOH HOH A . 
C 3 HOH 88  688 53  HOH HOH A . 
C 3 HOH 89  689 33  HOH HOH A . 
C 3 HOH 90  690 20  HOH HOH A . 
C 3 HOH 91  691 154 HOH HOH A . 
C 3 HOH 92  692 81  HOH HOH A . 
C 3 HOH 93  693 99  HOH HOH A . 
C 3 HOH 94  694 19  HOH HOH A . 
C 3 HOH 95  695 4   HOH HOH A . 
C 3 HOH 96  696 51  HOH HOH A . 
C 3 HOH 97  697 60  HOH HOH A . 
C 3 HOH 98  698 34  HOH HOH A . 
C 3 HOH 99  699 24  HOH HOH A . 
C 3 HOH 100 700 123 HOH HOH A . 
C 3 HOH 101 701 108 HOH HOH A . 
C 3 HOH 102 702 72  HOH HOH A . 
C 3 HOH 103 703 160 HOH HOH A . 
C 3 HOH 104 704 79  HOH HOH A . 
C 3 HOH 105 705 63  HOH HOH A . 
C 3 HOH 106 706 196 HOH HOH A . 
C 3 HOH 107 707 49  HOH HOH A . 
C 3 HOH 108 708 2   HOH HOH A . 
C 3 HOH 109 709 30  HOH HOH A . 
C 3 HOH 110 710 41  HOH HOH A . 
C 3 HOH 111 711 7   HOH HOH A . 
C 3 HOH 112 712 10  HOH HOH A . 
C 3 HOH 113 713 48  HOH HOH A . 
C 3 HOH 114 714 141 HOH HOH A . 
C 3 HOH 115 715 126 HOH HOH A . 
C 3 HOH 116 716 69  HOH HOH A . 
C 3 HOH 117 717 167 HOH HOH A . 
C 3 HOH 118 718 110 HOH HOH A . 
C 3 HOH 119 719 87  HOH HOH A . 
C 3 HOH 120 720 98  HOH HOH A . 
C 3 HOH 121 721 80  HOH HOH A . 
C 3 HOH 122 722 26  HOH HOH A . 
C 3 HOH 123 723 128 HOH HOH A . 
C 3 HOH 124 724 158 HOH HOH A . 
C 3 HOH 125 725 58  HOH HOH A . 
C 3 HOH 126 726 183 HOH HOH A . 
C 3 HOH 127 727 50  HOH HOH A . 
C 3 HOH 128 728 40  HOH HOH A . 
C 3 HOH 129 729 135 HOH HOH A . 
C 3 HOH 130 730 91  HOH HOH A . 
C 3 HOH 131 731 117 HOH HOH A . 
C 3 HOH 132 732 77  HOH HOH A . 
C 3 HOH 133 733 166 HOH HOH A . 
C 3 HOH 134 734 190 HOH HOH A . 
C 3 HOH 135 735 151 HOH HOH A . 
C 3 HOH 136 736 112 HOH HOH A . 
C 3 HOH 137 737 84  HOH HOH A . 
C 3 HOH 138 738 23  HOH HOH A . 
C 3 HOH 139 739 45  HOH HOH A . 
C 3 HOH 140 740 76  HOH HOH A . 
C 3 HOH 141 741 46  HOH HOH A . 
C 3 HOH 142 742 138 HOH HOH A . 
C 3 HOH 143 743 134 HOH HOH A . 
C 3 HOH 144 744 186 HOH HOH A . 
C 3 HOH 145 745 159 HOH HOH A . 
C 3 HOH 146 746 155 HOH HOH A . 
C 3 HOH 147 747 188 HOH HOH A . 
C 3 HOH 148 748 86  HOH HOH A . 
C 3 HOH 149 749 169 HOH HOH A . 
C 3 HOH 150 750 89  HOH HOH A . 
C 3 HOH 151 751 191 HOH HOH A . 
C 3 HOH 152 752 122 HOH HOH A . 
C 3 HOH 153 753 114 HOH HOH A . 
C 3 HOH 154 754 130 HOH HOH A . 
C 3 HOH 155 755 101 HOH HOH A . 
C 3 HOH 156 756 182 HOH HOH A . 
C 3 HOH 157 757 96  HOH HOH A . 
C 3 HOH 158 758 125 HOH HOH A . 
C 3 HOH 159 759 176 HOH HOH A . 
C 3 HOH 160 760 131 HOH HOH A . 
C 3 HOH 161 761 127 HOH HOH A . 
C 3 HOH 162 762 157 HOH HOH A . 
C 3 HOH 163 763 111 HOH HOH A . 
C 3 HOH 164 764 82  HOH HOH A . 
C 3 HOH 165 765 103 HOH HOH A . 
C 3 HOH 166 766 116 HOH HOH A . 
C 3 HOH 167 767 195 HOH HOH A . 
C 3 HOH 168 768 153 HOH HOH A . 
C 3 HOH 169 769 73  HOH HOH A . 
C 3 HOH 170 770 179 HOH HOH A . 
C 3 HOH 171 771 83  HOH HOH A . 
C 3 HOH 172 772 148 HOH HOH A . 
C 3 HOH 173 773 52  HOH HOH A . 
C 3 HOH 174 774 70  HOH HOH A . 
C 3 HOH 175 775 173 HOH HOH A . 
C 3 HOH 176 776 152 HOH HOH A . 
C 3 HOH 177 777 97  HOH HOH A . 
C 3 HOH 178 778 163 HOH HOH A . 
C 3 HOH 179 779 124 HOH HOH A . 
C 3 HOH 180 780 100 HOH HOH A . 
C 3 HOH 181 781 177 HOH HOH A . 
C 3 HOH 182 782 92  HOH HOH A . 
C 3 HOH 183 783 180 HOH HOH A . 
C 3 HOH 184 784 120 HOH HOH A . 
C 3 HOH 185 785 192 HOH HOH A . 
C 3 HOH 186 786 156 HOH HOH A . 
C 3 HOH 187 787 170 HOH HOH A . 
C 3 HOH 188 788 107 HOH HOH A . 
C 3 HOH 189 789 132 HOH HOH A . 
C 3 HOH 190 790 185 HOH HOH A . 
C 3 HOH 191 791 47  HOH HOH A . 
C 3 HOH 192 792 104 HOH HOH A . 
C 3 HOH 193 793 118 HOH HOH A . 
C 3 HOH 194 794 189 HOH HOH A . 
C 3 HOH 195 795 147 HOH HOH A . 
C 3 HOH 196 796 184 HOH HOH A . 
# 
loop_
_software.citation_id 
_software.classification 
_software.compiler_name 
_software.compiler_version 
_software.contact_author 
_software.contact_author_email 
_software.date 
_software.description 
_software.dependencies 
_software.hardware 
_software.language 
_software.location 
_software.mods 
_software.name 
_software.os 
_software.os_version 
_software.type 
_software.version 
_software.pdbx_ordinal 
? refinement       ? ? ? ? ? ? ? ? ? ? ? BUSTER-TNT ? ? ? .      1 
? 'data reduction' ? ? ? ? ? ? ? ? ? ? ? XDS        ? ? ? 2.11.7 2 
? 'data scaling'   ? ? ? ? ? ? ? ? ? ? ? SCALA      ? ? ? 3.20   3 
? 'model building' ? ? ? ? ? ? ? ? ? ? ? Coot       ? ? ? .      4 
# 
_cell.angle_alpha                  90.000 
_cell.angle_alpha_esd              ? 
_cell.angle_beta                   90.000 
_cell.angle_beta_esd               ? 
_cell.angle_gamma                  90.000 
_cell.angle_gamma_esd              ? 
_cell.entry_id                     5UF0 
_cell.details                      ? 
_cell.formula_units_Z              ? 
_cell.length_a                     57.049 
_cell.length_a_esd                 ? 
_cell.length_b                     73.030 
_cell.length_b_esd                 ? 
_cell.length_c                     33.596 
_cell.length_c_esd                 ? 
_cell.volume                       ? 
_cell.volume_esd                   ? 
_cell.Z_PDB                        4 
_cell.reciprocal_angle_alpha       ? 
_cell.reciprocal_angle_beta        ? 
_cell.reciprocal_angle_gamma       ? 
_cell.reciprocal_angle_alpha_esd   ? 
_cell.reciprocal_angle_beta_esd    ? 
_cell.reciprocal_angle_gamma_esd   ? 
_cell.reciprocal_length_a          ? 
_cell.reciprocal_length_b          ? 
_cell.reciprocal_length_c          ? 
_cell.reciprocal_length_a_esd      ? 
_cell.reciprocal_length_b_esd      ? 
_cell.reciprocal_length_c_esd      ? 
_cell.pdbx_unique_axis             ? 
# 
_symmetry.entry_id                         5UF0 
_symmetry.cell_setting                     ? 
_symmetry.Int_Tables_number                18 
_symmetry.space_group_name_Hall            ? 
_symmetry.space_group_name_H-M             'P 21 21 2' 
_symmetry.pdbx_full_space_group_name_H-M   ? 
# 
_exptl.absorpt_coefficient_mu     ? 
_exptl.absorpt_correction_T_max   ? 
_exptl.absorpt_correction_T_min   ? 
_exptl.absorpt_correction_type    ? 
_exptl.absorpt_process_details    ? 
_exptl.entry_id                   5UF0 
_exptl.crystals_number            1 
_exptl.details                    ? 
_exptl.method                     'X-RAY DIFFRACTION' 
_exptl.method_details             ? 
# 
_exptl_crystal.colour                      ? 
_exptl_crystal.density_diffrn              ? 
_exptl_crystal.density_Matthews            2.75 
_exptl_crystal.density_method              ? 
_exptl_crystal.density_percent_sol         55.29 
_exptl_crystal.description                 ? 
_exptl_crystal.F_000                       ? 
_exptl_crystal.id                          1 
_exptl_crystal.preparation                 ? 
_exptl_crystal.size_max                    ? 
_exptl_crystal.size_mid                    ? 
_exptl_crystal.size_min                    ? 
_exptl_crystal.size_rad                    ? 
_exptl_crystal.colour_lustre               ? 
_exptl_crystal.colour_modifier             ? 
_exptl_crystal.colour_primary              ? 
_exptl_crystal.density_meas                ? 
_exptl_crystal.density_meas_esd            ? 
_exptl_crystal.density_meas_gt             ? 
_exptl_crystal.density_meas_lt             ? 
_exptl_crystal.density_meas_temp           ? 
_exptl_crystal.density_meas_temp_esd       ? 
_exptl_crystal.density_meas_temp_gt        ? 
_exptl_crystal.density_meas_temp_lt        ? 
_exptl_crystal.pdbx_crystal_image_url      ? 
_exptl_crystal.pdbx_crystal_image_format   ? 
_exptl_crystal.pdbx_mosaicity              ? 
_exptl_crystal.pdbx_mosaicity_esd          ? 
# 
_exptl_crystal_grow.apparatus       ? 
_exptl_crystal_grow.atmosphere      ? 
_exptl_crystal_grow.crystal_id      1 
_exptl_crystal_grow.details         ? 
_exptl_crystal_grow.method          'VAPOR DIFFUSION' 
_exptl_crystal_grow.method_ref      ? 
_exptl_crystal_grow.pH              7.0 
_exptl_crystal_grow.pressure        ? 
_exptl_crystal_grow.pressure_esd    ? 
_exptl_crystal_grow.seeding         ? 
_exptl_crystal_grow.seeding_ref     ? 
_exptl_crystal_grow.temp            277 
_exptl_crystal_grow.temp_details    ? 
_exptl_crystal_grow.temp_esd        ? 
_exptl_crystal_grow.time            ? 
_exptl_crystal_grow.pdbx_details    
;Protein buffer : PH 7.5 10 mM HEPES
100 mM NaCl   5mM DTT
Crystallization : 15 %(V/V) Ethanol Tris PH 7.0
;
_exptl_crystal_grow.pdbx_pH_range   ? 
# 
_diffrn.ambient_environment    ? 
_diffrn.ambient_temp           100.0 
_diffrn.ambient_temp_details   ? 
_diffrn.ambient_temp_esd       ? 
_diffrn.crystal_id             1 
_diffrn.crystal_support        ? 
_diffrn.crystal_treatment      ? 
_diffrn.details                ? 
_diffrn.id                     1 
_diffrn.ambient_pressure       ? 
_diffrn.ambient_pressure_esd   ? 
_diffrn.ambient_pressure_gt    ? 
_diffrn.ambient_pressure_lt    ? 
_diffrn.ambient_temp_gt        ? 
_diffrn.ambient_temp_lt        ? 
# 
_diffrn_detector.details                      ? 
_diffrn_detector.detector                     PIXEL 
_diffrn_detector.diffrn_id                    1 
_diffrn_detector.type                         'DECTRIS PILATUS 300K' 
_diffrn_detector.area_resol_mean              ? 
_diffrn_detector.dtime                        ? 
_diffrn_detector.pdbx_frames_total            ? 
_diffrn_detector.pdbx_collection_time_total   ? 
_diffrn_detector.pdbx_collection_date         2010-08-09 
# 
_diffrn_radiation.collimation                      ? 
_diffrn_radiation.diffrn_id                        1 
_diffrn_radiation.filter_edge                      ? 
_diffrn_radiation.inhomogeneity                    ? 
_diffrn_radiation.monochromator                    ? 
_diffrn_radiation.polarisn_norm                    ? 
_diffrn_radiation.polarisn_ratio                   ? 
_diffrn_radiation.probe                            ? 
_diffrn_radiation.type                             ? 
_diffrn_radiation.xray_symbol                      ? 
_diffrn_radiation.wavelength_id                    1 
_diffrn_radiation.pdbx_monochromatic_or_laue_m_l   M 
_diffrn_radiation.pdbx_wavelength_list             ? 
_diffrn_radiation.pdbx_wavelength                  ? 
_diffrn_radiation.pdbx_diffrn_protocol             'SINGLE WAVELENGTH' 
_diffrn_radiation.pdbx_analyzer                    ? 
_diffrn_radiation.pdbx_scattering_type             x-ray 
# 
_diffrn_radiation_wavelength.id           1 
_diffrn_radiation_wavelength.wavelength   1.0 
_diffrn_radiation_wavelength.wt           1.0 
# 
_diffrn_source.current                     ? 
_diffrn_source.details                     ? 
_diffrn_source.diffrn_id                   1 
_diffrn_source.power                       ? 
_diffrn_source.size                        ? 
_diffrn_source.source                      SYNCHROTRON 
_diffrn_source.target                      ? 
_diffrn_source.type                        'APS BEAMLINE 17-ID' 
_diffrn_source.voltage                     ? 
_diffrn_source.take-off_angle              ? 
_diffrn_source.pdbx_wavelength_list        1.0 
_diffrn_source.pdbx_wavelength             ? 
_diffrn_source.pdbx_synchrotron_beamline   17-ID 
_diffrn_source.pdbx_synchrotron_site       APS 
# 
_reflns.B_iso_Wilson_estimate            ? 
_reflns.entry_id                         5UF0 
_reflns.data_reduction_details           ? 
_reflns.data_reduction_method            ? 
_reflns.d_resolution_high                1.35 
_reflns.d_resolution_low                 73.0 
_reflns.details                          ? 
_reflns.limit_h_max                      ? 
_reflns.limit_h_min                      ? 
_reflns.limit_k_max                      ? 
_reflns.limit_k_min                      ? 
_reflns.limit_l_max                      ? 
_reflns.limit_l_min                      ? 
_reflns.number_all                       ? 
_reflns.number_obs                       31000 
_reflns.observed_criterion               ? 
_reflns.observed_criterion_F_max         ? 
_reflns.observed_criterion_F_min         ? 
_reflns.observed_criterion_I_max         ? 
_reflns.observed_criterion_I_min         ? 
_reflns.observed_criterion_sigma_F       ? 
_reflns.observed_criterion_sigma_I       ? 
_reflns.percent_possible_obs             98.0 
_reflns.R_free_details                   ? 
_reflns.Rmerge_F_all                     ? 
_reflns.Rmerge_F_obs                     ? 
_reflns.Friedel_coverage                 ? 
_reflns.number_gt                        ? 
_reflns.threshold_expression             ? 
_reflns.pdbx_redundancy                  6.1 
_reflns.pdbx_Rmerge_I_obs                ? 
_reflns.pdbx_Rmerge_I_all                ? 
_reflns.pdbx_Rsym_value                  ? 
_reflns.pdbx_netI_over_av_sigmaI         ? 
_reflns.pdbx_netI_over_sigmaI            19.4 
_reflns.pdbx_res_netI_over_av_sigmaI_2   ? 
_reflns.pdbx_res_netI_over_sigmaI_2      ? 
_reflns.pdbx_chi_squared                 ? 
_reflns.pdbx_scaling_rejects             ? 
_reflns.pdbx_d_res_high_opt              ? 
_reflns.pdbx_d_res_low_opt               ? 
_reflns.pdbx_d_res_opt_method            ? 
_reflns.phase_calculation_details        ? 
_reflns.pdbx_Rrim_I_all                  ? 
_reflns.pdbx_Rpim_I_all                  ? 
_reflns.pdbx_d_opt                       ? 
_reflns.pdbx_number_measured_all         ? 
_reflns.pdbx_diffrn_id                   1 
_reflns.pdbx_ordinal                     1 
_reflns.pdbx_CC_half                     ? 
_reflns.pdbx_R_split                     ? 
# 
_reflns_shell.d_res_high                  . 
_reflns_shell.d_res_low                   ? 
_reflns_shell.meanI_over_sigI_all         ? 
_reflns_shell.meanI_over_sigI_obs         ? 
_reflns_shell.number_measured_all         ? 
_reflns_shell.number_measured_obs         ? 
_reflns_shell.number_possible             ? 
_reflns_shell.number_unique_all           ? 
_reflns_shell.number_unique_obs           ? 
_reflns_shell.percent_possible_all        ? 
_reflns_shell.percent_possible_obs        ? 
_reflns_shell.Rmerge_F_all                ? 
_reflns_shell.Rmerge_F_obs                ? 
_reflns_shell.Rmerge_I_all                ? 
_reflns_shell.Rmerge_I_obs                ? 
_reflns_shell.meanI_over_sigI_gt          ? 
_reflns_shell.meanI_over_uI_all           ? 
_reflns_shell.meanI_over_uI_gt            ? 
_reflns_shell.number_measured_gt          ? 
_reflns_shell.number_unique_gt            ? 
_reflns_shell.percent_possible_gt         ? 
_reflns_shell.Rmerge_F_gt                 ? 
_reflns_shell.Rmerge_I_gt                 ? 
_reflns_shell.pdbx_redundancy             ? 
_reflns_shell.pdbx_Rsym_value             ? 
_reflns_shell.pdbx_chi_squared            ? 
_reflns_shell.pdbx_netI_over_sigmaI_all   ? 
_reflns_shell.pdbx_netI_over_sigmaI_obs   ? 
_reflns_shell.pdbx_Rrim_I_all             ? 
_reflns_shell.pdbx_Rpim_I_all             ? 
_reflns_shell.pdbx_rejects                ? 
_reflns_shell.pdbx_ordinal                1 
_reflns_shell.pdbx_diffrn_id              1 
_reflns_shell.pdbx_CC_half                ? 
_reflns_shell.pdbx_R_split                ? 
# 
_refine.aniso_B[1][1]                            -5.7265 
_refine.aniso_B[1][2]                            0.0000 
_refine.aniso_B[1][3]                            0.0000 
_refine.aniso_B[2][2]                            3.7118 
_refine.aniso_B[2][3]                            0.0000 
_refine.aniso_B[3][3]                            2.0147 
_refine.B_iso_max                                86.580 
_refine.B_iso_mean                               25.0400 
_refine.B_iso_min                                12.330 
_refine.correlation_coeff_Fo_to_Fc               0.9590 
_refine.correlation_coeff_Fo_to_Fc_free          0.9590 
_refine.details                                  ? 
_refine.diff_density_max                         ? 
_refine.diff_density_max_esd                     ? 
_refine.diff_density_min                         ? 
_refine.diff_density_min_esd                     ? 
_refine.diff_density_rms                         ? 
_refine.diff_density_rms_esd                     ? 
_refine.entry_id                                 5UF0 
_refine.pdbx_refine_id                           'X-RAY DIFFRACTION' 
_refine.ls_abs_structure_details                 ? 
_refine.ls_abs_structure_Flack                   ? 
_refine.ls_abs_structure_Flack_esd               ? 
_refine.ls_abs_structure_Rogers                  ? 
_refine.ls_abs_structure_Rogers_esd              ? 
_refine.ls_d_res_high                            1.3500 
_refine.ls_d_res_low                             36.5100 
_refine.ls_extinction_coef                       ? 
_refine.ls_extinction_coef_esd                   ? 
_refine.ls_extinction_expression                 ? 
_refine.ls_extinction_method                     ? 
_refine.ls_goodness_of_fit_all                   ? 
_refine.ls_goodness_of_fit_all_esd               ? 
_refine.ls_goodness_of_fit_obs                   ? 
_refine.ls_goodness_of_fit_obs_esd               ? 
_refine.ls_hydrogen_treatment                    ? 
_refine.ls_matrix_type                           ? 
_refine.ls_number_constraints                    ? 
_refine.ls_number_parameters                     ? 
_refine.ls_number_reflns_all                     ? 
_refine.ls_number_reflns_obs                     30952 
_refine.ls_number_reflns_R_free                  1565 
_refine.ls_number_reflns_R_work                  ? 
_refine.ls_number_restraints                     ? 
_refine.ls_percent_reflns_obs                    98.0000 
_refine.ls_percent_reflns_R_free                 5.0600 
_refine.ls_R_factor_all                          ? 
_refine.ls_R_factor_obs                          0.1800 
_refine.ls_R_factor_R_free                       0.2010 
_refine.ls_R_factor_R_free_error                 0.02 
_refine.ls_R_factor_R_free_error_details         ? 
_refine.ls_R_factor_R_work                       0.1790 
_refine.ls_R_Fsqd_factor_obs                     ? 
_refine.ls_R_I_factor_obs                        ? 
_refine.ls_redundancy_reflns_all                 ? 
_refine.ls_redundancy_reflns_obs                 ? 
_refine.ls_restrained_S_all                      ? 
_refine.ls_restrained_S_obs                      ? 
_refine.ls_shift_over_esd_max                    ? 
_refine.ls_shift_over_esd_mean                   ? 
_refine.ls_structure_factor_coef                 ? 
_refine.ls_weighting_details                     ? 
_refine.ls_weighting_scheme                      ? 
_refine.ls_wR_factor_all                         ? 
_refine.ls_wR_factor_obs                         ? 
_refine.ls_wR_factor_R_free                      ? 
_refine.ls_wR_factor_R_work                      ? 
_refine.occupancy_max                            ? 
_refine.occupancy_min                            ? 
_refine.solvent_model_details                    ? 
_refine.solvent_model_param_bsol                 ? 
_refine.solvent_model_param_ksol                 ? 
_refine.ls_R_factor_gt                           ? 
_refine.ls_goodness_of_fit_gt                    ? 
_refine.ls_goodness_of_fit_ref                   ? 
_refine.ls_shift_over_su_max                     ? 
_refine.ls_shift_over_su_max_lt                  ? 
_refine.ls_shift_over_su_mean                    ? 
_refine.ls_shift_over_su_mean_lt                 ? 
_refine.pdbx_ls_sigma_I                          ? 
_refine.pdbx_ls_sigma_F                          0.000 
_refine.pdbx_ls_sigma_Fsqd                       ? 
_refine.pdbx_data_cutoff_high_absF               ? 
_refine.pdbx_data_cutoff_high_rms_absF           ? 
_refine.pdbx_data_cutoff_low_absF                ? 
_refine.pdbx_isotropic_thermal_model             ? 
_refine.pdbx_ls_cross_valid_method               THROUGHOUT 
_refine.pdbx_method_to_determine_struct          'MOLECULAR REPLACEMENT' 
_refine.pdbx_starting_model                      Apo-BRD4_BD2 
_refine.pdbx_stereochemistry_target_values       ? 
_refine.pdbx_R_Free_selection_details            RANDOM 
_refine.pdbx_stereochem_target_val_spec_case     ? 
_refine.pdbx_overall_ESU_R                       ? 
_refine.pdbx_overall_ESU_R_Free                  ? 
_refine.pdbx_solvent_vdw_probe_radii             ? 
_refine.pdbx_solvent_ion_probe_radii             ? 
_refine.pdbx_solvent_shrinkage_radii             ? 
_refine.pdbx_real_space_R                        ? 
_refine.pdbx_density_correlation                 ? 
_refine.pdbx_pd_number_of_powder_patterns        ? 
_refine.pdbx_pd_number_of_points                 ? 
_refine.pdbx_pd_meas_number_of_points            ? 
_refine.pdbx_pd_proc_ls_prof_R_factor            ? 
_refine.pdbx_pd_proc_ls_prof_wR_factor           ? 
_refine.pdbx_pd_Marquardt_correlation_coeff      ? 
_refine.pdbx_pd_Fsqrd_R_factor                   ? 
_refine.pdbx_pd_ls_matrix_band_width             ? 
_refine.pdbx_overall_phase_error                 ? 
_refine.pdbx_overall_SU_R_free_Cruickshank_DPI   0.0510 
_refine.pdbx_overall_SU_R_free_Blow_DPI          0.0570 
_refine.pdbx_overall_SU_R_Blow_DPI               0.0560 
_refine.pdbx_TLS_residual_ADP_flag               ? 
_refine.pdbx_diffrn_id                           1 
_refine.overall_SU_B                             ? 
_refine.overall_SU_ML                            ? 
_refine.overall_SU_R_Cruickshank_DPI             0.0490 
_refine.overall_SU_R_free                        ? 
_refine.overall_FOM_free_R_set                   ? 
_refine.overall_FOM_work_R_set                   ? 
_refine.pdbx_average_fsc_overall                 ? 
_refine.pdbx_average_fsc_work                    ? 
_refine.pdbx_average_fsc_free                    ? 
# 
_refine_analyze.entry_id                        5UF0 
_refine_analyze.pdbx_refine_id                  'X-RAY DIFFRACTION' 
_refine_analyze.Luzzati_coordinate_error_free   ? 
_refine_analyze.Luzzati_coordinate_error_obs    0.170 
_refine_analyze.Luzzati_d_res_low_free          ? 
_refine_analyze.Luzzati_d_res_low_obs           ? 
_refine_analyze.Luzzati_sigma_a_free            ? 
_refine_analyze.Luzzati_sigma_a_free_details    ? 
_refine_analyze.Luzzati_sigma_a_obs             ? 
_refine_analyze.Luzzati_sigma_a_obs_details     ? 
_refine_analyze.number_disordered_residues      ? 
_refine_analyze.occupancy_sum_hydrogen          ? 
_refine_analyze.occupancy_sum_non_hydrogen      ? 
_refine_analyze.RG_d_res_high                   ? 
_refine_analyze.RG_d_res_low                    ? 
_refine_analyze.RG_free                         ? 
_refine_analyze.RG_work                         ? 
_refine_analyze.RG_free_work_ratio              ? 
_refine_analyze.pdbx_Luzzati_d_res_high_obs     ? 
# 
_refine_hist.cycle_id                         final 
_refine_hist.pdbx_refine_id                   'X-RAY DIFFRACTION' 
_refine_hist.d_res_high                       1.3500 
_refine_hist.d_res_low                        36.5100 
_refine_hist.pdbx_number_atoms_ligand         16 
_refine_hist.number_atoms_solvent             196 
_refine_hist.number_atoms_total               1098 
_refine_hist.pdbx_number_residues_total       108 
_refine_hist.pdbx_B_iso_mean_ligand           21.63 
_refine_hist.pdbx_B_iso_mean_solvent          39.52 
_refine_hist.pdbx_number_atoms_protein        886 
_refine_hist.pdbx_number_atoms_nucleic_acid   0 
# 
loop_
_refine_ls_restr.pdbx_refine_id 
_refine_ls_restr.criterion 
_refine_ls_restr.dev_ideal 
_refine_ls_restr.dev_ideal_target 
_refine_ls_restr.number 
_refine_ls_restr.rejects 
_refine_ls_restr.type 
_refine_ls_restr.weight 
_refine_ls_restr.pdbx_restraint_function 
'X-RAY DIFFRACTION' ? ?      ? 333  ? t_dihedral_angle_d        2.000  SINUSOIDAL   
'X-RAY DIFFRACTION' ? ?      ? 21   ? t_trig_c_planes           2.000  HARMONIC     
'X-RAY DIFFRACTION' ? ?      ? 138  ? t_gen_planes              5.000  HARMONIC     
'X-RAY DIFFRACTION' ? ?      ? 931  ? t_it                      20.000 HARMONIC     
'X-RAY DIFFRACTION' ? ?      ? ?    ? t_nbd                     ?      ?            
'X-RAY DIFFRACTION' ? ?      ? ?    ? t_improper_torsion        ?      ?            
'X-RAY DIFFRACTION' ? ?      ? ?    ? t_pseud_angle             ?      ?            
'X-RAY DIFFRACTION' ? ?      ? 110  ? t_chiral_improper_torsion 5.000  SEMIHARMONIC 
'X-RAY DIFFRACTION' ? ?      ? ?    ? t_sum_occupancies         ?      ?            
'X-RAY DIFFRACTION' ? ?      ? ?    ? t_utility_distance        ?      ?            
'X-RAY DIFFRACTION' ? ?      ? ?    ? t_utility_angle           ?      ?            
'X-RAY DIFFRACTION' ? ?      ? ?    ? t_utility_torsion         ?      ?            
'X-RAY DIFFRACTION' ? ?      ? 1226 ? t_ideal_dist_contact      4.000  SEMIHARMONIC 
'X-RAY DIFFRACTION' ? 0.010  ? 931  ? t_bond_d                  2.000  HARMONIC     
'X-RAY DIFFRACTION' ? 0.960  ? 1247 ? t_angle_deg               2.000  HARMONIC     
'X-RAY DIFFRACTION' ? 3.400  ? ?    ? t_omega_torsion           ?      ?            
'X-RAY DIFFRACTION' ? 16.120 ? ?    ? t_other_torsion           ?      ?            
# 
_refine_ls_shell.pdbx_refine_id                   'X-RAY DIFFRACTION' 
_refine_ls_shell.d_res_high                       1.3500 
_refine_ls_shell.d_res_low                        1.3900 
_refine_ls_shell.number_reflns_all                2358 
_refine_ls_shell.number_reflns_obs                ? 
_refine_ls_shell.number_reflns_R_free             126 
_refine_ls_shell.number_reflns_R_work             2232 
_refine_ls_shell.percent_reflns_obs               82.6600 
_refine_ls_shell.percent_reflns_R_free            5.3400 
_refine_ls_shell.R_factor_all                     ? 
_refine_ls_shell.R_factor_obs                     ? 
_refine_ls_shell.R_factor_R_free                  0.2510 
_refine_ls_shell.R_factor_R_free_error            ? 
_refine_ls_shell.R_factor_R_work                  0.2270 
_refine_ls_shell.redundancy_reflns_all            ? 
_refine_ls_shell.redundancy_reflns_obs            ? 
_refine_ls_shell.wR_factor_all                    ? 
_refine_ls_shell.wR_factor_obs                    ? 
_refine_ls_shell.wR_factor_R_free                 ? 
_refine_ls_shell.wR_factor_R_work                 ? 
_refine_ls_shell.pdbx_total_number_of_bins_used   16 
_refine_ls_shell.pdbx_phase_error                 ? 
_refine_ls_shell.pdbx_fsc_work                    ? 
_refine_ls_shell.pdbx_fsc_free                    ? 
# 
_struct.entry_id                     5UF0 
_struct.title                        BRD4_BD2-A-35165 
_struct.pdbx_model_details           ? 
_struct.pdbx_formula_weight          ? 
_struct.pdbx_formula_weight_method   ? 
_struct.pdbx_model_type_details      ? 
_struct.pdbx_CASP_flag               N 
# 
_struct_keywords.entry_id        5UF0 
_struct_keywords.text            'Helix bundle, SIGNALING PROTEIN-INHIBITOR complex' 
_struct_keywords.pdbx_keywords   'SIGNALING PROTEIN/INHIBITOR' 
# 
loop_
_struct_asym.id 
_struct_asym.pdbx_blank_PDB_chainid_flag 
_struct_asym.pdbx_modified 
_struct_asym.entity_id 
_struct_asym.details 
A N N 1 ? 
B N N 2 ? 
C N N 3 ? 
# 
_struct_ref.id                         1 
_struct_ref.db_name                    UNP 
_struct_ref.db_code                    BRD4_HUMAN 
_struct_ref.pdbx_db_accession          O60885 
_struct_ref.pdbx_db_isoform            ? 
_struct_ref.entity_id                  1 
_struct_ref.pdbx_seq_one_letter_code   
;EQLKCCSGILKEMFAKKHAAYAWPFYKPVDVEALGLHDYCDIIKHPMDMSTIKSKLEAREYRDAQEFGADVRLMFSNCYK
YNPPDHEVVAMARKLQDVFEMRFAKM
;
_struct_ref.pdbx_align_begin           352 
# 
_struct_ref_seq.align_id                      1 
_struct_ref_seq.ref_id                        1 
_struct_ref_seq.pdbx_PDB_id_code              5UF0 
_struct_ref_seq.pdbx_strand_id                A 
_struct_ref_seq.seq_align_beg                 4 
_struct_ref_seq.pdbx_seq_align_beg_ins_code   ? 
_struct_ref_seq.seq_align_end                 109 
_struct_ref_seq.pdbx_seq_align_end_ins_code   ? 
_struct_ref_seq.pdbx_db_accession             O60885 
_struct_ref_seq.db_align_beg                  352 
_struct_ref_seq.pdbx_db_align_beg_ins_code    ? 
_struct_ref_seq.db_align_end                  457 
_struct_ref_seq.pdbx_db_align_end_ins_code    ? 
_struct_ref_seq.pdbx_auth_seq_align_beg       352 
_struct_ref_seq.pdbx_auth_seq_align_end       457 
# 
loop_
_struct_ref_seq_dif.align_id 
_struct_ref_seq_dif.pdbx_pdb_id_code 
_struct_ref_seq_dif.mon_id 
_struct_ref_seq_dif.pdbx_pdb_strand_id 
_struct_ref_seq_dif.seq_num 
_struct_ref_seq_dif.pdbx_pdb_ins_code 
_struct_ref_seq_dif.pdbx_seq_db_name 
_struct_ref_seq_dif.pdbx_seq_db_accession_code 
_struct_ref_seq_dif.db_mon_id 
_struct_ref_seq_dif.pdbx_seq_db_seq_num 
_struct_ref_seq_dif.details 
_struct_ref_seq_dif.pdbx_auth_seq_num 
_struct_ref_seq_dif.pdbx_ordinal 
1 5UF0 SER A 1 ? UNP O60885 ? ? 'expression tag' 349 1 
1 5UF0 HIS A 2 ? UNP O60885 ? ? 'expression tag' 350 2 
1 5UF0 MET A 3 ? UNP O60885 ? ? 'expression tag' 351 3 
# 
_pdbx_struct_assembly.id                   1 
_pdbx_struct_assembly.details              author_and_software_defined_assembly 
_pdbx_struct_assembly.method_details       PISA 
_pdbx_struct_assembly.oligomeric_details   monomeric 
_pdbx_struct_assembly.oligomeric_count     1 
# 
loop_
_pdbx_struct_assembly_prop.biol_id 
_pdbx_struct_assembly_prop.type 
_pdbx_struct_assembly_prop.value 
_pdbx_struct_assembly_prop.details 
1 'ABSA (A^2)' 0    ? 
1 MORE         0    ? 
1 'SSA (A^2)'  6890 ? 
# 
_pdbx_struct_assembly_gen.assembly_id       1 
_pdbx_struct_assembly_gen.oper_expression   1 
_pdbx_struct_assembly_gen.asym_id_list      A,B,C 
# 
_pdbx_struct_oper_list.id                   1 
_pdbx_struct_oper_list.type                 'identity operation' 
_pdbx_struct_oper_list.name                 1_555 
_pdbx_struct_oper_list.symmetry_operation   x,y,z 
_pdbx_struct_oper_list.matrix[1][1]         1.0000000000 
_pdbx_struct_oper_list.matrix[1][2]         0.0000000000 
_pdbx_struct_oper_list.matrix[1][3]         0.0000000000 
_pdbx_struct_oper_list.vector[1]            0.0000000000 
_pdbx_struct_oper_list.matrix[2][1]         0.0000000000 
_pdbx_struct_oper_list.matrix[2][2]         1.0000000000 
_pdbx_struct_oper_list.matrix[2][3]         0.0000000000 
_pdbx_struct_oper_list.vector[2]            0.0000000000 
_pdbx_struct_oper_list.matrix[3][1]         0.0000000000 
_pdbx_struct_oper_list.matrix[3][2]         0.0000000000 
_pdbx_struct_oper_list.matrix[3][3]         1.0000000000 
_pdbx_struct_oper_list.vector[3]            0.0000000000 
# 
loop_
_struct_conf.conf_type_id 
_struct_conf.id 
_struct_conf.pdbx_PDB_helix_id 
_struct_conf.beg_label_comp_id 
_struct_conf.beg_label_asym_id 
_struct_conf.beg_label_seq_id 
_struct_conf.pdbx_beg_PDB_ins_code 
_struct_conf.end_label_comp_id 
_struct_conf.end_label_asym_id 
_struct_conf.end_label_seq_id 
_struct_conf.pdbx_end_PDB_ins_code 
_struct_conf.beg_auth_comp_id 
_struct_conf.beg_auth_asym_id 
_struct_conf.beg_auth_seq_id 
_struct_conf.end_auth_comp_id 
_struct_conf.end_auth_asym_id 
_struct_conf.end_auth_seq_id 
_struct_conf.pdbx_PDB_helix_class 
_struct_conf.details 
_struct_conf.pdbx_PDB_helix_length 
HELX_P HELX_P1 AA1 HIS A 2  ? PHE A 17  ? HIS A 350 PHE A 365 1 ? 16 
HELX_P HELX_P2 AA2 ALA A 18 ? LYS A 20  ? ALA A 366 LYS A 368 5 ? 3  
HELX_P HELX_P3 AA3 HIS A 21 ? TRP A 26  ? HIS A 369 TRP A 374 1 ? 6  
HELX_P HELX_P4 AA4 PRO A 27 ? TYR A 29  ? PRO A 375 TYR A 377 5 ? 3  
HELX_P HELX_P5 AA5 ASP A 41 ? ILE A 46  ? ASP A 389 ILE A 394 1 ? 6  
HELX_P HELX_P6 AA6 ASP A 51 ? ALA A 61  ? ASP A 399 ALA A 409 1 ? 11 
HELX_P HELX_P7 AA7 ASP A 66 ? ASN A 85  ? ASP A 414 ASN A 433 1 ? 20 
HELX_P HELX_P8 AA8 HIS A 89 ? MET A 109 ? HIS A 437 MET A 457 1 ? 21 
# 
_struct_conf_type.id          HELX_P 
_struct_conf_type.criteria    ? 
_struct_conf_type.reference   ? 
# 
_struct_site.id                   AC1 
_struct_site.pdbx_evidence_code   Software 
_struct_site.pdbx_auth_asym_id    A 
_struct_site.pdbx_auth_comp_id    89J 
_struct_site.pdbx_auth_seq_id     501 
_struct_site.pdbx_auth_ins_code   ? 
_struct_site.pdbx_num_residues    6 
_struct_site.details              'binding site for residue 89J A 501' 
# 
loop_
_struct_site_gen.id 
_struct_site_gen.site_id 
_struct_site_gen.pdbx_num_res 
_struct_site_gen.label_comp_id 
_struct_site_gen.label_asym_id 
_struct_site_gen.label_seq_id 
_struct_site_gen.pdbx_auth_ins_code 
_struct_site_gen.auth_comp_id 
_struct_site_gen.auth_asym_id 
_struct_site_gen.auth_seq_id 
_struct_site_gen.label_atom_id 
_struct_site_gen.label_alt_id 
_struct_site_gen.symmetry 
_struct_site_gen.details 
1 AC1 6 VAL A 32 ? VAL A 380 . ? 1_555 ? 
2 AC1 6 CYS A 81 ? CYS A 429 . ? 1_555 ? 
3 AC1 6 ASN A 85 ? ASN A 433 . ? 1_555 ? 
4 AC1 6 HOH C .  ? HOH A 601 . ? 1_555 ? 
5 AC1 6 HOH C .  ? HOH A 644 . ? 1_555 ? 
6 AC1 6 HOH C .  ? HOH A 714 . ? 1_555 ? 
# 
loop_
_pdbx_distant_solvent_atoms.id 
_pdbx_distant_solvent_atoms.PDB_model_num 
_pdbx_distant_solvent_atoms.auth_atom_id 
_pdbx_distant_solvent_atoms.label_alt_id 
_pdbx_distant_solvent_atoms.auth_asym_id 
_pdbx_distant_solvent_atoms.auth_comp_id 
_pdbx_distant_solvent_atoms.auth_seq_id 
_pdbx_distant_solvent_atoms.PDB_ins_code 
_pdbx_distant_solvent_atoms.neighbor_macromolecule_distance 
_pdbx_distant_solvent_atoms.neighbor_ligand_distance 
1 1 O ? A HOH 795 ? 6.22 . 
2 1 O ? A HOH 796 ? 7.17 . 
# 
_pdbx_unobs_or_zero_occ_residues.id               1 
_pdbx_unobs_or_zero_occ_residues.PDB_model_num    1 
_pdbx_unobs_or_zero_occ_residues.polymer_flag     Y 
_pdbx_unobs_or_zero_occ_residues.occupancy_flag   1 
_pdbx_unobs_or_zero_occ_residues.auth_asym_id     A 
_pdbx_unobs_or_zero_occ_residues.auth_comp_id     SER 
_pdbx_unobs_or_zero_occ_residues.auth_seq_id      349 
_pdbx_unobs_or_zero_occ_residues.PDB_ins_code     ? 
_pdbx_unobs_or_zero_occ_residues.label_asym_id    A 
_pdbx_unobs_or_zero_occ_residues.label_comp_id    SER 
_pdbx_unobs_or_zero_occ_residues.label_seq_id     1 
# 
loop_
_chem_comp_atom.comp_id 
_chem_comp_atom.atom_id 
_chem_comp_atom.type_symbol 
_chem_comp_atom.pdbx_aromatic_flag 
_chem_comp_atom.pdbx_stereo_config 
_chem_comp_atom.pdbx_ordinal 
89J C4   C Y N 1   
89J C5   C Y N 2   
89J C6   C Y N 3   
89J C7   C N N 4   
89J C8   C N N 5   
89J C10  C N N 6   
89J C1   C Y N 7   
89J C2   C Y N 8   
89J C3   C Y N 9   
89J C9   C N N 10  
89J C11  C N N 11  
89J C12  C N N 12  
89J N13  N N N 13  
89J N14  N N N 14  
89J N15  N N N 15  
89J O16  O N N 16  
89J H1   H N N 17  
89J H2   H N N 18  
89J H3   H N N 19  
89J H4   H N N 20  
89J H5   H N N 21  
89J H6   H N N 22  
89J H7   H N N 23  
89J H8   H N N 24  
89J H9   H N N 25  
89J H10  H N N 26  
89J H11  H N N 27  
89J H12  H N N 28  
89J H13  H N N 29  
ALA N    N N N 30  
ALA CA   C N S 31  
ALA C    C N N 32  
ALA O    O N N 33  
ALA CB   C N N 34  
ALA OXT  O N N 35  
ALA H    H N N 36  
ALA H2   H N N 37  
ALA HA   H N N 38  
ALA HB1  H N N 39  
ALA HB2  H N N 40  
ALA HB3  H N N 41  
ALA HXT  H N N 42  
ARG N    N N N 43  
ARG CA   C N S 44  
ARG C    C N N 45  
ARG O    O N N 46  
ARG CB   C N N 47  
ARG CG   C N N 48  
ARG CD   C N N 49  
ARG NE   N N N 50  
ARG CZ   C N N 51  
ARG NH1  N N N 52  
ARG NH2  N N N 53  
ARG OXT  O N N 54  
ARG H    H N N 55  
ARG H2   H N N 56  
ARG HA   H N N 57  
ARG HB2  H N N 58  
ARG HB3  H N N 59  
ARG HG2  H N N 60  
ARG HG3  H N N 61  
ARG HD2  H N N 62  
ARG HD3  H N N 63  
ARG HE   H N N 64  
ARG HH11 H N N 65  
ARG HH12 H N N 66  
ARG HH21 H N N 67  
ARG HH22 H N N 68  
ARG HXT  H N N 69  
ASN N    N N N 70  
ASN CA   C N S 71  
ASN C    C N N 72  
ASN O    O N N 73  
ASN CB   C N N 74  
ASN CG   C N N 75  
ASN OD1  O N N 76  
ASN ND2  N N N 77  
ASN OXT  O N N 78  
ASN H    H N N 79  
ASN H2   H N N 80  
ASN HA   H N N 81  
ASN HB2  H N N 82  
ASN HB3  H N N 83  
ASN HD21 H N N 84  
ASN HD22 H N N 85  
ASN HXT  H N N 86  
ASP N    N N N 87  
ASP CA   C N S 88  
ASP C    C N N 89  
ASP O    O N N 90  
ASP CB   C N N 91  
ASP CG   C N N 92  
ASP OD1  O N N 93  
ASP OD2  O N N 94  
ASP OXT  O N N 95  
ASP H    H N N 96  
ASP H2   H N N 97  
ASP HA   H N N 98  
ASP HB2  H N N 99  
ASP HB3  H N N 100 
ASP HD2  H N N 101 
ASP HXT  H N N 102 
CYS N    N N N 103 
CYS CA   C N R 104 
CYS C    C N N 105 
CYS O    O N N 106 
CYS CB   C N N 107 
CYS SG   S N N 108 
CYS OXT  O N N 109 
CYS H    H N N 110 
CYS H2   H N N 111 
CYS HA   H N N 112 
CYS HB2  H N N 113 
CYS HB3  H N N 114 
CYS HG   H N N 115 
CYS HXT  H N N 116 
GLN N    N N N 117 
GLN CA   C N S 118 
GLN C    C N N 119 
GLN O    O N N 120 
GLN CB   C N N 121 
GLN CG   C N N 122 
GLN CD   C N N 123 
GLN OE1  O N N 124 
GLN NE2  N N N 125 
GLN OXT  O N N 126 
GLN H    H N N 127 
GLN H2   H N N 128 
GLN HA   H N N 129 
GLN HB2  H N N 130 
GLN HB3  H N N 131 
GLN HG2  H N N 132 
GLN HG3  H N N 133 
GLN HE21 H N N 134 
GLN HE22 H N N 135 
GLN HXT  H N N 136 
GLU N    N N N 137 
GLU CA   C N S 138 
GLU C    C N N 139 
GLU O    O N N 140 
GLU CB   C N N 141 
GLU CG   C N N 142 
GLU CD   C N N 143 
GLU OE1  O N N 144 
GLU OE2  O N N 145 
GLU OXT  O N N 146 
GLU H    H N N 147 
GLU H2   H N N 148 
GLU HA   H N N 149 
GLU HB2  H N N 150 
GLU HB3  H N N 151 
GLU HG2  H N N 152 
GLU HG3  H N N 153 
GLU HE2  H N N 154 
GLU HXT  H N N 155 
GLY N    N N N 156 
GLY CA   C N N 157 
GLY C    C N N 158 
GLY O    O N N 159 
GLY OXT  O N N 160 
GLY H    H N N 161 
GLY H2   H N N 162 
GLY HA2  H N N 163 
GLY HA3  H N N 164 
GLY HXT  H N N 165 
HIS N    N N N 166 
HIS CA   C N S 167 
HIS C    C N N 168 
HIS O    O N N 169 
HIS CB   C N N 170 
HIS CG   C Y N 171 
HIS ND1  N Y N 172 
HIS CD2  C Y N 173 
HIS CE1  C Y N 174 
HIS NE2  N Y N 175 
HIS OXT  O N N 176 
HIS H    H N N 177 
HIS H2   H N N 178 
HIS HA   H N N 179 
HIS HB2  H N N 180 
HIS HB3  H N N 181 
HIS HD1  H N N 182 
HIS HD2  H N N 183 
HIS HE1  H N N 184 
HIS HE2  H N N 185 
HIS HXT  H N N 186 
HOH O    O N N 187 
HOH H1   H N N 188 
HOH H2   H N N 189 
ILE N    N N N 190 
ILE CA   C N S 191 
ILE C    C N N 192 
ILE O    O N N 193 
ILE CB   C N S 194 
ILE CG1  C N N 195 
ILE CG2  C N N 196 
ILE CD1  C N N 197 
ILE OXT  O N N 198 
ILE H    H N N 199 
ILE H2   H N N 200 
ILE HA   H N N 201 
ILE HB   H N N 202 
ILE HG12 H N N 203 
ILE HG13 H N N 204 
ILE HG21 H N N 205 
ILE HG22 H N N 206 
ILE HG23 H N N 207 
ILE HD11 H N N 208 
ILE HD12 H N N 209 
ILE HD13 H N N 210 
ILE HXT  H N N 211 
LEU N    N N N 212 
LEU CA   C N S 213 
LEU C    C N N 214 
LEU O    O N N 215 
LEU CB   C N N 216 
LEU CG   C N N 217 
LEU CD1  C N N 218 
LEU CD2  C N N 219 
LEU OXT  O N N 220 
LEU H    H N N 221 
LEU H2   H N N 222 
LEU HA   H N N 223 
LEU HB2  H N N 224 
LEU HB3  H N N 225 
LEU HG   H N N 226 
LEU HD11 H N N 227 
LEU HD12 H N N 228 
LEU HD13 H N N 229 
LEU HD21 H N N 230 
LEU HD22 H N N 231 
LEU HD23 H N N 232 
LEU HXT  H N N 233 
LYS N    N N N 234 
LYS CA   C N S 235 
LYS C    C N N 236 
LYS O    O N N 237 
LYS CB   C N N 238 
LYS CG   C N N 239 
LYS CD   C N N 240 
LYS CE   C N N 241 
LYS NZ   N N N 242 
LYS OXT  O N N 243 
LYS H    H N N 244 
LYS H2   H N N 245 
LYS HA   H N N 246 
LYS HB2  H N N 247 
LYS HB3  H N N 248 
LYS HG2  H N N 249 
LYS HG3  H N N 250 
LYS HD2  H N N 251 
LYS HD3  H N N 252 
LYS HE2  H N N 253 
LYS HE3  H N N 254 
LYS HZ1  H N N 255 
LYS HZ2  H N N 256 
LYS HZ3  H N N 257 
LYS HXT  H N N 258 
MET N    N N N 259 
MET CA   C N S 260 
MET C    C N N 261 
MET O    O N N 262 
MET CB   C N N 263 
MET CG   C N N 264 
MET SD   S N N 265 
MET CE   C N N 266 
MET OXT  O N N 267 
MET H    H N N 268 
MET H2   H N N 269 
MET HA   H N N 270 
MET HB2  H N N 271 
MET HB3  H N N 272 
MET HG2  H N N 273 
MET HG3  H N N 274 
MET HE1  H N N 275 
MET HE2  H N N 276 
MET HE3  H N N 277 
MET HXT  H N N 278 
PHE N    N N N 279 
PHE CA   C N S 280 
PHE C    C N N 281 
PHE O    O N N 282 
PHE CB   C N N 283 
PHE CG   C Y N 284 
PHE CD1  C Y N 285 
PHE CD2  C Y N 286 
PHE CE1  C Y N 287 
PHE CE2  C Y N 288 
PHE CZ   C Y N 289 
PHE OXT  O N N 290 
PHE H    H N N 291 
PHE H2   H N N 292 
PHE HA   H N N 293 
PHE HB2  H N N 294 
PHE HB3  H N N 295 
PHE HD1  H N N 296 
PHE HD2  H N N 297 
PHE HE1  H N N 298 
PHE HE2  H N N 299 
PHE HZ   H N N 300 
PHE HXT  H N N 301 
PRO N    N N N 302 
PRO CA   C N S 303 
PRO C    C N N 304 
PRO O    O N N 305 
PRO CB   C N N 306 
PRO CG   C N N 307 
PRO CD   C N N 308 
PRO OXT  O N N 309 
PRO H    H N N 310 
PRO HA   H N N 311 
PRO HB2  H N N 312 
PRO HB3  H N N 313 
PRO HG2  H N N 314 
PRO HG3  H N N 315 
PRO HD2  H N N 316 
PRO HD3  H N N 317 
PRO HXT  H N N 318 
SER N    N N N 319 
SER CA   C N S 320 
SER C    C N N 321 
SER O    O N N 322 
SER CB   C N N 323 
SER OG   O N N 324 
SER OXT  O N N 325 
SER H    H N N 326 
SER H2   H N N 327 
SER HA   H N N 328 
SER HB2  H N N 329 
SER HB3  H N N 330 
SER HG   H N N 331 
SER HXT  H N N 332 
THR N    N N N 333 
THR CA   C N S 334 
THR C    C N N 335 
THR O    O N N 336 
THR CB   C N R 337 
THR OG1  O N N 338 
THR CG2  C N N 339 
THR OXT  O N N 340 
THR H    H N N 341 
THR H2   H N N 342 
THR HA   H N N 343 
THR HB   H N N 344 
THR HG1  H N N 345 
THR HG21 H N N 346 
THR HG22 H N N 347 
THR HG23 H N N 348 
THR HXT  H N N 349 
TRP N    N N N 350 
TRP CA   C N S 351 
TRP C    C N N 352 
TRP O    O N N 353 
TRP CB   C N N 354 
TRP CG   C Y N 355 
TRP CD1  C Y N 356 
TRP CD2  C Y N 357 
TRP NE1  N Y N 358 
TRP CE2  C Y N 359 
TRP CE3  C Y N 360 
TRP CZ2  C Y N 361 
TRP CZ3  C Y N 362 
TRP CH2  C Y N 363 
TRP OXT  O N N 364 
TRP H    H N N 365 
TRP H2   H N N 366 
TRP HA   H N N 367 
TRP HB2  H N N 368 
TRP HB3  H N N 369 
TRP HD1  H N N 370 
TRP HE1  H N N 371 
TRP HE3  H N N 372 
TRP HZ2  H N N 373 
TRP HZ3  H N N 374 
TRP HH2  H N N 375 
TRP HXT  H N N 376 
TYR N    N N N 377 
TYR CA   C N S 378 
TYR C    C N N 379 
TYR O    O N N 380 
TYR CB   C N N 381 
TYR CG   C Y N 382 
TYR CD1  C Y N 383 
TYR CD2  C Y N 384 
TYR CE1  C Y N 385 
TYR CE2  C Y N 386 
TYR CZ   C Y N 387 
TYR OH   O N N 388 
TYR OXT  O N N 389 
TYR H    H N N 390 
TYR H2   H N N 391 
TYR HA   H N N 392 
TYR HB2  H N N 393 
TYR HB3  H N N 394 
TYR HD1  H N N 395 
TYR HD2  H N N 396 
TYR HE1  H N N 397 
TYR HE2  H N N 398 
TYR HH   H N N 399 
TYR HXT  H N N 400 
VAL N    N N N 401 
VAL CA   C N S 402 
VAL C    C N N 403 
VAL O    O N N 404 
VAL CB   C N N 405 
VAL CG1  C N N 406 
VAL CG2  C N N 407 
VAL OXT  O N N 408 
VAL H    H N N 409 
VAL H2   H N N 410 
VAL HA   H N N 411 
VAL HB   H N N 412 
VAL HG11 H N N 413 
VAL HG12 H N N 414 
VAL HG13 H N N 415 
VAL HG21 H N N 416 
VAL HG22 H N N 417 
VAL HG23 H N N 418 
VAL HXT  H N N 419 
# 
loop_
_chem_comp_bond.comp_id 
_chem_comp_bond.atom_id_1 
_chem_comp_bond.atom_id_2 
_chem_comp_bond.value_order 
_chem_comp_bond.pdbx_aromatic_flag 
_chem_comp_bond.pdbx_stereo_config 
_chem_comp_bond.pdbx_ordinal 
89J C11 N14  sing N N 1   
89J O16 C10  doub N N 2   
89J N14 C10  sing N N 3   
89J N14 N13  sing N N 4   
89J C10 C7   sing N N 5   
89J N13 C8   doub N N 6   
89J C7  C9   doub N N 7   
89J C5  C3   doub Y N 8   
89J C5  C6   sing Y N 9   
89J C8  C9   sing N N 10  
89J C8  C6   sing N N 11  
89J C9  N15  sing N N 12  
89J C3  C1   sing Y N 13  
89J C6  C4   doub Y N 14  
89J N15 C12  sing N N 15  
89J C1  C2   doub Y N 16  
89J C4  C2   sing Y N 17  
89J C4  H1   sing N N 18  
89J C5  H2   sing N N 19  
89J C7  H3   sing N N 20  
89J C1  H4   sing N N 21  
89J C2  H5   sing N N 22  
89J C3  H6   sing N N 23  
89J C11 H7   sing N N 24  
89J C11 H8   sing N N 25  
89J C11 H9   sing N N 26  
89J C12 H10  sing N N 27  
89J C12 H11  sing N N 28  
89J C12 H12  sing N N 29  
89J N15 H13  sing N N 30  
ALA N   CA   sing N N 31  
ALA N   H    sing N N 32  
ALA N   H2   sing N N 33  
ALA CA  C    sing N N 34  
ALA CA  CB   sing N N 35  
ALA CA  HA   sing N N 36  
ALA C   O    doub N N 37  
ALA C   OXT  sing N N 38  
ALA CB  HB1  sing N N 39  
ALA CB  HB2  sing N N 40  
ALA CB  HB3  sing N N 41  
ALA OXT HXT  sing N N 42  
ARG N   CA   sing N N 43  
ARG N   H    sing N N 44  
ARG N   H2   sing N N 45  
ARG CA  C    sing N N 46  
ARG CA  CB   sing N N 47  
ARG CA  HA   sing N N 48  
ARG C   O    doub N N 49  
ARG C   OXT  sing N N 50  
ARG CB  CG   sing N N 51  
ARG CB  HB2  sing N N 52  
ARG CB  HB3  sing N N 53  
ARG CG  CD   sing N N 54  
ARG CG  HG2  sing N N 55  
ARG CG  HG3  sing N N 56  
ARG CD  NE   sing N N 57  
ARG CD  HD2  sing N N 58  
ARG CD  HD3  sing N N 59  
ARG NE  CZ   sing N N 60  
ARG NE  HE   sing N N 61  
ARG CZ  NH1  sing N N 62  
ARG CZ  NH2  doub N N 63  
ARG NH1 HH11 sing N N 64  
ARG NH1 HH12 sing N N 65  
ARG NH2 HH21 sing N N 66  
ARG NH2 HH22 sing N N 67  
ARG OXT HXT  sing N N 68  
ASN N   CA   sing N N 69  
ASN N   H    sing N N 70  
ASN N   H2   sing N N 71  
ASN CA  C    sing N N 72  
ASN CA  CB   sing N N 73  
ASN CA  HA   sing N N 74  
ASN C   O    doub N N 75  
ASN C   OXT  sing N N 76  
ASN CB  CG   sing N N 77  
ASN CB  HB2  sing N N 78  
ASN CB  HB3  sing N N 79  
ASN CG  OD1  doub N N 80  
ASN CG  ND2  sing N N 81  
ASN ND2 HD21 sing N N 82  
ASN ND2 HD22 sing N N 83  
ASN OXT HXT  sing N N 84  
ASP N   CA   sing N N 85  
ASP N   H    sing N N 86  
ASP N   H2   sing N N 87  
ASP CA  C    sing N N 88  
ASP CA  CB   sing N N 89  
ASP CA  HA   sing N N 90  
ASP C   O    doub N N 91  
ASP C   OXT  sing N N 92  
ASP CB  CG   sing N N 93  
ASP CB  HB2  sing N N 94  
ASP CB  HB3  sing N N 95  
ASP CG  OD1  doub N N 96  
ASP CG  OD2  sing N N 97  
ASP OD2 HD2  sing N N 98  
ASP OXT HXT  sing N N 99  
CYS N   CA   sing N N 100 
CYS N   H    sing N N 101 
CYS N   H2   sing N N 102 
CYS CA  C    sing N N 103 
CYS CA  CB   sing N N 104 
CYS CA  HA   sing N N 105 
CYS C   O    doub N N 106 
CYS C   OXT  sing N N 107 
CYS CB  SG   sing N N 108 
CYS CB  HB2  sing N N 109 
CYS CB  HB3  sing N N 110 
CYS SG  HG   sing N N 111 
CYS OXT HXT  sing N N 112 
GLN N   CA   sing N N 113 
GLN N   H    sing N N 114 
GLN N   H2   sing N N 115 
GLN CA  C    sing N N 116 
GLN CA  CB   sing N N 117 
GLN CA  HA   sing N N 118 
GLN C   O    doub N N 119 
GLN C   OXT  sing N N 120 
GLN CB  CG   sing N N 121 
GLN CB  HB2  sing N N 122 
GLN CB  HB3  sing N N 123 
GLN CG  CD   sing N N 124 
GLN CG  HG2  sing N N 125 
GLN CG  HG3  sing N N 126 
GLN CD  OE1  doub N N 127 
GLN CD  NE2  sing N N 128 
GLN NE2 HE21 sing N N 129 
GLN NE2 HE22 sing N N 130 
GLN OXT HXT  sing N N 131 
GLU N   CA   sing N N 132 
GLU N   H    sing N N 133 
GLU N   H2   sing N N 134 
GLU CA  C    sing N N 135 
GLU CA  CB   sing N N 136 
GLU CA  HA   sing N N 137 
GLU C   O    doub N N 138 
GLU C   OXT  sing N N 139 
GLU CB  CG   sing N N 140 
GLU CB  HB2  sing N N 141 
GLU CB  HB3  sing N N 142 
GLU CG  CD   sing N N 143 
GLU CG  HG2  sing N N 144 
GLU CG  HG3  sing N N 145 
GLU CD  OE1  doub N N 146 
GLU CD  OE2  sing N N 147 
GLU OE2 HE2  sing N N 148 
GLU OXT HXT  sing N N 149 
GLY N   CA   sing N N 150 
GLY N   H    sing N N 151 
GLY N   H2   sing N N 152 
GLY CA  C    sing N N 153 
GLY CA  HA2  sing N N 154 
GLY CA  HA3  sing N N 155 
GLY C   O    doub N N 156 
GLY C   OXT  sing N N 157 
GLY OXT HXT  sing N N 158 
HIS N   CA   sing N N 159 
HIS N   H    sing N N 160 
HIS N   H2   sing N N 161 
HIS CA  C    sing N N 162 
HIS CA  CB   sing N N 163 
HIS CA  HA   sing N N 164 
HIS C   O    doub N N 165 
HIS C   OXT  sing N N 166 
HIS CB  CG   sing N N 167 
HIS CB  HB2  sing N N 168 
HIS CB  HB3  sing N N 169 
HIS CG  ND1  sing Y N 170 
HIS CG  CD2  doub Y N 171 
HIS ND1 CE1  doub Y N 172 
HIS ND1 HD1  sing N N 173 
HIS CD2 NE2  sing Y N 174 
HIS CD2 HD2  sing N N 175 
HIS CE1 NE2  sing Y N 176 
HIS CE1 HE1  sing N N 177 
HIS NE2 HE2  sing N N 178 
HIS OXT HXT  sing N N 179 
HOH O   H1   sing N N 180 
HOH O   H2   sing N N 181 
ILE N   CA   sing N N 182 
ILE N   H    sing N N 183 
ILE N   H2   sing N N 184 
ILE CA  C    sing N N 185 
ILE CA  CB   sing N N 186 
ILE CA  HA   sing N N 187 
ILE C   O    doub N N 188 
ILE C   OXT  sing N N 189 
ILE CB  CG1  sing N N 190 
ILE CB  CG2  sing N N 191 
ILE CB  HB   sing N N 192 
ILE CG1 CD1  sing N N 193 
ILE CG1 HG12 sing N N 194 
ILE CG1 HG13 sing N N 195 
ILE CG2 HG21 sing N N 196 
ILE CG2 HG22 sing N N 197 
ILE CG2 HG23 sing N N 198 
ILE CD1 HD11 sing N N 199 
ILE CD1 HD12 sing N N 200 
ILE CD1 HD13 sing N N 201 
ILE OXT HXT  sing N N 202 
LEU N   CA   sing N N 203 
LEU N   H    sing N N 204 
LEU N   H2   sing N N 205 
LEU CA  C    sing N N 206 
LEU CA  CB   sing N N 207 
LEU CA  HA   sing N N 208 
LEU C   O    doub N N 209 
LEU C   OXT  sing N N 210 
LEU CB  CG   sing N N 211 
LEU CB  HB2  sing N N 212 
LEU CB  HB3  sing N N 213 
LEU CG  CD1  sing N N 214 
LEU CG  CD2  sing N N 215 
LEU CG  HG   sing N N 216 
LEU CD1 HD11 sing N N 217 
LEU CD1 HD12 sing N N 218 
LEU CD1 HD13 sing N N 219 
LEU CD2 HD21 sing N N 220 
LEU CD2 HD22 sing N N 221 
LEU CD2 HD23 sing N N 222 
LEU OXT HXT  sing N N 223 
LYS N   CA   sing N N 224 
LYS N   H    sing N N 225 
LYS N   H2   sing N N 226 
LYS CA  C    sing N N 227 
LYS CA  CB   sing N N 228 
LYS CA  HA   sing N N 229 
LYS C   O    doub N N 230 
LYS C   OXT  sing N N 231 
LYS CB  CG   sing N N 232 
LYS CB  HB2  sing N N 233 
LYS CB  HB3  sing N N 234 
LYS CG  CD   sing N N 235 
LYS CG  HG2  sing N N 236 
LYS CG  HG3  sing N N 237 
LYS CD  CE   sing N N 238 
LYS CD  HD2  sing N N 239 
LYS CD  HD3  sing N N 240 
LYS CE  NZ   sing N N 241 
LYS CE  HE2  sing N N 242 
LYS CE  HE3  sing N N 243 
LYS NZ  HZ1  sing N N 244 
LYS NZ  HZ2  sing N N 245 
LYS NZ  HZ3  sing N N 246 
LYS OXT HXT  sing N N 247 
MET N   CA   sing N N 248 
MET N   H    sing N N 249 
MET N   H2   sing N N 250 
MET CA  C    sing N N 251 
MET CA  CB   sing N N 252 
MET CA  HA   sing N N 253 
MET C   O    doub N N 254 
MET C   OXT  sing N N 255 
MET CB  CG   sing N N 256 
MET CB  HB2  sing N N 257 
MET CB  HB3  sing N N 258 
MET CG  SD   sing N N 259 
MET CG  HG2  sing N N 260 
MET CG  HG3  sing N N 261 
MET SD  CE   sing N N 262 
MET CE  HE1  sing N N 263 
MET CE  HE2  sing N N 264 
MET CE  HE3  sing N N 265 
MET OXT HXT  sing N N 266 
PHE N   CA   sing N N 267 
PHE N   H    sing N N 268 
PHE N   H2   sing N N 269 
PHE CA  C    sing N N 270 
PHE CA  CB   sing N N 271 
PHE CA  HA   sing N N 272 
PHE C   O    doub N N 273 
PHE C   OXT  sing N N 274 
PHE CB  CG   sing N N 275 
PHE CB  HB2  sing N N 276 
PHE CB  HB3  sing N N 277 
PHE CG  CD1  doub Y N 278 
PHE CG  CD2  sing Y N 279 
PHE CD1 CE1  sing Y N 280 
PHE CD1 HD1  sing N N 281 
PHE CD2 CE2  doub Y N 282 
PHE CD2 HD2  sing N N 283 
PHE CE1 CZ   doub Y N 284 
PHE CE1 HE1  sing N N 285 
PHE CE2 CZ   sing Y N 286 
PHE CE2 HE2  sing N N 287 
PHE CZ  HZ   sing N N 288 
PHE OXT HXT  sing N N 289 
PRO N   CA   sing N N 290 
PRO N   CD   sing N N 291 
PRO N   H    sing N N 292 
PRO CA  C    sing N N 293 
PRO CA  CB   sing N N 294 
PRO CA  HA   sing N N 295 
PRO C   O    doub N N 296 
PRO C   OXT  sing N N 297 
PRO CB  CG   sing N N 298 
PRO CB  HB2  sing N N 299 
PRO CB  HB3  sing N N 300 
PRO CG  CD   sing N N 301 
PRO CG  HG2  sing N N 302 
PRO CG  HG3  sing N N 303 
PRO CD  HD2  sing N N 304 
PRO CD  HD3  sing N N 305 
PRO OXT HXT  sing N N 306 
SER N   CA   sing N N 307 
SER N   H    sing N N 308 
SER N   H2   sing N N 309 
SER CA  C    sing N N 310 
SER CA  CB   sing N N 311 
SER CA  HA   sing N N 312 
SER C   O    doub N N 313 
SER C   OXT  sing N N 314 
SER CB  OG   sing N N 315 
SER CB  HB2  sing N N 316 
SER CB  HB3  sing N N 317 
SER OG  HG   sing N N 318 
SER OXT HXT  sing N N 319 
THR N   CA   sing N N 320 
THR N   H    sing N N 321 
THR N   H2   sing N N 322 
THR CA  C    sing N N 323 
THR CA  CB   sing N N 324 
THR CA  HA   sing N N 325 
THR C   O    doub N N 326 
THR C   OXT  sing N N 327 
THR CB  OG1  sing N N 328 
THR CB  CG2  sing N N 329 
THR CB  HB   sing N N 330 
THR OG1 HG1  sing N N 331 
THR CG2 HG21 sing N N 332 
THR CG2 HG22 sing N N 333 
THR CG2 HG23 sing N N 334 
THR OXT HXT  sing N N 335 
TRP N   CA   sing N N 336 
TRP N   H    sing N N 337 
TRP N   H2   sing N N 338 
TRP CA  C    sing N N 339 
TRP CA  CB   sing N N 340 
TRP CA  HA   sing N N 341 
TRP C   O    doub N N 342 
TRP C   OXT  sing N N 343 
TRP CB  CG   sing N N 344 
TRP CB  HB2  sing N N 345 
TRP CB  HB3  sing N N 346 
TRP CG  CD1  doub Y N 347 
TRP CG  CD2  sing Y N 348 
TRP CD1 NE1  sing Y N 349 
TRP CD1 HD1  sing N N 350 
TRP CD2 CE2  doub Y N 351 
TRP CD2 CE3  sing Y N 352 
TRP NE1 CE2  sing Y N 353 
TRP NE1 HE1  sing N N 354 
TRP CE2 CZ2  sing Y N 355 
TRP CE3 CZ3  doub Y N 356 
TRP CE3 HE3  sing N N 357 
TRP CZ2 CH2  doub Y N 358 
TRP CZ2 HZ2  sing N N 359 
TRP CZ3 CH2  sing Y N 360 
TRP CZ3 HZ3  sing N N 361 
TRP CH2 HH2  sing N N 362 
TRP OXT HXT  sing N N 363 
TYR N   CA   sing N N 364 
TYR N   H    sing N N 365 
TYR N   H2   sing N N 366 
TYR CA  C    sing N N 367 
TYR CA  CB   sing N N 368 
TYR CA  HA   sing N N 369 
TYR C   O    doub N N 370 
TYR C   OXT  sing N N 371 
TYR CB  CG   sing N N 372 
TYR CB  HB2  sing N N 373 
TYR CB  HB3  sing N N 374 
TYR CG  CD1  doub Y N 375 
TYR CG  CD2  sing Y N 376 
TYR CD1 CE1  sing Y N 377 
TYR CD1 HD1  sing N N 378 
TYR CD2 CE2  doub Y N 379 
TYR CD2 HD2  sing N N 380 
TYR CE1 CZ   doub Y N 381 
TYR CE1 HE1  sing N N 382 
TYR CE2 CZ   sing Y N 383 
TYR CE2 HE2  sing N N 384 
TYR CZ  OH   sing N N 385 
TYR OH  HH   sing N N 386 
TYR OXT HXT  sing N N 387 
VAL N   CA   sing N N 388 
VAL N   H    sing N N 389 
VAL N   H2   sing N N 390 
VAL CA  C    sing N N 391 
VAL CA  CB   sing N N 392 
VAL CA  HA   sing N N 393 
VAL C   O    doub N N 394 
VAL C   OXT  sing N N 395 
VAL CB  CG1  sing N N 396 
VAL CB  CG2  sing N N 397 
VAL CB  HB   sing N N 398 
VAL CG1 HG11 sing N N 399 
VAL CG1 HG12 sing N N 400 
VAL CG1 HG13 sing N N 401 
VAL CG2 HG21 sing N N 402 
VAL CG2 HG22 sing N N 403 
VAL CG2 HG23 sing N N 404 
VAL OXT HXT  sing N N 405 
# 
_pdbx_initial_refinement_model.accession_code   ? 
_pdbx_initial_refinement_model.id               1 
_pdbx_initial_refinement_model.entity_id_list   ? 
_pdbx_initial_refinement_model.type             'experimental model' 
_pdbx_initial_refinement_model.source_name      Other 
_pdbx_initial_refinement_model.details          Apo-BRD4_BD2 
# 
_atom_sites.entry_id                    5UF0 
_atom_sites.fract_transf_matrix[1][1]   -0.00818974 
_atom_sites.fract_transf_matrix[1][2]   -0.01544217 
_atom_sites.fract_transf_matrix[1][3]   -0.00131652 
_atom_sites.fract_transf_matrix[2][1]   0.00723782 
_atom_sites.fract_transf_matrix[2][2]   -0.00287845 
_atom_sites.fract_transf_matrix[2][3]   -0.01126174 
_atom_sites.fract_transf_matrix[3][1]   0.02109579 
_atom_sites.fract_transf_matrix[3][2]   -0.01261900 
_atom_sites.fract_transf_matrix[3][3]   0.01678343 
_atom_sites.fract_transf_vector[1]      -0.188559 
_atom_sites.fract_transf_vector[2]      0.029828 
_atom_sites.fract_transf_vector[3]      -0.166869 
# 
loop_
_atom_type.symbol 
C 
N 
O 
S 
# 
loop_
_atom_site.group_PDB 
_atom_site.id 
_atom_site.type_symbol 
_atom_site.label_atom_id 
_atom_site.label_alt_id 
_atom_site.label_comp_id 
_atom_site.label_asym_id 
_atom_site.label_entity_id 
_atom_site.label_seq_id 
_atom_site.pdbx_PDB_ins_code 
_atom_site.Cartn_x 
_atom_site.Cartn_y 
_atom_site.Cartn_z 
_atom_site.occupancy 
_atom_site.B_iso_or_equiv 
_atom_site.pdbx_formal_charge 
_atom_site.auth_seq_id 
_atom_site.auth_comp_id 
_atom_site.auth_asym_id 
_atom_site.auth_atom_id 
_atom_site.pdbx_PDB_model_num 
ATOM   1    N N   . HIS A 1 2   ? -19.698 6.925   3.233   1.00 54.17 ? 350 HIS A N   1 
ATOM   2    C CA  . HIS A 1 2   ? -19.824 7.938   4.280   1.00 53.78 ? 350 HIS A CA  1 
ATOM   3    C C   . HIS A 1 2   ? -18.496 8.664   4.505   1.00 53.54 ? 350 HIS A C   1 
ATOM   4    O O   . HIS A 1 2   ? -17.433 8.125   4.175   1.00 52.56 ? 350 HIS A O   1 
ATOM   5    C CB  . HIS A 1 2   ? -20.250 7.276   5.608   1.00 55.35 ? 350 HIS A CB  1 
ATOM   6    C CG  . HIS A 1 2   ? -21.063 8.159   6.510   1.00 59.35 ? 350 HIS A CG  1 
ATOM   7    N ND1 . HIS A 1 2   ? -20.523 9.291   7.104   1.00 61.47 ? 350 HIS A ND1 1 
ATOM   8    C CD2 . HIS A 1 2   ? -22.345 8.022   6.920   1.00 61.43 ? 350 HIS A CD2 1 
ATOM   9    C CE1 . HIS A 1 2   ? -21.499 9.822   7.823   1.00 60.95 ? 350 HIS A CE1 1 
ATOM   10   N NE2 . HIS A 1 2   ? -22.614 9.092   7.747   1.00 61.35 ? 350 HIS A NE2 1 
ATOM   11   N N   . MET A 1 3   ? -18.568 9.873   5.109   1.00 47.74 ? 351 MET A N   1 
ATOM   12   C CA  . MET A 1 3   ? -17.425 10.683  5.529   1.00 46.52 ? 351 MET A CA  1 
ATOM   13   C C   . MET A 1 3   ? -16.679 9.888   6.609   1.00 43.98 ? 351 MET A C   1 
ATOM   14   O O   . MET A 1 3   ? -15.449 9.883   6.623   1.00 41.83 ? 351 MET A O   1 
ATOM   15   C CB  . MET A 1 3   ? -17.899 11.998  6.175   1.00 49.62 ? 351 MET A CB  1 
ATOM   16   C CG  . MET A 1 3   ? -18.168 13.124  5.208   1.00 54.37 ? 351 MET A CG  1 
ATOM   17   S SD  . MET A 1 3   ? -17.286 14.678  5.577   1.00 59.87 ? 351 MET A SD  1 
ATOM   18   C CE  . MET A 1 3   ? -17.663 14.901  7.344   1.00 56.21 ? 351 MET A CE  1 
ATOM   19   N N   . GLU A 1 4   ? -17.445 9.245   7.524   1.00 36.21 ? 352 GLU A N   1 
ATOM   20   C CA  . GLU A 1 4   ? -16.937 8.459   8.652   1.00 34.52 ? 352 GLU A CA  1 
ATOM   21   C C   . GLU A 1 4   ? -16.122 7.243   8.216   1.00 34.37 ? 352 GLU A C   1 
ATOM   22   O O   . GLU A 1 4   ? -15.074 6.984   8.808   1.00 32.24 ? 352 GLU A O   1 
ATOM   23   C CB  . GLU A 1 4   ? -18.073 8.056   9.610   1.00 36.15 ? 352 GLU A CB  1 
ATOM   24   C CG  . GLU A 1 4   ? -18.576 9.191   10.495  1.00 46.60 ? 352 GLU A CG  1 
ATOM   25   C CD  . GLU A 1 4   ? -17.543 9.835   11.404  1.00 68.47 ? 352 GLU A CD  1 
ATOM   26   O OE1 . GLU A 1 4   ? -16.854 9.099   12.149  1.00 61.54 ? 352 GLU A OE1 1 
ATOM   27   O OE2 . GLU A 1 4   ? -17.421 11.081  11.368  1.00 64.64 ? 352 GLU A OE2 1 
ATOM   28   N N   . GLN A 1 5   ? -16.594 6.512   7.179   1.00 29.76 ? 353 GLN A N   1 
ATOM   29   C CA  . GLN A 1 5   ? -15.916 5.350   6.599   1.00 28.31 ? 353 GLN A CA  1 
ATOM   30   C C   . GLN A 1 5   ? -14.552 5.816   6.062   1.00 27.34 ? 353 GLN A C   1 
ATOM   31   O O   . GLN A 1 5   ? -13.531 5.163   6.309   1.00 24.28 ? 353 GLN A O   1 
ATOM   32   C CB  . GLN A 1 5   ? -16.751 4.796   5.408   1.00 30.14 ? 353 GLN A CB  1 
ATOM   33   C CG  . GLN A 1 5   ? -16.922 3.284   5.406   1.00 44.55 ? 353 GLN A CG  1 
ATOM   34   C CD  . GLN A 1 5   ? -17.775 2.766   4.262   1.00 50.08 ? 353 GLN A CD  1 
ATOM   35   O OE1 . GLN A 1 5   ? -17.424 2.856   3.070   1.00 26.69 ? 353 GLN A OE1 1 
ATOM   36   N NE2 . GLN A 1 5   ? -18.887 2.126   4.605   1.00 52.21 ? 353 GLN A NE2 1 
ATOM   37   N N   . LEU A 1 6   ? -14.544 6.957   5.356   1.00 24.53 ? 354 LEU A N   1 
ATOM   38   C CA  . LEU A 1 6   ? -13.321 7.497   4.781   1.00 23.29 ? 354 LEU A CA  1 
ATOM   39   C C   . LEU A 1 6   ? -12.388 8.041   5.844   1.00 25.01 ? 354 LEU A C   1 
ATOM   40   O O   . LEU A 1 6   ? -11.171 7.953   5.685   1.00 21.59 ? 354 LEU A O   1 
ATOM   41   C CB  . LEU A 1 6   ? -13.616 8.519   3.677   1.00 23.34 ? 354 LEU A CB  1 
ATOM   42   C CG  . LEU A 1 6   ? -14.306 7.926   2.429   1.00 26.99 ? 354 LEU A CG  1 
ATOM   43   C CD1 . LEU A 1 6   ? -14.847 9.018   1.542   1.00 27.01 ? 354 LEU A CD1 1 
ATOM   44   C CD2 . LEU A 1 6   ? -13.376 6.983   1.649   1.00 27.89 ? 354 LEU A CD2 1 
ATOM   45   N N   . LYS A 1 7   ? -12.944 8.578   6.947   1.00 22.46 ? 355 LYS A N   1 
ATOM   46   C CA  . LYS A 1 7   ? -12.131 9.052   8.063   1.00 22.37 ? 355 LYS A CA  1 
ATOM   47   C C   . LYS A 1 7   ? -11.413 7.859   8.693   1.00 23.96 ? 355 LYS A C   1 
ATOM   48   O O   . LYS A 1 7   ? -10.241 7.971   9.069   1.00 22.59 ? 355 LYS A O   1 
ATOM   49   C CB  . LYS A 1 7   ? -12.995 9.750   9.121   1.00 27.56 ? 355 LYS A CB  1 
ATOM   50   C CG  . LYS A 1 7   ? -13.297 11.201  8.800   1.00 45.20 ? 355 LYS A CG  1 
ATOM   51   C CD  . LYS A 1 7   ? -13.909 11.900  10.013  1.00 61.25 ? 355 LYS A CD  1 
ATOM   52   C CE  . LYS A 1 7   ? -14.907 12.962  9.620   1.00 76.17 ? 355 LYS A CE  1 
ATOM   53   N NZ  . LYS A 1 7   ? -16.202 12.368  9.191   1.00 86.58 ? 355 LYS A NZ  1 
ATOM   54   N N   . CYS A 1 8   ? -12.102 6.716   8.783   1.00 22.92 ? 356 CYS A N   1 
ATOM   55   C CA  . CYS A 1 8   ? -11.514 5.494   9.296   1.00 23.56 ? 356 CYS A CA  1 
ATOM   56   C C   . CYS A 1 8   ? -10.380 5.036   8.355   1.00 21.61 ? 356 CYS A C   1 
ATOM   57   O O   . CYS A 1 8   ? -9.343  4.593   8.838   1.00 20.30 ? 356 CYS A O   1 
ATOM   58   C CB  . CYS A 1 8   ? -12.581 4.427   9.445   1.00 25.60 ? 356 CYS A CB  1 
ATOM   59   S SG  A CYS A 1 8   ? -11.981 2.899   10.183  0.50 30.69 ? 356 CYS A SG  1 
ATOM   60   S SG  B CYS A 1 8   ? -13.594 4.613   10.929  0.50 29.19 ? 356 CYS A SG  1 
ATOM   61   N N   . CYS A 1 9   ? -10.594 5.138   7.035   1.00 19.78 ? 357 CYS A N   1 
ATOM   62   C CA  . CYS A 1 9   ? -9.549  4.799   6.056   1.00 18.32 ? 357 CYS A CA  1 
ATOM   63   C C   . CYS A 1 9   ? -8.316  5.641   6.255   1.00 19.13 ? 357 CYS A C   1 
ATOM   64   O O   . CYS A 1 9   ? -7.223  5.098   6.273   1.00 17.48 ? 357 CYS A O   1 
ATOM   65   C CB  . CYS A 1 9   ? -10.067 4.927   4.636   1.00 19.31 ? 357 CYS A CB  1 
ATOM   66   S SG  . CYS A 1 9   ? -11.332 3.715   4.224   1.00 22.97 ? 357 CYS A SG  1 
ATOM   67   N N   . SER A 1 10  ? -8.494  6.971   6.485   1.00 17.30 ? 358 SER A N   1 
ATOM   68   C CA  . SER A 1 10  ? -7.361  7.857   6.746   1.00 17.18 ? 358 SER A CA  1 
ATOM   69   C C   . SER A 1 10  ? -6.628  7.393   8.023   1.00 19.06 ? 358 SER A C   1 
ATOM   70   O O   . SER A 1 10  ? -5.403  7.407   8.058   1.00 18.06 ? 358 SER A O   1 
ATOM   71   C CB  . SER A 1 10  ? -7.850  9.293   6.897   1.00 18.99 ? 358 SER A CB  1 
ATOM   72   O OG  A SER A 1 10  ? -8.222  9.794   5.625   0.50 20.18 ? 358 SER A OG  1 
ATOM   73   O OG  B SER A 1 10  ? -6.803  10.152  7.312   0.50 27.17 ? 358 SER A OG  1 
ATOM   74   N N   . GLY A 1 11  ? -7.373  6.941   9.041   1.00 16.97 ? 359 GLY A N   1 
ATOM   75   C CA  . GLY A 1 11  ? -6.790  6.428   10.268  1.00 17.21 ? 359 GLY A CA  1 
ATOM   76   C C   . GLY A 1 11  ? -6.001  5.144   10.049  1.00 18.23 ? 359 GLY A C   1 
ATOM   77   O O   . GLY A 1 11  ? -4.918  4.989   10.618  1.00 17.62 ? 359 GLY A O   1 
ATOM   78   N N   . ILE A 1 12  ? -6.515  4.238   9.178   1.00 15.92 ? 360 ILE A N   1 
ATOM   79   C CA  . ILE A 1 12  ? -5.749  3.012   8.876   1.00 16.98 ? 360 ILE A CA  1 
ATOM   80   C C   . ILE A 1 12  ? -4.436  3.364   8.184   1.00 17.13 ? 360 ILE A C   1 
ATOM   81   O O   . ILE A 1 12  ? -3.378  2.848   8.562   1.00 15.92 ? 360 ILE A O   1 
ATOM   82   C CB  . ILE A 1 12  ? -6.594  2.038   8.040   1.00 18.74 ? 360 ILE A CB  1 
ATOM   83   C CG1 . ILE A 1 12  ? -7.797  1.562   8.874   1.00 20.35 ? 360 ILE A CG1 1 
ATOM   84   C CG2 . ILE A 1 12  ? -5.716  0.836   7.576   1.00 20.12 ? 360 ILE A CG2 1 
ATOM   85   C CD1 . ILE A 1 12  ? -8.813  0.834   8.129   1.00 23.37 ? 360 ILE A CD1 1 
ATOM   86   N N   . LEU A 1 13  ? -4.495  4.296   7.220   1.00 16.24 ? 361 LEU A N   1 
ATOM   87   C CA  . LEU A 1 13  ? -3.301  4.675   6.512   1.00 16.20 ? 361 LEU A CA  1 
ATOM   88   C C   . LEU A 1 13  ? -2.287  5.366   7.432   1.00 17.22 ? 361 LEU A C   1 
ATOM   89   O O   . LEU A 1 13  ? -1.078  5.116   7.330   1.00 16.89 ? 361 LEU A O   1 
ATOM   90   C CB  . LEU A 1 13  ? -3.680  5.517   5.295   1.00 16.18 ? 361 LEU A CB  1 
ATOM   91   C CG  . LEU A 1 13  ? -2.575  5.702   4.278   1.00 18.49 ? 361 LEU A CG  1 
ATOM   92   C CD1 . LEU A 1 13  ? -2.211  4.375   3.555   1.00 18.42 ? 361 LEU A CD1 1 
ATOM   93   C CD2 . LEU A 1 13  ? -2.982  6.765   3.265   1.00 19.04 ? 361 LEU A CD2 1 
ATOM   94   N N   . LYS A 1 14  ? -2.783  6.186   8.387   1.00 16.07 ? 362 LYS A N   1 
ATOM   95   C CA  . LYS A 1 14  ? -1.901  6.841   9.357   1.00 16.89 ? 362 LYS A CA  1 
ATOM   96   C C   . LYS A 1 14  ? -1.161  5.797   10.170  1.00 19.97 ? 362 LYS A C   1 
ATOM   97   O O   . LYS A 1 14  ? 0.044   5.939   10.371  1.00 19.31 ? 362 LYS A O   1 
ATOM   98   C CB  . LYS A 1 14  ? -2.724  7.755   10.288  1.00 19.09 ? 362 LYS A CB  1 
ATOM   99   C CG  . LYS A 1 14  ? -1.869  8.478   11.320  1.00 22.69 ? 362 LYS A CG  1 
ATOM   100  C CD  . LYS A 1 14  ? -2.680  9.506   12.097  1.00 25.76 ? 362 LYS A CD  1 
ATOM   101  C CE  . LYS A 1 14  ? -1.780  10.256  13.052  1.00 37.13 ? 362 LYS A CE  1 
ATOM   102  N NZ  . LYS A 1 14  ? -2.550  11.218  13.892  1.00 45.07 ? 362 LYS A NZ  1 
ATOM   103  N N   . GLU A 1 15  ? -1.856  4.738   10.612  1.00 17.64 ? 363 GLU A N   1 
ATOM   104  C CA  . GLU A 1 15  ? -1.145  3.698   11.345  1.00 16.75 ? 363 GLU A CA  1 
ATOM   105  C C   . GLU A 1 15  ? -0.094  2.989   10.473  1.00 19.01 ? 363 GLU A C   1 
ATOM   106  O O   . GLU A 1 15  ? 1.014   2.714   10.946  1.00 17.53 ? 363 GLU A O   1 
ATOM   107  C CB  . GLU A 1 15  ? -2.080  2.679   11.915  1.00 18.33 ? 363 GLU A CB  1 
ATOM   108  C CG  . GLU A 1 15  ? -1.223  1.666   12.662  1.00 21.81 ? 363 GLU A CG  1 
ATOM   109  C CD  . GLU A 1 15  ? -1.905  0.658   13.544  1.00 25.45 ? 363 GLU A CD  1 
ATOM   110  O OE1 . GLU A 1 15  ? -3.136  0.772   13.716  1.00 29.21 ? 363 GLU A OE1 1 
ATOM   111  O OE2 . GLU A 1 15  ? -1.209  -0.237  14.077  1.00 25.69 ? 363 GLU A OE2 1 
ATOM   112  N N   . MET A 1 16  ? -0.415  2.749   9.187   1.00 16.51 ? 364 MET A N   1 
ATOM   113  C CA  . MET A 1 16  ? 0.560   2.127   8.283   1.00 14.48 ? 364 MET A CA  1 
ATOM   114  C C   . MET A 1 16  ? 1.841   2.970   8.132   1.00 18.43 ? 364 MET A C   1 
ATOM   115  O O   . MET A 1 16  ? 2.923   2.410   7.919   1.00 17.41 ? 364 MET A O   1 
ATOM   116  C CB  . MET A 1 16  ? -0.121  1.835   6.933   1.00 15.27 ? 364 MET A CB  1 
ATOM   117  C CG  . MET A 1 16  ? -1.150  0.713   7.032   1.00 16.31 ? 364 MET A CG  1 
ATOM   118  S SD  . MET A 1 16  ? -2.210  0.614   5.595   1.00 16.73 ? 364 MET A SD  1 
ATOM   119  C CE  . MET A 1 16  ? -1.026  0.096   4.311   1.00 16.18 ? 364 MET A CE  1 
ATOM   120  N N   . PHE A 1 17  ? 1.738   4.320   8.297   1.00 15.64 ? 365 PHE A N   1 
ATOM   121  C CA  . PHE A 1 17  ? 2.859   5.242   8.217   1.00 16.92 ? 365 PHE A CA  1 
ATOM   122  C C   . PHE A 1 17  ? 3.578   5.406   9.547   1.00 20.43 ? 365 PHE A C   1 
ATOM   123  O O   . PHE A 1 17  ? 4.607   6.093   9.584   1.00 21.68 ? 365 PHE A O   1 
ATOM   124  C CB  . PHE A 1 17  ? 2.365   6.636   7.780   1.00 17.45 ? 365 PHE A CB  1 
ATOM   125  C CG  . PHE A 1 17  ? 2.333   6.857   6.292   1.00 16.53 ? 365 PHE A CG  1 
ATOM   126  C CD1 . PHE A 1 17  ? 3.510   6.893   5.556   1.00 18.30 ? 365 PHE A CD1 1 
ATOM   127  C CD2 . PHE A 1 17  ? 1.134   7.115   5.636   1.00 17.50 ? 365 PHE A CD2 1 
ATOM   128  C CE1 . PHE A 1 17  ? 3.488   7.139   4.181   1.00 17.65 ? 365 PHE A CE1 1 
ATOM   129  C CE2 . PHE A 1 17  ? 1.112   7.378   4.262   1.00 18.56 ? 365 PHE A CE2 1 
ATOM   130  C CZ  . PHE A 1 17  ? 2.284   7.394   3.540   1.00 16.92 ? 365 PHE A CZ  1 
ATOM   131  N N   . ALA A 1 18  ? 3.022   4.822   10.619  1.00 18.19 ? 366 ALA A N   1 
ATOM   132  C CA  . ALA A 1 18  ? 3.554   5.031   11.980  1.00 19.60 ? 366 ALA A CA  1 
ATOM   133  C C   . ALA A 1 18  ? 4.917   4.425   12.242  1.00 21.90 ? 366 ALA A C   1 
ATOM   134  O O   . ALA A 1 18  ? 5.302   3.415   11.641  1.00 18.68 ? 366 ALA A O   1 
ATOM   135  C CB  . ALA A 1 18  ? 2.569   4.548   13.016  1.00 21.14 ? 366 ALA A CB  1 
ATOM   136  N N   . LYS A 1 19  ? 5.649   5.016   13.209  1.00 21.11 ? 367 LYS A N   1 
ATOM   137  C CA  . LYS A 1 19  ? 6.972   4.527   13.589  1.00 20.81 ? 367 LYS A CA  1 
ATOM   138  C C   . LYS A 1 19  ? 6.945   3.040   13.960  1.00 20.94 ? 367 LYS A C   1 
ATOM   139  O O   . LYS A 1 19  ? 7.867   2.327   13.601  1.00 20.44 ? 367 LYS A O   1 
ATOM   140  C CB  . LYS A 1 19  ? 7.533   5.342   14.777  1.00 26.24 ? 367 LYS A CB  1 
ATOM   141  C CG  . LYS A 1 19  ? 8.204   6.635   14.349  1.00 44.15 ? 367 LYS A CG  1 
ATOM   142  C CD  . LYS A 1 19  ? 8.634   7.462   15.556  1.00 58.03 ? 367 LYS A CD  1 
ATOM   143  C CE  . LYS A 1 19  ? 9.147   8.832   15.166  1.00 71.16 ? 367 LYS A CE  1 
ATOM   144  N NZ  . LYS A 1 19  ? 8.052   9.740   14.722  1.00 80.44 ? 367 LYS A NZ  1 
ATOM   145  N N   . LYS A 1 20  ? 5.870   2.558   14.616  1.00 18.17 ? 368 LYS A N   1 
ATOM   146  C CA  . LYS A 1 20  ? 5.742   1.168   15.027  1.00 18.98 ? 368 LYS A CA  1 
ATOM   147  C C   . LYS A 1 20  ? 5.994   0.187   13.878  1.00 18.96 ? 368 LYS A C   1 
ATOM   148  O O   . LYS A 1 20  ? 6.638   -0.828  14.083  1.00 18.98 ? 368 LYS A O   1 
ATOM   149  C CB  . LYS A 1 20  ? 4.340   0.911   15.620  1.00 21.97 ? 368 LYS A CB  1 
ATOM   150  C CG  . LYS A 1 20  ? 4.128   -0.519  16.074  1.00 22.23 ? 368 LYS A CG  1 
ATOM   151  C CD  . LYS A 1 20  ? 2.774   -0.696  16.745  1.00 27.40 ? 368 LYS A CD  1 
ATOM   152  C CE  . LYS A 1 20  ? 2.646   -2.121  17.236  1.00 37.52 ? 368 LYS A CE  1 
ATOM   153  N NZ  . LYS A 1 20  ? 1.245   -2.446  17.608  1.00 46.08 ? 368 LYS A NZ  1 
ATOM   154  N N   . HIS A 1 21  ? 5.479   0.490   12.686  1.00 16.39 ? 369 HIS A N   1 
ATOM   155  C CA  . HIS A 1 21  ? 5.586   -0.403  11.516  1.00 14.64 ? 369 HIS A CA  1 
ATOM   156  C C   . HIS A 1 21  ? 6.671   -0.035  10.526  1.00 14.95 ? 369 HIS A C   1 
ATOM   157  O O   . HIS A 1 21  ? 6.791   -0.696  9.501   1.00 15.83 ? 369 HIS A O   1 
ATOM   158  C CB  . HIS A 1 21  ? 4.213   -0.423  10.809  1.00 15.13 ? 369 HIS A CB  1 
ATOM   159  C CG  . HIS A 1 21  ? 3.094   -0.771  11.734  1.00 16.67 ? 369 HIS A CG  1 
ATOM   160  N ND1 . HIS A 1 21  ? 3.050   -1.994  12.385  1.00 17.25 ? 369 HIS A ND1 1 
ATOM   161  C CD2 . HIS A 1 21  ? 2.056   -0.016  12.163  1.00 17.42 ? 369 HIS A CD2 1 
ATOM   162  C CE1 . HIS A 1 21  ? 1.980   -1.958  13.165  1.00 17.31 ? 369 HIS A CE1 1 
ATOM   163  N NE2 . HIS A 1 21  ? 1.346   -0.785  13.066  1.00 18.16 ? 369 HIS A NE2 1 
ATOM   164  N N   . ALA A 1 22  ? 7.476   1.016   10.798  1.00 15.61 ? 370 ALA A N   1 
ATOM   165  C CA  . ALA A 1 22  ? 8.406   1.531   9.821   1.00 16.73 ? 370 ALA A CA  1 
ATOM   166  C C   . ALA A 1 22  ? 9.443   0.539   9.325   1.00 18.45 ? 370 ALA A C   1 
ATOM   167  O O   . ALA A 1 22  ? 9.877   0.631   8.165   1.00 19.12 ? 370 ALA A O   1 
ATOM   168  C CB  . ALA A 1 22  ? 9.080   2.804   10.328  1.00 18.50 ? 370 ALA A CB  1 
ATOM   169  N N   . ALA A 1 23  ? 9.836   -0.453  10.158  1.00 17.11 ? 371 ALA A N   1 
ATOM   170  C CA  . ALA A 1 23  ? 10.854  -1.408  9.739   1.00 17.32 ? 371 ALA A CA  1 
ATOM   171  C C   . ALA A 1 23  ? 10.459  -2.245  8.537   1.00 18.10 ? 371 ALA A C   1 
ATOM   172  O O   . ALA A 1 23  ? 11.336  -2.699  7.790   1.00 18.83 ? 371 ALA A O   1 
ATOM   173  C CB  . ALA A 1 23  ? 11.235  -2.320  10.893  1.00 18.42 ? 371 ALA A CB  1 
ATOM   174  N N   . TYR A 1 24  ? 9.135   -2.413  8.308   1.00 15.86 ? 372 TYR A N   1 
ATOM   175  C CA  . TYR A 1 24  ? 8.672   -3.183  7.161   1.00 15.03 ? 372 TYR A CA  1 
ATOM   176  C C   . TYR A 1 24  ? 7.802   -2.361  6.213   1.00 15.55 ? 372 TYR A C   1 
ATOM   177  O O   . TYR A 1 24  ? 7.654   -2.757  5.063   1.00 15.82 ? 372 TYR A O   1 
ATOM   178  C CB  . TYR A 1 24  ? 7.944   -4.476  7.566   1.00 16.14 ? 372 TYR A CB  1 
ATOM   179  C CG  . TYR A 1 24  ? 6.978   -4.350  8.726   1.00 15.54 ? 372 TYR A CG  1 
ATOM   180  C CD1 . TYR A 1 24  ? 5.638   -4.039  8.514   1.00 16.59 ? 372 TYR A CD1 1 
ATOM   181  C CD2 . TYR A 1 24  ? 7.396   -4.583  10.036  1.00 15.59 ? 372 TYR A CD2 1 
ATOM   182  C CE1 . TYR A 1 24  ? 4.739   -3.972  9.571   1.00 17.07 ? 372 TYR A CE1 1 
ATOM   183  C CE2 . TYR A 1 24  ? 6.509   -4.500  11.101  1.00 15.91 ? 372 TYR A CE2 1 
ATOM   184  C CZ  . TYR A 1 24  ? 5.175   -4.220  10.863  1.00 15.83 ? 372 TYR A CZ  1 
ATOM   185  O OH  . TYR A 1 24  ? 4.293   -4.220  11.907  1.00 18.22 ? 372 TYR A OH  1 
ATOM   186  N N   . ALA A 1 25  ? 7.293   -1.215  6.656   1.00 15.01 ? 373 ALA A N   1 
ATOM   187  C CA  . ALA A 1 25  ? 6.419   -0.441  5.792   1.00 14.47 ? 373 ALA A CA  1 
ATOM   188  C C   . ALA A 1 25  ? 7.157   0.487   4.842   1.00 16.54 ? 373 ALA A C   1 
ATOM   189  O O   . ALA A 1 25  ? 6.581   0.876   3.820   1.00 14.84 ? 373 ALA A O   1 
ATOM   190  C CB  . ALA A 1 25  ? 5.467   0.375   6.643   1.00 14.70 ? 373 ALA A CB  1 
ATOM   191  N N   . TRP A 1 26  ? 8.410   0.858   5.146   1.00 15.22 ? 374 TRP A N   1 
ATOM   192  C CA  . TRP A 1 26  ? 9.093   1.890   4.364   1.00 15.36 ? 374 TRP A CA  1 
ATOM   193  C C   . TRP A 1 26  ? 9.157   1.647   2.847   1.00 16.11 ? 374 TRP A C   1 
ATOM   194  O O   . TRP A 1 26  ? 9.082   2.646   2.121   1.00 16.11 ? 374 TRP A O   1 
ATOM   195  C CB  . TRP A 1 26  ? 10.499  2.203   4.924   1.00 16.11 ? 374 TRP A CB  1 
ATOM   196  C CG  . TRP A 1 26  ? 11.513  1.115   4.760   1.00 17.51 ? 374 TRP A CG  1 
ATOM   197  C CD1 . TRP A 1 26  ? 11.824  0.140   5.665   1.00 19.71 ? 374 TRP A CD1 1 
ATOM   198  C CD2 . TRP A 1 26  ? 12.295  0.841   3.589   1.00 18.12 ? 374 TRP A CD2 1 
ATOM   199  N NE1 . TRP A 1 26  ? 12.758  -0.717  5.128   1.00 19.76 ? 374 TRP A NE1 1 
ATOM   200  C CE2 . TRP A 1 26  ? 13.067  -0.311  3.858   1.00 21.26 ? 374 TRP A CE2 1 
ATOM   201  C CE3 . TRP A 1 26  ? 12.428  1.468   2.332   1.00 20.15 ? 374 TRP A CE3 1 
ATOM   202  C CZ2 . TRP A 1 26  ? 13.957  -0.851  2.921   1.00 21.16 ? 374 TRP A CZ2 1 
ATOM   203  C CZ3 . TRP A 1 26  ? 13.293  0.920   1.399   1.00 21.62 ? 374 TRP A CZ3 1 
ATOM   204  C CH2 . TRP A 1 26  ? 14.075  -0.203  1.709   1.00 22.35 ? 374 TRP A CH2 1 
ATOM   205  N N   . PRO A 1 27  ? 9.251   0.417   2.292   1.00 14.51 ? 375 PRO A N   1 
ATOM   206  C CA  . PRO A 1 27  ? 9.297   0.292   0.825   1.00 14.88 ? 375 PRO A CA  1 
ATOM   207  C C   . PRO A 1 27  ? 7.998   0.733   0.165   1.00 15.03 ? 375 PRO A C   1 
ATOM   208  O O   . PRO A 1 27  ? 7.989   0.923   -1.047  1.00 15.60 ? 375 PRO A O   1 
ATOM   209  C CB  . PRO A 1 27  ? 9.509   -1.205  0.599   1.00 16.54 ? 375 PRO A CB  1 
ATOM   210  C CG  . PRO A 1 27  ? 10.197  -1.660  1.891   1.00 18.27 ? 375 PRO A CG  1 
ATOM   211  C CD  . PRO A 1 27  ? 9.462   -0.892  2.947   1.00 15.37 ? 375 PRO A CD  1 
ATOM   212  N N   . PHE A 1 28  ? 6.909   0.866   0.958   1.00 13.14 ? 376 PHE A N   1 
ATOM   213  C CA  . PHE A 1 28  ? 5.580   1.184   0.442   1.00 12.83 ? 376 PHE A CA  1 
ATOM   214  C C   . PHE A 1 28  ? 5.195   2.623   0.631   1.00 15.27 ? 376 PHE A C   1 
ATOM   215  O O   . PHE A 1 28  ? 4.133   3.013   0.154   1.00 14.60 ? 376 PHE A O   1 
ATOM   216  C CB  . PHE A 1 28  ? 4.542   0.230   1.095   1.00 13.56 ? 376 PHE A CB  1 
ATOM   217  C CG  . PHE A 1 28  ? 4.978   -1.210  0.940   1.00 13.37 ? 376 PHE A CG  1 
ATOM   218  C CD1 . PHE A 1 28  ? 4.873   -1.853  -0.285  1.00 13.94 ? 376 PHE A CD1 1 
ATOM   219  C CD2 . PHE A 1 28  ? 5.627   -1.875  1.978   1.00 14.39 ? 376 PHE A CD2 1 
ATOM   220  C CE1 . PHE A 1 28  ? 5.404   -3.141  -0.473  1.00 14.69 ? 376 PHE A CE1 1 
ATOM   221  C CE2 . PHE A 1 28  ? 6.146   -3.159  1.796   1.00 15.95 ? 376 PHE A CE2 1 
ATOM   222  C CZ  . PHE A 1 28  ? 6.061   -3.771  0.564   1.00 14.42 ? 376 PHE A CZ  1 
ATOM   223  N N   . TYR A 1 29  ? 6.031   3.425   1.275   1.00 15.13 ? 377 TYR A N   1 
ATOM   224  C CA  . TYR A 1 29  ? 5.681   4.806   1.556   1.00 14.71 ? 377 TYR A CA  1 
ATOM   225  C C   . TYR A 1 29  ? 5.523   5.655   0.318   1.00 16.56 ? 377 TYR A C   1 
ATOM   226  O O   . TYR A 1 29  ? 4.631   6.500   0.289   1.00 16.61 ? 377 TYR A O   1 
ATOM   227  C CB  . TYR A 1 29  ? 6.760   5.472   2.403   1.00 15.90 ? 377 TYR A CB  1 
ATOM   228  C CG  . TYR A 1 29  ? 6.903   5.061   3.852   1.00 15.72 ? 377 TYR A CG  1 
ATOM   229  C CD1 . TYR A 1 29  ? 5.920   4.306   4.496   1.00 16.61 ? 377 TYR A CD1 1 
ATOM   230  C CD2 . TYR A 1 29  ? 7.990   5.483   4.601   1.00 16.92 ? 377 TYR A CD2 1 
ATOM   231  C CE1 . TYR A 1 29  ? 6.015   4.004   5.859   1.00 15.80 ? 377 TYR A CE1 1 
ATOM   232  C CE2 . TYR A 1 29  ? 8.113   5.163   5.948   1.00 18.27 ? 377 TYR A CE2 1 
ATOM   233  C CZ  . TYR A 1 29  ? 7.115   4.445   6.576   1.00 18.54 ? 377 TYR A CZ  1 
ATOM   234  O OH  . TYR A 1 29  ? 7.247   4.201   7.912   1.00 18.96 ? 377 TYR A OH  1 
ATOM   235  N N   . LYS A 1 30  ? 6.379   5.451   -0.693  1.00 15.11 ? 378 LYS A N   1 
ATOM   236  C CA  . LYS A 1 30  ? 6.417   6.283   -1.900  1.00 16.20 ? 378 LYS A CA  1 
ATOM   237  C C   . LYS A 1 30  ? 6.477   5.375   -3.105  1.00 17.45 ? 378 LYS A C   1 
ATOM   238  O O   . LYS A 1 30  ? 6.768   4.174   -2.953  1.00 17.07 ? 378 LYS A O   1 
ATOM   239  C CB  . LYS A 1 30  ? 7.662   7.218   -1.870  1.00 19.37 ? 378 LYS A CB  1 
ATOM   240  C CG  . LYS A 1 30  ? 7.667   8.164   -0.670  1.00 26.75 ? 378 LYS A CG  1 
ATOM   241  C CD  . LYS A 1 30  ? 7.485   9.610   -1.049  1.00 47.74 ? 378 LYS A CD  1 
ATOM   242  C CE  . LYS A 1 30  ? 7.006   10.438  0.123   1.00 62.21 ? 378 LYS A CE  1 
ATOM   243  N NZ  . LYS A 1 30  ? 6.251   11.639  -0.326  1.00 72.94 ? 378 LYS A NZ  1 
ATOM   244  N N   . PRO A 1 31  ? 6.202   5.887   -4.328  1.00 16.05 ? 379 PRO A N   1 
ATOM   245  C CA  . PRO A 1 31  ? 6.283   5.014   -5.505  1.00 15.69 ? 379 PRO A CA  1 
ATOM   246  C C   . PRO A 1 31  ? 7.630   4.291   -5.582  1.00 18.74 ? 379 PRO A C   1 
ATOM   247  O O   . PRO A 1 31  ? 8.694   4.858   -5.238  1.00 18.79 ? 379 PRO A O   1 
ATOM   248  C CB  . PRO A 1 31  ? 6.143   5.986   -6.687  1.00 18.10 ? 379 PRO A CB  1 
ATOM   249  C CG  . PRO A 1 31  ? 5.385   7.134   -6.144  1.00 20.14 ? 379 PRO A CG  1 
ATOM   250  C CD  . PRO A 1 31  ? 5.828   7.277   -4.696  1.00 17.61 ? 379 PRO A CD  1 
ATOM   251  N N   . VAL A 1 32  ? 7.588   3.028   -6.025  1.00 16.46 ? 380 VAL A N   1 
ATOM   252  C CA  . VAL A 1 32  ? 8.808   2.230   -6.223  1.00 16.79 ? 380 VAL A CA  1 
ATOM   253  C C   . VAL A 1 32  ? 9.755   3.039   -7.142  1.00 19.82 ? 380 VAL A C   1 
ATOM   254  O O   . VAL A 1 32  ? 9.307   3.563   -8.163  1.00 20.53 ? 380 VAL A O   1 
ATOM   255  C CB  . VAL A 1 32  ? 8.474   0.864   -6.845  1.00 18.39 ? 380 VAL A CB  1 
ATOM   256  C CG1 . VAL A 1 32  ? 9.747   0.109   -7.286  1.00 19.50 ? 380 VAL A CG1 1 
ATOM   257  C CG2 . VAL A 1 32  ? 7.637   0.016   -5.879  1.00 18.25 ? 380 VAL A CG2 1 
ATOM   258  N N   . ASP A 1 33  ? 11.036  3.117   -6.751  1.00 20.07 ? 381 ASP A N   1 
ATOM   259  C CA  . ASP A 1 33  ? 12.040  3.827   -7.547  1.00 20.95 ? 381 ASP A CA  1 
ATOM   260  C C   . ASP A 1 33  ? 12.414  2.923   -8.737  1.00 21.97 ? 381 ASP A C   1 
ATOM   261  O O   . ASP A 1 33  ? 13.260  2.037   -8.609  1.00 21.77 ? 381 ASP A O   1 
ATOM   262  C CB  . ASP A 1 33  ? 13.268  4.134   -6.686  1.00 22.66 ? 381 ASP A CB  1 
ATOM   263  C CG  . ASP A 1 33  ? 14.391  4.825   -7.446  1.00 26.54 ? 381 ASP A CG  1 
ATOM   264  O OD1 . ASP A 1 33  ? 14.154  5.242   -8.606  1.00 26.16 ? 381 ASP A OD1 1 
ATOM   265  O OD2 . ASP A 1 33  ? 15.497  4.950   -6.877  1.00 33.24 ? 381 ASP A OD2 1 
ATOM   266  N N   . VAL A 1 34  ? 11.774  3.153   -9.876  1.00 21.81 ? 382 VAL A N   1 
ATOM   267  C CA  . VAL A 1 34  ? 11.975  2.327   -11.074 1.00 23.03 ? 382 VAL A CA  1 
ATOM   268  C C   . VAL A 1 34  ? 13.327  2.587   -11.765 1.00 27.77 ? 382 VAL A C   1 
ATOM   269  O O   . VAL A 1 34  ? 13.661  1.852   -12.696 1.00 28.93 ? 382 VAL A O   1 
ATOM   270  C CB  . VAL A 1 34  ? 10.796  2.398   -12.066 1.00 27.97 ? 382 VAL A CB  1 
ATOM   271  C CG1 . VAL A 1 34  ? 9.487   1.969   -11.395 1.00 28.46 ? 382 VAL A CG1 1 
ATOM   272  C CG2 . VAL A 1 34  ? 10.658  3.789   -12.695 1.00 28.45 ? 382 VAL A CG2 1 
ATOM   273  N N   . GLU A 1 35  ? 14.114  3.554   -11.262 1.00 24.80 ? 383 GLU A N   1 
ATOM   274  C CA  . GLU A 1 35  ? 15.457  3.851   -11.788 1.00 25.66 ? 383 GLU A CA  1 
ATOM   275  C C   . GLU A 1 35  ? 16.531  3.119   -10.977 1.00 28.50 ? 383 GLU A C   1 
ATOM   276  O O   . GLU A 1 35  ? 17.716  3.214   -11.298 1.00 29.28 ? 383 GLU A O   1 
ATOM   277  C CB  . GLU A 1 35  ? 15.731  5.374   -11.795 1.00 27.53 ? 383 GLU A CB  1 
ATOM   278  C CG  . GLU A 1 35  ? 14.781  6.186   -12.666 1.00 37.14 ? 383 GLU A CG  1 
ATOM   279  C CD  . GLU A 1 35  ? 14.648  5.763   -14.119 1.00 61.17 ? 383 GLU A CD  1 
ATOM   280  O OE1 . GLU A 1 35  ? 15.688  5.523   -14.775 1.00 62.19 ? 383 GLU A OE1 1 
ATOM   281  O OE2 . GLU A 1 35  ? 13.497  5.686   -14.606 1.00 56.63 ? 383 GLU A OE2 1 
ATOM   282  N N   . ALA A 1 36  ? 16.139  2.404   -9.904  1.00 23.83 ? 384 ALA A N   1 
ATOM   283  C CA  . ALA A 1 36  ? 17.092  1.686   -9.075  1.00 23.12 ? 384 ALA A CA  1 
ATOM   284  C C   . ALA A 1 36  ? 17.599  0.444   -9.813  1.00 24.48 ? 384 ALA A C   1 
ATOM   285  O O   . ALA A 1 36  ? 16.878  -0.136  -10.639 1.00 22.67 ? 384 ALA A O   1 
ATOM   286  C CB  . ALA A 1 36  ? 16.445  1.286   -7.748  1.00 24.14 ? 384 ALA A CB  1 
ATOM   287  N N   . LEU A 1 37  ? 18.857  0.063   -9.541  1.00 23.25 ? 385 LEU A N   1 
ATOM   288  C CA  . LEU A 1 37  ? 19.423  -1.141  -10.152 1.00 22.60 ? 385 LEU A CA  1 
ATOM   289  C C   . LEU A 1 37  ? 18.572  -2.375  -9.757  1.00 25.25 ? 385 LEU A C   1 
ATOM   290  O O   . LEU A 1 37  ? 18.233  -2.552  -8.586  1.00 26.55 ? 385 LEU A O   1 
ATOM   291  C CB  . LEU A 1 37  ? 20.900  -1.310  -9.750  1.00 23.06 ? 385 LEU A CB  1 
ATOM   292  C CG  . LEU A 1 37  ? 21.626  -2.557  -10.313 1.00 25.85 ? 385 LEU A CG  1 
ATOM   293  C CD1 . LEU A 1 37  ? 21.814  -2.487  -11.835 1.00 24.97 ? 385 LEU A CD1 1 
ATOM   294  C CD2 . LEU A 1 37  ? 22.954  -2.752  -9.628  1.00 27.54 ? 385 LEU A CD2 1 
ATOM   295  N N   . GLY A 1 38  ? 18.188  -3.152  -10.763 1.00 20.75 ? 386 GLY A N   1 
ATOM   296  C CA  . GLY A 1 38  ? 17.358  -4.346  -10.641 1.00 20.18 ? 386 GLY A CA  1 
ATOM   297  C C   . GLY A 1 38  ? 15.899  -4.075  -10.963 1.00 22.30 ? 386 GLY A C   1 
ATOM   298  O O   . GLY A 1 38  ? 15.142  -5.028  -11.150 1.00 23.05 ? 386 GLY A O   1 
ATOM   299  N N   . LEU A 1 39  ? 15.489  -2.785  -11.066 1.00 18.65 ? 387 LEU A N   1 
ATOM   300  C CA  . LEU A 1 39  ? 14.084  -2.399  -11.290 1.00 18.81 ? 387 LEU A CA  1 
ATOM   301  C C   . LEU A 1 39  ? 13.753  -1.982  -12.709 1.00 21.51 ? 387 LEU A C   1 
ATOM   302  O O   . LEU A 1 39  ? 12.690  -1.414  -12.958 1.00 19.95 ? 387 LEU A O   1 
ATOM   303  C CB  . LEU A 1 39  ? 13.650  -1.279  -10.304 1.00 18.59 ? 387 LEU A CB  1 
ATOM   304  C CG  . LEU A 1 39  ? 13.339  -1.674  -8.826  1.00 20.28 ? 387 LEU A CG  1 
ATOM   305  C CD1 . LEU A 1 39  ? 12.076  -2.541  -8.722  1.00 19.86 ? 387 LEU A CD1 1 
ATOM   306  C CD2 . LEU A 1 39  ? 14.512  -2.354  -8.132  1.00 22.06 ? 387 LEU A CD2 1 
ATOM   307  N N   . HIS A 1 40  ? 14.667  -2.269  -13.657 1.00 20.29 ? 388 HIS A N   1 
ATOM   308  C CA  . HIS A 1 40  ? 14.496  -1.899  -15.070 1.00 20.57 ? 388 HIS A CA  1 
ATOM   309  C C   . HIS A 1 40  ? 13.254  -2.446  -15.747 1.00 23.47 ? 388 HIS A C   1 
ATOM   310  O O   . HIS A 1 40  ? 12.808  -1.867  -16.731 1.00 23.53 ? 388 HIS A O   1 
ATOM   311  C CB  . HIS A 1 40  ? 15.729  -2.319  -15.905 1.00 20.86 ? 388 HIS A CB  1 
ATOM   312  C CG  . HIS A 1 40  ? 16.061  -3.771  -15.760 1.00 21.86 ? 388 HIS A CG  1 
ATOM   313  N ND1 . HIS A 1 40  ? 16.827  -4.222  -14.717 1.00 23.50 ? 388 HIS A ND1 1 
ATOM   314  C CD2 . HIS A 1 40  ? 15.680  -4.832  -16.507 1.00 22.73 ? 388 HIS A CD2 1 
ATOM   315  C CE1 . HIS A 1 40  ? 16.915  -5.536  -14.867 1.00 23.20 ? 388 HIS A CE1 1 
ATOM   316  N NE2 . HIS A 1 40  ? 16.228  -5.947  -15.922 1.00 23.24 ? 388 HIS A NE2 1 
ATOM   317  N N   . ASP A 1 41  ? 12.708  -3.581  -15.246 1.00 20.99 ? 389 ASP A N   1 
ATOM   318  C CA  . ASP A 1 41  ? 11.541  -4.264  -15.818 1.00 20.62 ? 389 ASP A CA  1 
ATOM   319  C C   . ASP A 1 41  ? 10.259  -4.020  -15.004 1.00 22.04 ? 389 ASP A C   1 
ATOM   320  O O   . ASP A 1 41  ? 9.220   -4.587  -15.347 1.00 22.00 ? 389 ASP A O   1 
ATOM   321  C CB  . ASP A 1 41  ? 11.808  -5.791  -15.872 1.00 22.34 ? 389 ASP A CB  1 
ATOM   322  C CG  . ASP A 1 41  ? 12.144  -6.458  -14.538 1.00 23.48 ? 389 ASP A CG  1 
ATOM   323  O OD1 . ASP A 1 41  ? 12.446  -5.737  -13.567 1.00 22.28 ? 389 ASP A OD1 1 
ATOM   324  O OD2 . ASP A 1 41  ? 12.171  -7.701  -14.485 1.00 28.26 ? 389 ASP A OD2 1 
ATOM   325  N N   . TYR A 1 42  ? 10.323  -3.175  -13.963 1.00 20.28 ? 390 TYR A N   1 
ATOM   326  C CA  . TYR A 1 42  ? 9.153   -2.979  -13.098 1.00 18.65 ? 390 TYR A CA  1 
ATOM   327  C C   . TYR A 1 42  ? 7.919   -2.495  -13.849 1.00 23.60 ? 390 TYR A C   1 
ATOM   328  O O   . TYR A 1 42  ? 6.839   -3.077  -13.701 1.00 21.98 ? 390 TYR A O   1 
ATOM   329  C CB  . TYR A 1 42  ? 9.506   -2.062  -11.927 1.00 18.16 ? 390 TYR A CB  1 
ATOM   330  C CG  . TYR A 1 42  ? 8.430   -2.060  -10.861 1.00 17.34 ? 390 TYR A CG  1 
ATOM   331  C CD1 . TYR A 1 42  ? 8.430   -3.008  -9.846  1.00 17.51 ? 390 TYR A CD1 1 
ATOM   332  C CD2 . TYR A 1 42  ? 7.424   -1.099  -10.863 1.00 17.57 ? 390 TYR A CD2 1 
ATOM   333  C CE1 . TYR A 1 42  ? 7.428   -3.025  -8.875  1.00 16.52 ? 390 TYR A CE1 1 
ATOM   334  C CE2 . TYR A 1 42  ? 6.416   -1.103  -9.895  1.00 19.09 ? 390 TYR A CE2 1 
ATOM   335  C CZ  . TYR A 1 42  ? 6.412   -2.087  -8.923  1.00 18.38 ? 390 TYR A CZ  1 
ATOM   336  O OH  . TYR A 1 42  ? 5.424   -2.102  -7.956  1.00 16.37 ? 390 TYR A OH  1 
ATOM   337  N N   . CYS A 1 43  ? 8.097   -1.474  -14.696 1.00 24.13 ? 391 CYS A N   1 
ATOM   338  C CA  . CYS A 1 43  ? 7.008   -0.878  -15.468 1.00 25.92 ? 391 CYS A CA  1 
ATOM   339  C C   . CYS A 1 43  ? 6.441   -1.774  -16.555 1.00 29.30 ? 391 CYS A C   1 
ATOM   340  O O   . CYS A 1 43  ? 5.270   -1.627  -16.918 1.00 30.10 ? 391 CYS A O   1 
ATOM   341  C CB  . CYS A 1 43  ? 7.449   0.460   -16.025 1.00 28.23 ? 391 CYS A CB  1 
ATOM   342  S SG  . CYS A 1 43  ? 7.662   1.710   -14.750 1.00 33.34 ? 391 CYS A SG  1 
ATOM   343  N N   . ASP A 1 44  ? 7.215   -2.749  -16.998 1.00 25.36 ? 392 ASP A N   1 
ATOM   344  C CA  . ASP A 1 44  ? 6.733   -3.708  -17.981 1.00 26.19 ? 392 ASP A CA  1 
ATOM   345  C C   . ASP A 1 44  ? 5.895   -4.794  -17.332 1.00 29.84 ? 392 ASP A C   1 
ATOM   346  O O   . ASP A 1 44  ? 5.048   -5.388  -17.996 1.00 31.81 ? 392 ASP A O   1 
ATOM   347  C CB  . ASP A 1 44  ? 7.904   -4.294  -18.776 1.00 28.15 ? 392 ASP A CB  1 
ATOM   348  C CG  . ASP A 1 44  ? 8.656   -3.225  -19.554 1.00 37.32 ? 392 ASP A CG  1 
ATOM   349  O OD1 . ASP A 1 44  ? 8.003   -2.460  -20.303 1.00 38.94 ? 392 ASP A OD1 1 
ATOM   350  O OD2 . ASP A 1 44  ? 9.881   -3.108  -19.367 1.00 36.46 ? 392 ASP A OD2 1 
ATOM   351  N N   . ILE A 1 45  ? 6.116   -5.049  -16.026 1.00 22.81 ? 393 ILE A N   1 
ATOM   352  C CA  . ILE A 1 45  ? 5.400   -6.100  -15.314 1.00 21.55 ? 393 ILE A CA  1 
ATOM   353  C C   . ILE A 1 45  ? 4.196   -5.546  -14.544 1.00 22.40 ? 393 ILE A C   1 
ATOM   354  O O   . ILE A 1 45  ? 3.142   -6.181  -14.528 1.00 22.27 ? 393 ILE A O   1 
ATOM   355  C CB  . ILE A 1 45  ? 6.401   -6.857  -14.384 1.00 22.96 ? 393 ILE A CB  1 
ATOM   356  C CG1 . ILE A 1 45  ? 7.471   -7.605  -15.239 1.00 23.87 ? 393 ILE A CG1 1 
ATOM   357  C CG2 . ILE A 1 45  ? 5.685   -7.846  -13.440 1.00 23.01 ? 393 ILE A CG2 1 
ATOM   358  C CD1 . ILE A 1 45  ? 8.733   -7.915  -14.543 1.00 33.48 ? 393 ILE A CD1 1 
ATOM   359  N N   . ILE A 1 46  ? 4.361   -4.377  -13.931 1.00 18.84 ? 394 ILE A N   1 
ATOM   360  C CA  . ILE A 1 46  ? 3.349   -3.732  -13.101 1.00 17.90 ? 394 ILE A CA  1 
ATOM   361  C C   . ILE A 1 46  ? 2.685   -2.623  -13.883 1.00 21.46 ? 394 ILE A C   1 
ATOM   362  O O   . ILE A 1 46  ? 3.274   -1.571  -14.081 1.00 22.48 ? 394 ILE A O   1 
ATOM   363  C CB  . ILE A 1 46  ? 3.991   -3.268  -11.762 1.00 18.54 ? 394 ILE A CB  1 
ATOM   364  C CG1 . ILE A 1 46  ? 4.604   -4.467  -11.004 1.00 18.60 ? 394 ILE A CG1 1 
ATOM   365  C CG2 . ILE A 1 46  ? 3.018   -2.462  -10.895 1.00 18.54 ? 394 ILE A CG2 1 
ATOM   366  C CD1 . ILE A 1 46  ? 3.559   -5.614  -10.644 1.00 17.78 ? 394 ILE A CD1 1 
ATOM   367  N N   . LYS A 1 47  ? 1.443   -2.857  -14.292 1.00 21.95 ? 395 LYS A N   1 
ATOM   368  C CA  . LYS A 1 47  ? 0.688   -1.913  -15.101 1.00 23.49 ? 395 LYS A CA  1 
ATOM   369  C C   . LYS A 1 47  ? 0.115   -0.757  -14.308 1.00 23.88 ? 395 LYS A C   1 
ATOM   370  O O   . LYS A 1 47  ? -0.120  0.329   -14.858 1.00 23.18 ? 395 LYS A O   1 
ATOM   371  C CB  . LYS A 1 47  ? -0.426  -2.657  -15.868 1.00 27.81 ? 395 LYS A CB  1 
ATOM   372  C CG  . LYS A 1 47  ? 0.088   -3.758  -16.812 1.00 40.70 ? 395 LYS A CG  1 
ATOM   373  C CD  . LYS A 1 47  ? 1.060   -3.231  -17.875 1.00 52.27 ? 395 LYS A CD  1 
ATOM   374  C CE  . LYS A 1 47  ? 1.833   -4.334  -18.555 1.00 60.85 ? 395 LYS A CE  1 
ATOM   375  N NZ  . LYS A 1 47  ? 2.895   -3.778  -19.434 1.00 67.05 ? 395 LYS A NZ  1 
ATOM   376  N N   . HIS A 1 48  ? -0.175  -1.000  -13.016 1.00 20.04 ? 396 HIS A N   1 
ATOM   377  C CA  . HIS A 1 48  ? -0.793  0.019   -12.185 1.00 19.84 ? 396 HIS A CA  1 
ATOM   378  C C   . HIS A 1 48  ? -0.049  0.155   -10.850 1.00 19.23 ? 396 HIS A C   1 
ATOM   379  O O   . HIS A 1 48  ? -0.499  -0.364  -9.819  1.00 18.21 ? 396 HIS A O   1 
ATOM   380  C CB  . HIS A 1 48  ? -2.283  -0.287  -11.961 1.00 22.19 ? 396 HIS A CB  1 
ATOM   381  C CG  . HIS A 1 48  ? -3.081  -0.404  -13.229 1.00 27.25 ? 396 HIS A CG  1 
ATOM   382  N ND1 . HIS A 1 48  ? -3.431  0.710   -13.968 1.00 30.51 ? 396 HIS A ND1 1 
ATOM   383  C CD2 . HIS A 1 48  ? -3.599  -1.506  -13.820 1.00 30.90 ? 396 HIS A CD2 1 
ATOM   384  C CE1 . HIS A 1 48  ? -4.149  0.254   -14.988 1.00 30.41 ? 396 HIS A CE1 1 
ATOM   385  N NE2 . HIS A 1 48  ? -4.267  -1.075  -14.949 1.00 31.01 ? 396 HIS A NE2 1 
ATOM   386  N N   . PRO A 1 49  ? 1.081   0.883   -10.837 1.00 17.36 ? 397 PRO A N   1 
ATOM   387  C CA  . PRO A 1 49  ? 1.831   1.059   -9.589  1.00 17.35 ? 397 PRO A CA  1 
ATOM   388  C C   . PRO A 1 49  ? 0.970   1.787   -8.568  1.00 18.75 ? 397 PRO A C   1 
ATOM   389  O O   . PRO A 1 49  ? 0.091   2.597   -8.913  1.00 18.70 ? 397 PRO A O   1 
ATOM   390  C CB  . PRO A 1 49  ? 3.003   1.951   -10.004 1.00 19.28 ? 397 PRO A CB  1 
ATOM   391  C CG  . PRO A 1 49  ? 3.171   1.680   -11.480 1.00 23.79 ? 397 PRO A CG  1 
ATOM   392  C CD  . PRO A 1 49  ? 1.752   1.575   -11.959 1.00 19.65 ? 397 PRO A CD  1 
ATOM   393  N N   . MET A 1 50  ? 1.180   1.462   -7.303  1.00 15.54 ? 398 MET A N   1 
ATOM   394  C CA  . MET A 1 50  ? 0.443   2.131   -6.237  1.00 14.37 ? 398 MET A CA  1 
ATOM   395  C C   . MET A 1 50  ? 1.297   2.134   -4.981  1.00 15.40 ? 398 MET A C   1 
ATOM   396  O O   . MET A 1 50  ? 2.030   1.181   -4.749  1.00 15.69 ? 398 MET A O   1 
ATOM   397  C CB  . MET A 1 50  ? -0.890  1.395   -5.960  1.00 14.97 ? 398 MET A CB  1 
ATOM   398  C CG  . MET A 1 50  ? -1.818  2.072   -4.960  1.00 16.21 ? 398 MET A CG  1 
ATOM   399  S SD  . MET A 1 50  ? -2.143  3.827   -5.324  1.00 17.97 ? 398 MET A SD  1 
ATOM   400  C CE  . MET A 1 50  ? -2.842  3.775   -7.056  1.00 17.47 ? 398 MET A CE  1 
ATOM   401  N N   . ASP A 1 51  ? 1.177   3.188   -4.170  1.00 13.91 ? 399 ASP A N   1 
ATOM   402  C CA  . ASP A 1 51  ? 1.968   3.321   -2.935  1.00 13.11 ? 399 ASP A CA  1 
ATOM   403  C C   . ASP A 1 51  ? 1.161   4.115   -1.898  1.00 15.30 ? 399 ASP A C   1 
ATOM   404  O O   . ASP A 1 51  ? 0.162   4.768   -2.256  1.00 14.68 ? 399 ASP A O   1 
ATOM   405  C CB  . ASP A 1 51  ? 3.287   4.034   -3.255  1.00 15.13 ? 399 ASP A CB  1 
ATOM   406  C CG  . ASP A 1 51  ? 2.996   5.452   -3.711  1.00 17.68 ? 399 ASP A CG  1 
ATOM   407  O OD1 . ASP A 1 51  ? 2.669   5.629   -4.900  1.00 19.84 ? 399 ASP A OD1 1 
ATOM   408  O OD2 . ASP A 1 51  ? 2.984   6.370   -2.849  1.00 18.69 ? 399 ASP A OD2 1 
ATOM   409  N N   . MET A 1 52  ? 1.626   4.151   -0.675  1.00 14.26 ? 400 MET A N   1 
ATOM   410  C CA  . MET A 1 52  ? 0.887   4.799   0.404   1.00 13.72 ? 400 MET A CA  1 
ATOM   411  C C   . MET A 1 52  ? 0.740   6.303   0.259   1.00 16.95 ? 400 MET A C   1 
ATOM   412  O O   . MET A 1 52  ? -0.301  6.846   0.648   1.00 16.24 ? 400 MET A O   1 
ATOM   413  C CB  . MET A 1 52  ? 1.528   4.462   1.738   1.00 14.67 ? 400 MET A CB  1 
ATOM   414  C CG  . MET A 1 52  ? 1.388   2.976   2.086   1.00 14.92 ? 400 MET A CG  1 
ATOM   415  S SD  . MET A 1 52  ? 2.474   2.484   3.454   1.00 16.04 ? 400 MET A SD  1 
ATOM   416  C CE  . MET A 1 52  ? 2.065   3.691   4.672   1.00 15.24 ? 400 MET A CE  1 
ATOM   417  N N   . SER A 1 53  ? 1.763   6.992   -0.297  1.00 15.67 ? 401 SER A N   1 
ATOM   418  C CA  . SER A 1 53  ? 1.636   8.460   -0.467  1.00 15.32 ? 401 SER A CA  1 
ATOM   419  C C   . SER A 1 53  ? 0.603   8.780   -1.540  1.00 16.04 ? 401 SER A C   1 
ATOM   420  O O   . SER A 1 53  ? -0.128  9.759   -1.398  1.00 17.22 ? 401 SER A O   1 
ATOM   421  C CB  . SER A 1 53  ? 2.980   9.086   -0.808  1.00 17.87 ? 401 SER A CB  1 
ATOM   422  O OG  . SER A 1 53  ? 3.818   9.035   0.334   1.00 21.61 ? 401 SER A OG  1 
ATOM   423  N N   . THR A 1 54  ? 0.527   7.976   -2.591  1.00 15.75 ? 402 THR A N   1 
ATOM   424  C CA  . THR A 1 54  ? -0.483  8.171   -3.636  1.00 14.52 ? 402 THR A CA  1 
ATOM   425  C C   . THR A 1 54  ? -1.867  7.950   -3.035  1.00 17.42 ? 402 THR A C   1 
ATOM   426  O O   . THR A 1 54  ? -2.785  8.741   -3.287  1.00 16.43 ? 402 THR A O   1 
ATOM   427  C CB  . THR A 1 54  ? -0.216  7.253   -4.812  1.00 17.65 ? 402 THR A CB  1 
ATOM   428  O OG1 . THR A 1 54  ? 1.048   7.621   -5.389  1.00 18.91 ? 402 THR A OG1 1 
ATOM   429  C CG2 . THR A 1 54  ? -1.281  7.374   -5.882  1.00 19.57 ? 402 THR A CG2 1 
ATOM   430  N N   . ILE A 1 55  ? -2.037  6.903   -2.211  1.00 15.19 ? 403 ILE A N   1 
ATOM   431  C CA  . ILE A 1 55  ? -3.326  6.627   -1.574  1.00 14.41 ? 403 ILE A CA  1 
ATOM   432  C C   . ILE A 1 55  ? -3.709  7.805   -0.664  1.00 17.24 ? 403 ILE A C   1 
ATOM   433  O O   . ILE A 1 55  ? -4.880  8.229   -0.673  1.00 16.76 ? 403 ILE A O   1 
ATOM   434  C CB  . ILE A 1 55  ? -3.270  5.282   -0.790  1.00 14.68 ? 403 ILE A CB  1 
ATOM   435  C CG1 . ILE A 1 55  ? -3.079  4.126   -1.759  1.00 14.91 ? 403 ILE A CG1 1 
ATOM   436  C CG2 . ILE A 1 55  ? -4.565  5.097   0.028   1.00 17.06 ? 403 ILE A CG2 1 
ATOM   437  C CD1 . ILE A 1 55  ? -2.736  2.787   -1.119  1.00 16.45 ? 403 ILE A CD1 1 
ATOM   438  N N   . LYS A 1 56  ? -2.756  8.337   0.121   1.00 14.86 ? 404 LYS A N   1 
ATOM   439  C CA  . LYS A 1 56  ? -3.007  9.501   0.977   1.00 15.80 ? 404 LYS A CA  1 
ATOM   440  C C   . LYS A 1 56  ? -3.488  10.677  0.112   1.00 17.96 ? 404 LYS A C   1 
ATOM   441  O O   . LYS A 1 56  ? -4.483  11.320  0.472   1.00 19.06 ? 404 LYS A O   1 
ATOM   442  C CB  . LYS A 1 56  ? -1.761  9.897   1.768   1.00 16.91 ? 404 LYS A CB  1 
ATOM   443  C CG  . LYS A 1 56  ? -2.060  10.955  2.803   1.00 18.63 ? 404 LYS A CG  1 
ATOM   444  C CD  . LYS A 1 56  ? -0.933  11.099  3.808   1.00 25.19 ? 404 LYS A CD  1 
ATOM   445  C CE  . LYS A 1 56  ? -1.198  12.292  4.709   1.00 37.22 ? 404 LYS A CE  1 
ATOM   446  N NZ  . LYS A 1 56  ? -0.151  12.427  5.749   1.00 49.65 ? 404 LYS A NZ  1 
ATOM   447  N N   . SER A 1 57  ? -2.809  10.950  -1.007  1.00 16.23 ? 405 SER A N   1 
ATOM   448  C CA  . SER A 1 57  ? -3.202  12.038  -1.920  1.00 16.69 ? 405 SER A CA  1 
ATOM   449  C C   . SER A 1 57  ? -4.593  11.808  -2.497  1.00 19.45 ? 405 SER A C   1 
ATOM   450  O O   . SER A 1 57  ? -5.380  12.773  -2.650  1.00 18.87 ? 405 SER A O   1 
ATOM   451  C CB  . SER A 1 57  ? -2.177  12.165  -3.035  1.00 18.56 ? 405 SER A CB  1 
ATOM   452  O OG  . SER A 1 57  ? -0.951  12.604  -2.464  1.00 25.65 ? 405 SER A OG  1 
ATOM   453  N N   . LYS A 1 58  ? -4.931  10.548  -2.826  1.00 17.30 ? 406 LYS A N   1 
ATOM   454  C CA  . LYS A 1 58  ? -6.242  10.221  -3.362  1.00 16.24 ? 406 LYS A CA  1 
ATOM   455  C C   . LYS A 1 58  ? -7.324  10.440  -2.295  1.00 19.45 ? 406 LYS A C   1 
ATOM   456  O O   . LYS A 1 58  ? -8.375  11.010  -2.618  1.00 18.63 ? 406 LYS A O   1 
ATOM   457  C CB  . LYS A 1 58  ? -6.256  8.814   -3.989  1.00 17.08 ? 406 LYS A CB  1 
ATOM   458  C CG  . LYS A 1 58  ? -5.420  8.718   -5.273  1.00 17.14 ? 406 LYS A CG  1 
ATOM   459  C CD  . LYS A 1 58  ? -5.460  7.328   -5.938  1.00 19.30 ? 406 LYS A CD  1 
ATOM   460  C CE  . LYS A 1 58  ? -6.831  6.938   -6.445  1.00 19.33 ? 406 LYS A CE  1 
ATOM   461  N NZ  . LYS A 1 58  ? -6.752  5.682   -7.244  1.00 22.21 ? 406 LYS A NZ  1 
ATOM   462  N N   . LEU A 1 59  ? -7.071  10.096  -1.027  1.00 18.12 ? 407 LEU A N   1 
ATOM   463  C CA  . LEU A 1 59  ? -8.042  10.368  0.042   1.00 18.46 ? 407 LEU A CA  1 
ATOM   464  C C   . LEU A 1 59  ? -8.249  11.880  0.167   1.00 22.30 ? 407 LEU A C   1 
ATOM   465  O O   . LEU A 1 59  ? -9.399  12.348  0.163   1.00 21.40 ? 407 LEU A O   1 
ATOM   466  C CB  . LEU A 1 59  ? -7.568  9.813   1.377   1.00 18.66 ? 407 LEU A CB  1 
ATOM   467  C CG  . LEU A 1 59  ? -7.781  8.324   1.564   1.00 21.25 ? 407 LEU A CG  1 
ATOM   468  C CD1 . LEU A 1 59  ? -6.861  7.803   2.664   1.00 22.08 ? 407 LEU A CD1 1 
ATOM   469  C CD2 . LEU A 1 59  ? -9.247  8.039   1.937   1.00 20.43 ? 407 LEU A CD2 1 
ATOM   470  N N   . GLU A 1 60  ? -7.153  12.645  0.154   1.00 19.50 ? 408 GLU A N   1 
ATOM   471  C CA  . GLU A 1 60  ? -7.225  14.109  0.270   1.00 20.97 ? 408 GLU A CA  1 
ATOM   472  C C   . GLU A 1 60  ? -7.982  14.740  -0.890  1.00 25.03 ? 408 GLU A C   1 
ATOM   473  O O   . GLU A 1 60  ? -8.680  15.738  -0.675  1.00 27.00 ? 408 GLU A O   1 
ATOM   474  C CB  . GLU A 1 60  ? -5.816  14.700  0.421   1.00 22.09 ? 408 GLU A CB  1 
ATOM   475  C CG  . GLU A 1 60  ? -5.232  14.372  1.789   1.00 31.30 ? 408 GLU A CG  1 
ATOM   476  C CD  . GLU A 1 60  ? -3.789  14.734  2.086   1.00 53.10 ? 408 GLU A CD  1 
ATOM   477  O OE1 . GLU A 1 60  ? -3.068  15.182  1.164   1.00 51.55 ? 408 GLU A OE1 1 
ATOM   478  O OE2 . GLU A 1 60  ? -3.371  14.530  3.248   1.00 41.71 ? 408 GLU A OE2 1 
ATOM   479  N N   . ALA A 1 61  ? -7.893  14.160  -2.097  1.00 22.47 ? 409 ALA A N   1 
ATOM   480  C CA  . ALA A 1 61  ? -8.575  14.677  -3.292  1.00 21.80 ? 409 ALA A CA  1 
ATOM   481  C C   . ALA A 1 61  ? -9.961  14.036  -3.516  1.00 23.21 ? 409 ALA A C   1 
ATOM   482  O O   . ALA A 1 61  ? -10.561 14.195  -4.588  1.00 23.34 ? 409 ALA A O   1 
ATOM   483  C CB  . ALA A 1 61  ? -7.700  14.497  -4.510  1.00 22.92 ? 409 ALA A CB  1 
ATOM   484  N N   . ARG A 1 62  ? -10.467 13.277  -2.516  1.00 19.46 ? 410 ARG A N   1 
ATOM   485  C CA  . ARG A 1 62  ? -11.791 12.644  -2.560  1.00 18.86 ? 410 ARG A CA  1 
ATOM   486  C C   . ARG A 1 62  ? -11.937 11.745  -3.776  1.00 21.65 ? 410 ARG A C   1 
ATOM   487  O O   . ARG A 1 62  ? -12.984 11.723  -4.419  1.00 20.39 ? 410 ARG A O   1 
ATOM   488  C CB  . ARG A 1 62  ? -12.915 13.709  -2.521  1.00 20.51 ? 410 ARG A CB  1 
ATOM   489  C CG  . ARG A 1 62  ? -12.696 14.706  -1.381  1.00 21.55 ? 410 ARG A CG  1 
ATOM   490  C CD  . ARG A 1 62  ? -13.804 15.740  -1.325  1.00 25.58 ? 410 ARG A CD  1 
ATOM   491  N NE  . ARG A 1 62  ? -15.052 15.151  -0.848  1.00 24.17 ? 410 ARG A NE  1 
ATOM   492  C CZ  . ARG A 1 62  ? -16.137 15.861  -0.580  1.00 26.46 ? 410 ARG A CZ  1 
ATOM   493  N NH1 . ARG A 1 62  ? -16.140 17.177  -0.767  1.00 23.95 ? 410 ARG A NH1 1 
ATOM   494  N NH2 . ARG A 1 62  ? -17.234 15.265  -0.147  1.00 25.10 ? 410 ARG A NH2 1 
ATOM   495  N N   . GLU A 1 63  ? -10.897 10.970  -4.069  1.00 18.62 ? 411 GLU A N   1 
ATOM   496  C CA  . GLU A 1 63  ? -10.912 10.055  -5.208  1.00 18.42 ? 411 GLU A CA  1 
ATOM   497  C C   . GLU A 1 63  ? -11.489 8.688   -4.878  1.00 20.51 ? 411 GLU A C   1 
ATOM   498  O O   . GLU A 1 63  ? -11.599 7.843   -5.770  1.00 22.06 ? 411 GLU A O   1 
ATOM   499  C CB  . GLU A 1 63  ? -9.532  9.921   -5.835  1.00 19.56 ? 411 GLU A CB  1 
ATOM   500  C CG  . GLU A 1 63  ? -9.046  11.224  -6.435  1.00 23.39 ? 411 GLU A CG  1 
ATOM   501  C CD  . GLU A 1 63  ? -7.746  11.065  -7.191  1.00 30.39 ? 411 GLU A CD  1 
ATOM   502  O OE1 . GLU A 1 63  ? -7.623  10.107  -7.988  1.00 30.48 ? 411 GLU A OE1 1 
ATOM   503  O OE2 . GLU A 1 63  ? -6.848  11.907  -6.983  1.00 34.76 ? 411 GLU A OE2 1 
ATOM   504  N N   . TYR A 1 64  ? -11.821 8.448   -3.595  1.00 17.28 ? 412 TYR A N   1 
ATOM   505  C CA  . TYR A 1 64  ? -12.463 7.186   -3.179  1.00 15.93 ? 412 TYR A CA  1 
ATOM   506  C C   . TYR A 1 64  ? -13.881 7.479   -2.745  1.00 18.82 ? 412 TYR A C   1 
ATOM   507  O O   . TYR A 1 64  ? -14.091 8.294   -1.855  1.00 18.28 ? 412 TYR A O   1 
ATOM   508  C CB  . TYR A 1 64  ? -11.700 6.482   -2.022  1.00 16.12 ? 412 TYR A CB  1 
ATOM   509  C CG  . TYR A 1 64  ? -10.253 6.165   -2.319  1.00 16.07 ? 412 TYR A CG  1 
ATOM   510  C CD1 . TYR A 1 64  ? -9.903  5.325   -3.371  1.00 17.40 ? 412 TYR A CD1 1 
ATOM   511  C CD2 . TYR A 1 64  ? -9.232  6.726   -1.561  1.00 17.13 ? 412 TYR A CD2 1 
ATOM   512  C CE1 . TYR A 1 64  ? -8.567  5.068   -3.675  1.00 17.26 ? 412 TYR A CE1 1 
ATOM   513  C CE2 . TYR A 1 64  ? -7.891  6.422   -1.814  1.00 16.52 ? 412 TYR A CE2 1 
ATOM   514  C CZ  . TYR A 1 64  ? -7.570  5.603   -2.877  1.00 17.15 ? 412 TYR A CZ  1 
ATOM   515  O OH  . TYR A 1 64  ? -6.245  5.328   -3.129  1.00 17.11 ? 412 TYR A OH  1 
ATOM   516  N N   . ARG A 1 65  ? -14.849 6.770   -3.320  1.00 18.21 ? 413 ARG A N   1 
ATOM   517  C CA  . ARG A 1 65  ? -16.246 6.954   -2.914  1.00 17.46 ? 413 ARG A CA  1 
ATOM   518  C C   . ARG A 1 65  ? -16.529 6.331   -1.555  1.00 21.41 ? 413 ARG A C   1 
ATOM   519  O O   . ARG A 1 65  ? -17.431 6.773   -0.830  1.00 22.66 ? 413 ARG A O   1 
ATOM   520  C CB  . ARG A 1 65  ? -17.191 6.324   -3.948  1.00 18.86 ? 413 ARG A CB  1 
ATOM   521  C CG  . ARG A 1 65  ? -17.177 7.038   -5.292  1.00 20.39 ? 413 ARG A CG  1 
ATOM   522  C CD  . ARG A 1 65  ? -18.331 6.585   -6.179  1.00 19.98 ? 413 ARG A CD  1 
ATOM   523  N NE  . ARG A 1 65  ? -18.239 5.160   -6.499  1.00 22.10 ? 413 ARG A NE  1 
ATOM   524  C CZ  . ARG A 1 65  ? -19.198 4.473   -7.109  1.00 26.59 ? 413 ARG A CZ  1 
ATOM   525  N NH1 . ARG A 1 65  ? -20.299 5.087   -7.531  1.00 20.43 ? 413 ARG A NH1 1 
ATOM   526  N NH2 . ARG A 1 65  ? -19.040 3.176   -7.354  1.00 27.57 ? 413 ARG A NH2 1 
ATOM   527  N N   . ASP A 1 66  ? -15.775 5.273   -1.197  1.00 18.84 ? 414 ASP A N   1 
ATOM   528  C CA  . ASP A 1 66  ? -16.056 4.514   -0.004  1.00 18.47 ? 414 ASP A CA  1 
ATOM   529  C C   . ASP A 1 66  ? -14.833 3.716   0.429   1.00 19.72 ? 414 ASP A C   1 
ATOM   530  O O   . ASP A 1 66  ? -13.799 3.728   -0.259  1.00 18.03 ? 414 ASP A O   1 
ATOM   531  C CB  . ASP A 1 66  ? -17.269 3.582   -0.284  1.00 20.26 ? 414 ASP A CB  1 
ATOM   532  C CG  . ASP A 1 66  ? -17.127 2.628   -1.464  1.00 25.58 ? 414 ASP A CG  1 
ATOM   533  O OD1 . ASP A 1 66  ? -15.983 2.214   -1.774  1.00 24.13 ? 414 ASP A OD1 1 
ATOM   534  O OD2 . ASP A 1 66  ? -18.161 2.250   -2.047  1.00 32.42 ? 414 ASP A OD2 1 
ATOM   535  N N   . ALA A 1 67  ? -14.980 2.955   1.515   1.00 17.83 ? 415 ALA A N   1 
ATOM   536  C CA  . ALA A 1 67  ? -13.877 2.154   2.035   1.00 17.20 ? 415 ALA A CA  1 
ATOM   537  C C   . ALA A 1 67  ? -13.447 1.051   1.086   1.00 19.11 ? 415 ALA A C   1 
ATOM   538  O O   . ALA A 1 67  ? -12.251 0.751   1.060   1.00 17.69 ? 415 ALA A O   1 
ATOM   539  C CB  . ALA A 1 67  ? -14.259 1.565   3.389   1.00 18.27 ? 415 ALA A CB  1 
ATOM   540  N N   . GLN A 1 68  ? -14.357 0.465   0.297   1.00 18.18 ? 416 GLN A N   1 
ATOM   541  C CA  . GLN A 1 68  ? -14.001 -0.594  -0.639  1.00 18.70 ? 416 GLN A CA  1 
ATOM   542  C C   . GLN A 1 68  ? -13.070 -0.078  -1.734  1.00 19.64 ? 416 GLN A C   1 
ATOM   543  O O   . GLN A 1 68  ? -12.120 -0.762  -2.108  1.00 18.82 ? 416 GLN A O   1 
ATOM   544  C CB  . GLN A 1 68  ? -15.250 -1.322  -1.185  1.00 21.79 ? 416 GLN A CB  1 
ATOM   545  C CG  . GLN A 1 68  ? -15.902 -2.263  -0.131  1.00 28.69 ? 416 GLN A CG  1 
ATOM   546  C CD  . GLN A 1 68  ? -15.003 -3.396  0.389   1.00 40.12 ? 416 GLN A CD  1 
ATOM   547  O OE1 . GLN A 1 68  ? -14.238 -4.018  -0.356  1.00 36.79 ? 416 GLN A OE1 1 
ATOM   548  N NE2 . GLN A 1 68  ? -15.095 -3.712  1.679   1.00 29.96 ? 416 GLN A NE2 1 
ATOM   549  N N   . GLU A 1 69  ? -13.280 1.154   -2.214  1.00 16.41 ? 417 GLU A N   1 
ATOM   550  C CA  . GLU A 1 69  ? -12.386 1.728   -3.220  1.00 16.64 ? 417 GLU A CA  1 
ATOM   551  C C   . GLU A 1 69  ? -11.000 2.002   -2.636  1.00 18.51 ? 417 GLU A C   1 
ATOM   552  O O   . GLU A 1 69  ? -9.999  1.699   -3.282  1.00 17.90 ? 417 GLU A O   1 
ATOM   553  C CB  . GLU A 1 69  ? -13.003 2.996   -3.809  1.00 18.33 ? 417 GLU A CB  1 
ATOM   554  C CG  . GLU A 1 69  ? -14.244 2.660   -4.616  1.00 20.49 ? 417 GLU A CG  1 
ATOM   555  C CD  . GLU A 1 69  ? -14.856 3.804   -5.395  1.00 26.66 ? 417 GLU A CD  1 
ATOM   556  O OE1 . GLU A 1 69  ? -14.266 4.909   -5.398  1.00 20.91 ? 417 GLU A OE1 1 
ATOM   557  O OE2 . GLU A 1 69  ? -15.887 3.559   -6.065  1.00 27.80 ? 417 GLU A OE2 1 
ATOM   558  N N   . PHE A 1 70  ? -10.940 2.517   -1.410  1.00 15.15 ? 418 PHE A N   1 
ATOM   559  C CA  . PHE A 1 70  ? -9.669  2.728   -0.714  1.00 14.99 ? 418 PHE A CA  1 
ATOM   560  C C   . PHE A 1 70  ? -8.957  1.364   -0.530  1.00 17.08 ? 418 PHE A C   1 
ATOM   561  O O   . PHE A 1 70  ? -7.763  1.242   -0.857  1.00 16.24 ? 418 PHE A O   1 
ATOM   562  C CB  . PHE A 1 70  ? -9.921  3.377   0.651   1.00 15.92 ? 418 PHE A CB  1 
ATOM   563  C CG  . PHE A 1 70  ? -8.804  3.229   1.660   1.00 15.37 ? 418 PHE A CG  1 
ATOM   564  C CD1 . PHE A 1 70  ? -7.719  4.111   1.667   1.00 16.33 ? 418 PHE A CD1 1 
ATOM   565  C CD2 . PHE A 1 70  ? -8.859  2.250   2.648   1.00 16.57 ? 418 PHE A CD2 1 
ATOM   566  C CE1 . PHE A 1 70  ? -6.710  3.995   2.628   1.00 16.54 ? 418 PHE A CE1 1 
ATOM   567  C CE2 . PHE A 1 70  ? -7.846  2.151   3.612   1.00 17.73 ? 418 PHE A CE2 1 
ATOM   568  C CZ  . PHE A 1 70  ? -6.776  3.008   3.581   1.00 16.72 ? 418 PHE A CZ  1 
ATOM   569  N N   . GLY A 1 71  ? -9.696  0.354   -0.034  1.00 14.88 ? 419 GLY A N   1 
ATOM   570  C CA  . GLY A 1 71  ? -9.100  -0.963  0.205   1.00 14.44 ? 419 GLY A CA  1 
ATOM   571  C C   . GLY A 1 71  ? -8.575  -1.589  -1.065  1.00 16.08 ? 419 GLY A C   1 
ATOM   572  O O   . GLY A 1 71  ? -7.572  -2.299  -1.020  1.00 14.80 ? 419 GLY A O   1 
ATOM   573  N N   . ALA A 1 72  ? -9.225  -1.340  -2.217  1.00 14.79 ? 420 ALA A N   1 
ATOM   574  C CA  . ALA A 1 72  ? -8.749  -1.910  -3.484  1.00 15.03 ? 420 ALA A CA  1 
ATOM   575  C C   . ALA A 1 72  ? -7.391  -1.338  -3.852  1.00 16.08 ? 420 ALA A C   1 
ATOM   576  O O   . ALA A 1 72  ? -6.548  -2.076  -4.329  1.00 16.86 ? 420 ALA A O   1 
ATOM   577  C CB  . ALA A 1 72  ? -9.758  -1.644  -4.595  1.00 16.82 ? 420 ALA A CB  1 
ATOM   578  N N   . ASP A 1 73  ? -7.146  -0.057  -3.555  1.00 14.16 ? 421 ASP A N   1 
ATOM   579  C CA  . ASP A 1 73  ? -5.812  0.508   -3.824  1.00 13.91 ? 421 ASP A CA  1 
ATOM   580  C C   . ASP A 1 73  ? -4.756  -0.017  -2.851  1.00 15.44 ? 421 ASP A C   1 
ATOM   581  O O   . ASP A 1 73  ? -3.650  -0.293  -3.278  1.00 14.43 ? 421 ASP A O   1 
ATOM   582  C CB  . ASP A 1 73  ? -5.820  2.022   -3.832  1.00 15.62 ? 421 ASP A CB  1 
ATOM   583  C CG  . ASP A 1 73  ? -5.960  2.632   -5.214  1.00 18.13 ? 421 ASP A CG  1 
ATOM   584  O OD1 . ASP A 1 73  ? -6.015  1.869   -6.218  1.00 19.54 ? 421 ASP A OD1 1 
ATOM   585  O OD2 . ASP A 1 73  ? -6.020  3.845   -5.296  1.00 17.34 ? 421 ASP A OD2 1 
ATOM   586  N N   . VAL A 1 74  ? -5.098  -0.202  -1.574  1.00 12.76 ? 422 VAL A N   1 
ATOM   587  C CA  . VAL A 1 74  ? -4.133  -0.794  -0.650  1.00 12.33 ? 422 VAL A CA  1 
ATOM   588  C C   . VAL A 1 74  ? -3.790  -2.212  -1.095  1.00 15.91 ? 422 VAL A C   1 
ATOM   589  O O   . VAL A 1 74  ? -2.601  -2.588  -1.134  1.00 14.40 ? 422 VAL A O   1 
ATOM   590  C CB  . VAL A 1 74  ? -4.709  -0.790  0.782   1.00 13.73 ? 422 VAL A CB  1 
ATOM   591  C CG1 . VAL A 1 74  ? -3.758  -1.545  1.728   1.00 14.23 ? 422 VAL A CG1 1 
ATOM   592  C CG2 . VAL A 1 74  ? -4.930  0.647   1.286   1.00 14.39 ? 422 VAL A CG2 1 
ATOM   593  N N   . ARG A 1 75  ? -4.809  -2.994  -1.469  1.00 14.22 ? 423 ARG A N   1 
ATOM   594  C CA  . ARG A 1 75  ? -4.557  -4.363  -1.906  1.00 14.83 ? 423 ARG A CA  1 
ATOM   595  C C   . ARG A 1 75  ? -3.815  -4.403  -3.240  1.00 14.80 ? 423 ARG A C   1 
ATOM   596  O O   . ARG A 1 75  ? -3.005  -5.315  -3.456  1.00 15.58 ? 423 ARG A O   1 
ATOM   597  C CB  . ARG A 1 75  ? -5.836  -5.158  -1.887  1.00 17.40 ? 423 ARG A CB  1 
ATOM   598  C CG  . ARG A 1 75  ? -6.285  -5.278  -0.429  1.00 19.09 ? 423 ARG A CG  1 
ATOM   599  C CD  . ARG A 1 75  ? -7.351  -6.254  -0.392  1.00 24.43 ? 423 ARG A CD  1 
ATOM   600  N NE  . ARG A 1 75  ? -7.881  -6.457  0.950   1.00 17.47 ? 423 ARG A NE  1 
ATOM   601  C CZ  . ARG A 1 75  ? -9.162  -6.341  1.238   1.00 18.39 ? 423 ARG A CZ  1 
ATOM   602  N NH1 . ARG A 1 75  ? -10.014 -5.856  0.336   1.00 18.03 ? 423 ARG A NH1 1 
ATOM   603  N NH2 . ARG A 1 75  ? -9.608  -6.707  2.427   1.00 17.56 ? 423 ARG A NH2 1 
ATOM   604  N N   . LEU A 1 76  ? -4.047  -3.413  -4.120  1.00 14.65 ? 424 LEU A N   1 
ATOM   605  C CA  . LEU A 1 76  ? -3.305  -3.324  -5.380  1.00 13.86 ? 424 LEU A CA  1 
ATOM   606  C C   . LEU A 1 76  ? -1.819  -3.140  -5.074  1.00 15.68 ? 424 LEU A C   1 
ATOM   607  O O   . LEU A 1 76  ? -0.975  -3.777  -5.699  1.00 15.52 ? 424 LEU A O   1 
ATOM   608  C CB  . LEU A 1 76  ? -3.835  -2.152  -6.205  1.00 14.06 ? 424 LEU A CB  1 
ATOM   609  C CG  . LEU A 1 76  ? -3.023  -1.753  -7.433  1.00 15.89 ? 424 LEU A CG  1 
ATOM   610  C CD1 . LEU A 1 76  ? -2.917  -2.920  -8.433  1.00 17.99 ? 424 LEU A CD1 1 
ATOM   611  C CD2 . LEU A 1 76  ? -3.666  -0.526  -8.081  1.00 17.81 ? 424 LEU A CD2 1 
ATOM   612  N N   . MET A 1 77  ? -1.510  -2.279  -4.134  1.00 13.84 ? 425 MET A N   1 
ATOM   613  C CA  . MET A 1 77  ? -0.124  -2.079  -3.714  1.00 12.84 ? 425 MET A CA  1 
ATOM   614  C C   . MET A 1 77  ? 0.546   -3.378  -3.272  1.00 13.83 ? 425 MET A C   1 
ATOM   615  O O   . MET A 1 77  ? 1.634   -3.714  -3.748  1.00 14.85 ? 425 MET A O   1 
ATOM   616  C CB  . MET A 1 77  ? -0.127  -1.023  -2.595  1.00 14.34 ? 425 MET A CB  1 
ATOM   617  C CG  . MET A 1 77  ? 1.239   -0.815  -1.942  1.00 15.30 ? 425 MET A CG  1 
ATOM   618  S SD  . MET A 1 77  ? 1.144   0.440   -0.657  1.00 15.73 ? 425 MET A SD  1 
ATOM   619  C CE  . MET A 1 77  ? 0.422   -0.518  0.708   1.00 16.30 ? 425 MET A CE  1 
ATOM   620  N N   . PHE A 1 78  ? -0.149  -4.166  -2.430  1.00 13.11 ? 426 PHE A N   1 
ATOM   621  C CA  . PHE A 1 78  ? 0.434   -5.438  -2.017  1.00 13.03 ? 426 PHE A CA  1 
ATOM   622  C C   . PHE A 1 78  ? 0.511   -6.433  -3.181  1.00 14.64 ? 426 PHE A C   1 
ATOM   623  O O   . PHE A 1 78  ? 1.516   -7.114  -3.336  1.00 13.70 ? 426 PHE A O   1 
ATOM   624  C CB  . PHE A 1 78  ? -0.394  -6.022  -0.851  1.00 14.03 ? 426 PHE A CB  1 
ATOM   625  C CG  . PHE A 1 78  ? -0.348  -5.163  0.394   1.00 14.53 ? 426 PHE A CG  1 
ATOM   626  C CD1 . PHE A 1 78  ? 0.863   -4.735  0.912   1.00 15.49 ? 426 PHE A CD1 1 
ATOM   627  C CD2 . PHE A 1 78  ? -1.511  -4.857  1.091   1.00 16.05 ? 426 PHE A CD2 1 
ATOM   628  C CE1 . PHE A 1 78  ? 0.905   -3.950  2.078   1.00 17.57 ? 426 PHE A CE1 1 
ATOM   629  C CE2 . PHE A 1 78  ? -1.458  -4.077  2.248   1.00 18.03 ? 426 PHE A CE2 1 
ATOM   630  C CZ  . PHE A 1 78  ? -0.256  -3.624  2.704   1.00 17.40 ? 426 PHE A CZ  1 
ATOM   631  N N   . SER A 1 79  ? -0.554  -6.524  -3.978  1.00 13.56 ? 427 SER A N   1 
ATOM   632  C CA  . SER A 1 79  ? -0.555  -7.454  -5.102  1.00 12.34 ? 427 SER A CA  1 
ATOM   633  C C   . SER A 1 79  ? 0.567   -7.129  -6.099  1.00 14.78 ? 427 SER A C   1 
ATOM   634  O O   . SER A 1 79  ? 1.162   -8.059  -6.627  1.00 15.37 ? 427 SER A O   1 
ATOM   635  C CB  . SER A 1 79  ? -1.890  -7.434  -5.826  1.00 12.72 ? 427 SER A CB  1 
ATOM   636  O OG  . SER A 1 79  ? -2.907  -7.929  -4.961  1.00 15.99 ? 427 SER A OG  1 
ATOM   637  N N   . ASN A 1 80  ? 0.902   -5.850  -6.284  1.00 13.66 ? 428 ASN A N   1 
ATOM   638  C CA  . ASN A 1 80  ? 2.016   -5.511  -7.181  1.00 13.82 ? 428 ASN A CA  1 
ATOM   639  C C   . ASN A 1 80  ? 3.309   -6.124  -6.646  1.00 15.49 ? 428 ASN A C   1 
ATOM   640  O O   . ASN A 1 80  ? 4.126   -6.651  -7.429  1.00 15.26 ? 428 ASN A O   1 
ATOM   641  C CB  . ASN A 1 80  ? 2.158   -4.005  -7.283  1.00 14.78 ? 428 ASN A CB  1 
ATOM   642  C CG  . ASN A 1 80  ? 1.079   -3.351  -8.101  1.00 15.08 ? 428 ASN A CG  1 
ATOM   643  O OD1 . ASN A 1 80  ? 0.392   -3.995  -8.906  1.00 15.96 ? 428 ASN A OD1 1 
ATOM   644  N ND2 . ASN A 1 80  ? 0.973   -2.042  -7.957  1.00 16.26 ? 428 ASN A ND2 1 
ATOM   645  N N   . CYS A 1 81  ? 3.517   -6.049  -5.327  1.00 13.41 ? 429 CYS A N   1 
ATOM   646  C CA  . CYS A 1 81  ? 4.684   -6.593  -4.693  1.00 13.43 ? 429 CYS A CA  1 
ATOM   647  C C   . CYS A 1 81  ? 4.752   -8.107  -4.859  1.00 15.48 ? 429 CYS A C   1 
ATOM   648  O O   . CYS A 1 81  ? 5.813   -8.661  -5.206  1.00 15.82 ? 429 CYS A O   1 
ATOM   649  C CB  . CYS A 1 81  ? 4.727   -6.158  -3.231  1.00 13.46 ? 429 CYS A CB  1 
ATOM   650  S SG  . CYS A 1 81  ? 6.234   -6.619  -2.368  1.00 15.14 ? 429 CYS A SG  1 
ATOM   651  N N   . TYR A 1 82  ? 3.603   -8.795  -4.654  1.00 13.80 ? 430 TYR A N   1 
ATOM   652  C CA  . TYR A 1 82  ? 3.588   -10.249 -4.776  1.00 13.73 ? 430 TYR A CA  1 
ATOM   653  C C   . TYR A 1 82  ? 3.772   -10.689 -6.235  1.00 16.56 ? 430 TYR A C   1 
ATOM   654  O O   . TYR A 1 82  ? 4.362   -11.749 -6.475  1.00 17.14 ? 430 TYR A O   1 
ATOM   655  C CB  . TYR A 1 82  ? 2.263   -10.820 -4.205  1.00 14.18 ? 430 TYR A CB  1 
ATOM   656  C CG  . TYR A 1 82  ? 1.969   -10.406 -2.780  1.00 13.63 ? 430 TYR A CG  1 
ATOM   657  C CD1 . TYR A 1 82  ? 2.988   -10.322 -1.828  1.00 14.09 ? 430 TYR A CD1 1 
ATOM   658  C CD2 . TYR A 1 82  ? 0.673   -10.131 -2.369  1.00 13.86 ? 430 TYR A CD2 1 
ATOM   659  C CE1 . TYR A 1 82  ? 2.722   -9.913  -0.523  1.00 14.34 ? 430 TYR A CE1 1 
ATOM   660  C CE2 . TYR A 1 82  ? 0.395   -9.734  -1.061  1.00 13.96 ? 430 TYR A CE2 1 
ATOM   661  C CZ  . TYR A 1 82  ? 1.422   -9.622  -0.142  1.00 14.23 ? 430 TYR A CZ  1 
ATOM   662  O OH  . TYR A 1 82  ? 1.169   -9.243  1.162   1.00 15.32 ? 430 TYR A OH  1 
ATOM   663  N N   . LYS A 1 83  ? 3.264   -9.900  -7.187  1.00 14.87 ? 431 LYS A N   1 
ATOM   664  C CA  . LYS A 1 83  ? 3.400   -10.252 -8.608  1.00 15.32 ? 431 LYS A CA  1 
ATOM   665  C C   . LYS A 1 83  ? 4.821   -10.054 -9.116  1.00 18.25 ? 431 LYS A C   1 
ATOM   666  O O   . LYS A 1 83  ? 5.355   -10.912 -9.843  1.00 18.57 ? 431 LYS A O   1 
ATOM   667  C CB  . LYS A 1 83  ? 2.456   -9.388  -9.434  1.00 16.31 ? 431 LYS A CB  1 
ATOM   668  C CG  . LYS A 1 83  ? 2.559   -9.617  -10.933 1.00 19.22 ? 431 LYS A CG  1 
ATOM   669  C CD  . LYS A 1 83  ? 1.549   -8.781  -11.648 1.00 18.67 ? 431 LYS A CD  1 
ATOM   670  C CE  . LYS A 1 83  ? 1.711   -8.934  -13.143 1.00 27.63 ? 431 LYS A CE  1 
ATOM   671  N NZ  . LYS A 1 83  ? 0.640   -8.209  -13.864 1.00 36.25 ? 431 LYS A NZ  1 
ATOM   672  N N   . TYR A 1 84  ? 5.433   -8.942  -8.745  1.00 15.73 ? 432 TYR A N   1 
ATOM   673  C CA  . TYR A 1 84  ? 6.739   -8.580  -9.293  1.00 14.86 ? 432 TYR A CA  1 
ATOM   674  C C   . TYR A 1 84  ? 7.910   -9.375  -8.759  1.00 18.51 ? 432 TYR A C   1 
ATOM   675  O O   . TYR A 1 84  ? 8.810   -9.734  -9.526  1.00 19.10 ? 432 TYR A O   1 
ATOM   676  C CB  . TYR A 1 84  ? 6.986   -7.081  -9.092  1.00 16.00 ? 432 TYR A CB  1 
ATOM   677  C CG  . TYR A 1 84  ? 8.353   -6.641  -9.583  1.00 15.77 ? 432 TYR A CG  1 
ATOM   678  C CD1 . TYR A 1 84  ? 8.660   -6.629  -10.947 1.00 16.61 ? 432 TYR A CD1 1 
ATOM   679  C CD2 . TYR A 1 84  ? 9.367   -6.327  -8.683  1.00 16.80 ? 432 TYR A CD2 1 
ATOM   680  C CE1 . TYR A 1 84  ? 9.939   -6.260  -11.398 1.00 16.73 ? 432 TYR A CE1 1 
ATOM   681  C CE2 . TYR A 1 84  ? 10.654  -5.993  -9.116  1.00 16.57 ? 432 TYR A CE2 1 
ATOM   682  C CZ  . TYR A 1 84  ? 10.927  -5.944  -10.476 1.00 17.78 ? 432 TYR A CZ  1 
ATOM   683  O OH  . TYR A 1 84  ? 12.208  -5.615  -10.891 1.00 19.50 ? 432 TYR A OH  1 
ATOM   684  N N   . ASN A 1 85  ? 7.970   -9.592  -7.472  1.00 16.77 ? 433 ASN A N   1 
ATOM   685  C CA  . ASN A 1 85  ? 9.131   -10.170 -6.828  1.00 18.27 ? 433 ASN A CA  1 
ATOM   686  C C   . ASN A 1 85  ? 9.096   -11.677 -6.727  1.00 22.89 ? 433 ASN A C   1 
ATOM   687  O O   . ASN A 1 85  ? 7.998   -12.227 -6.601  1.00 21.08 ? 433 ASN A O   1 
ATOM   688  C CB  . ASN A 1 85  ? 9.198   -9.595  -5.419  1.00 18.13 ? 433 ASN A CB  1 
ATOM   689  C CG  . ASN A 1 85  ? 9.452   -8.117  -5.420  1.00 19.91 ? 433 ASN A CG  1 
ATOM   690  O OD1 . ASN A 1 85  ? 10.557  -7.640  -5.744  1.00 19.57 ? 433 ASN A OD1 1 
ATOM   691  N ND2 . ASN A 1 85  ? 8.422   -7.325  -5.117  1.00 15.40 ? 433 ASN A ND2 1 
ATOM   692  N N   . PRO A 1 86  ? 10.281  -12.325 -6.577  1.00 21.35 ? 434 PRO A N   1 
ATOM   693  C CA  . PRO A 1 86  ? 10.284  -13.757 -6.247  1.00 22.17 ? 434 PRO A CA  1 
ATOM   694  C C   . PRO A 1 86  ? 9.623   -13.940 -4.867  1.00 23.56 ? 434 PRO A C   1 
ATOM   695  O O   . PRO A 1 86  ? 9.753   -13.073 -3.997  1.00 21.52 ? 434 PRO A O   1 
ATOM   696  C CB  . PRO A 1 86  ? 11.775  -14.122 -6.190  1.00 24.32 ? 434 PRO A CB  1 
ATOM   697  C CG  . PRO A 1 86  ? 12.489  -13.016 -6.920  1.00 28.58 ? 434 PRO A CG  1 
ATOM   698  C CD  . PRO A 1 86  ? 11.653  -11.782 -6.656  1.00 23.13 ? 434 PRO A CD  1 
ATOM   699  N N   . PRO A 1 87  ? 8.920   -15.067 -4.639  1.00 21.92 ? 435 PRO A N   1 
ATOM   700  C CA  . PRO A 1 87  ? 8.218   -15.266 -3.359  1.00 21.74 ? 435 PRO A CA  1 
ATOM   701  C C   . PRO A 1 87  ? 9.075   -15.253 -2.095  1.00 24.94 ? 435 PRO A C   1 
ATOM   702  O O   . PRO A 1 87  ? 8.559   -14.968 -1.010  1.00 24.84 ? 435 PRO A O   1 
ATOM   703  C CB  . PRO A 1 87  ? 7.517   -16.618 -3.543  1.00 24.34 ? 435 PRO A CB  1 
ATOM   704  C CG  . PRO A 1 87  ? 8.203   -17.278 -4.675  1.00 28.91 ? 435 PRO A CG  1 
ATOM   705  C CD  . PRO A 1 87  ? 8.660   -16.175 -5.576  1.00 23.75 ? 435 PRO A CD  1 
ATOM   706  N N   . ASP A 1 88  ? 10.381  -15.546 -2.226  1.00 22.91 ? 436 ASP A N   1 
ATOM   707  C CA  . ASP A 1 88  ? 11.297  -15.564 -1.085  1.00 23.48 ? 436 ASP A CA  1 
ATOM   708  C C   . ASP A 1 88  ? 11.994  -14.225 -0.846  1.00 24.25 ? 436 ASP A C   1 
ATOM   709  O O   . ASP A 1 88  ? 12.839  -14.118 0.050   1.00 25.06 ? 436 ASP A O   1 
ATOM   710  C CB  . ASP A 1 88  ? 12.334  -16.710 -1.241  1.00 25.93 ? 436 ASP A CB  1 
ATOM   711  C CG  . ASP A 1 88  ? 13.323  -16.575 -2.383  1.00 39.03 ? 436 ASP A CG  1 
ATOM   712  O OD1 . ASP A 1 88  ? 13.034  -15.823 -3.343  1.00 37.89 ? 436 ASP A OD1 1 
ATOM   713  O OD2 . ASP A 1 88  ? 14.369  -17.270 -2.348  1.00 47.49 ? 436 ASP A OD2 1 
ATOM   714  N N   . HIS A 1 89  ? 11.625  -13.182 -1.627  1.00 20.59 ? 437 HIS A N   1 
ATOM   715  C CA  . HIS A 1 89  ? 12.269  -11.883 -1.485  1.00 19.82 ? 437 HIS A CA  1 
ATOM   716  C C   . HIS A 1 89  ? 11.927  -11.245 -0.145  1.00 21.02 ? 437 HIS A C   1 
ATOM   717  O O   . HIS A 1 89  ? 10.781  -11.353 0.319   1.00 19.50 ? 437 HIS A O   1 
ATOM   718  C CB  . HIS A 1 89  ? 11.872  -10.958 -2.656  1.00 19.78 ? 437 HIS A CB  1 
ATOM   719  C CG  . HIS A 1 89  ? 12.802  -9.799  -2.847  1.00 21.61 ? 437 HIS A CG  1 
ATOM   720  N ND1 . HIS A 1 89  ? 12.870  -8.763  -1.932  1.00 22.37 ? 437 HIS A ND1 1 
ATOM   721  C CD2 . HIS A 1 89  ? 13.675  -9.547  -3.859  1.00 22.08 ? 437 HIS A CD2 1 
ATOM   722  C CE1 . HIS A 1 89  ? 13.761  -7.907  -2.412  1.00 21.99 ? 437 HIS A CE1 1 
ATOM   723  N NE2 . HIS A 1 89  ? 14.280  -8.345  -3.570  1.00 22.17 ? 437 HIS A NE2 1 
ATOM   724  N N   . GLU A 1 90  ? 12.908  -10.575 0.492   1.00 19.44 ? 438 GLU A N   1 
ATOM   725  C CA  . GLU A 1 90  ? 12.649  -9.906  1.762   1.00 19.31 ? 438 GLU A CA  1 
ATOM   726  C C   . GLU A 1 90  ? 11.493  -8.891  1.659   1.00 18.12 ? 438 GLU A C   1 
ATOM   727  O O   . GLU A 1 90  ? 10.759  -8.718  2.632   1.00 18.05 ? 438 GLU A O   1 
ATOM   728  C CB  . GLU A 1 90  ? 13.913  -9.245  2.339   1.00 21.17 ? 438 GLU A CB  1 
ATOM   729  C CG  . GLU A 1 90  ? 14.559  -8.177  1.472   1.00 33.14 ? 438 GLU A CG  1 
ATOM   730  C CD  . GLU A 1 90  ? 15.839  -7.543  1.991   1.00 59.53 ? 438 GLU A CD  1 
ATOM   731  O OE1 . GLU A 1 90  ? 16.268  -7.865  3.123   1.00 50.75 ? 438 GLU A OE1 1 
ATOM   732  O OE2 . GLU A 1 90  ? 16.416  -6.711  1.254   1.00 57.76 ? 438 GLU A OE2 1 
ATOM   733  N N   . VAL A 1 91  ? 11.316  -8.251  0.484   1.00 16.37 ? 439 VAL A N   1 
ATOM   734  C CA  . VAL A 1 91  ? 10.255  -7.240  0.354   1.00 15.35 ? 439 VAL A CA  1 
ATOM   735  C C   . VAL A 1 91  ? 8.856   -7.881  0.403   1.00 17.27 ? 439 VAL A C   1 
ATOM   736  O O   . VAL A 1 91  ? 7.909   -7.240  0.847   1.00 15.72 ? 439 VAL A O   1 
ATOM   737  C CB  . VAL A 1 91  ? 10.468  -6.326  -0.878  1.00 18.02 ? 439 VAL A CB  1 
ATOM   738  C CG1 . VAL A 1 91  ? 10.044  -7.022  -2.150  1.00 18.03 ? 439 VAL A CG1 1 
ATOM   739  C CG2 . VAL A 1 91  ? 9.705   -5.020  -0.723  1.00 18.25 ? 439 VAL A CG2 1 
ATOM   740  N N   . VAL A 1 92  ? 8.720   -9.138  -0.055  1.00 14.65 ? 440 VAL A N   1 
ATOM   741  C CA  . VAL A 1 92  ? 7.447   -9.849  0.035   1.00 15.17 ? 440 VAL A CA  1 
ATOM   742  C C   . VAL A 1 92  ? 7.110   -10.104 1.503   1.00 16.99 ? 440 VAL A C   1 
ATOM   743  O O   . VAL A 1 92  ? 5.977   -9.908  1.917   1.00 15.34 ? 440 VAL A O   1 
ATOM   744  C CB  . VAL A 1 92  ? 7.492   -11.135 -0.820  1.00 17.34 ? 440 VAL A CB  1 
ATOM   745  C CG1 . VAL A 1 92  ? 6.350   -12.089 -0.471  1.00 17.50 ? 440 VAL A CG1 1 
ATOM   746  C CG2 . VAL A 1 92  ? 7.509   -10.785 -2.302  1.00 18.05 ? 440 VAL A CG2 1 
ATOM   747  N N   . ALA A 1 93  ? 8.105   -10.492 2.330   1.00 14.89 ? 441 ALA A N   1 
ATOM   748  C CA  . ALA A 1 93  ? 7.852   -10.697 3.755   1.00 16.16 ? 441 ALA A CA  1 
ATOM   749  C C   . ALA A 1 93  ? 7.435   -9.372  4.403   1.00 15.78 ? 441 ALA A C   1 
ATOM   750  O O   . ALA A 1 93  ? 6.565   -9.379  5.288   1.00 15.32 ? 441 ALA A O   1 
ATOM   751  C CB  . ALA A 1 93  ? 9.106   -11.244 4.440   1.00 17.52 ? 441 ALA A CB  1 
ATOM   752  N N   . MET A 1 94  ? 8.048   -8.241  3.979   1.00 14.90 ? 442 MET A N   1 
ATOM   753  C CA  . MET A 1 94  ? 7.688   -6.921  4.524   1.00 13.53 ? 442 MET A CA  1 
ATOM   754  C C   . MET A 1 94  ? 6.255   -6.569  4.111   1.00 14.88 ? 442 MET A C   1 
ATOM   755  O O   . MET A 1 94  ? 5.480   -6.119  4.968   1.00 14.90 ? 442 MET A O   1 
ATOM   756  C CB  . MET A 1 94  ? 8.659   -5.846  4.026   1.00 14.82 ? 442 MET A CB  1 
ATOM   757  C CG  . MET A 1 94  ? 10.065  -6.082  4.569   1.00 16.71 ? 442 MET A CG  1 
ATOM   758  S SD  . MET A 1 94  ? 11.333  -5.179  3.652   1.00 21.29 ? 442 MET A SD  1 
ATOM   759  C CE  . MET A 1 94  ? 11.295  -3.776  4.435   1.00 18.95 ? 442 MET A CE  1 
ATOM   760  N N   . ALA A 1 95  ? 5.882   -6.821  2.846   1.00 13.17 ? 443 ALA A N   1 
ATOM   761  C CA  . ALA A 1 95  ? 4.515   -6.571  2.366   1.00 13.54 ? 443 ALA A CA  1 
ATOM   762  C C   . ALA A 1 95  ? 3.513   -7.390  3.211   1.00 15.03 ? 443 ALA A C   1 
ATOM   763  O O   . ALA A 1 95  ? 2.490   -6.841  3.625   1.00 14.16 ? 443 ALA A O   1 
ATOM   764  C CB  . ALA A 1 95  ? 4.405   -6.977  0.908   1.00 14.42 ? 443 ALA A CB  1 
ATOM   765  N N   . ARG A 1 96  ? 3.839   -8.660  3.550   1.00 13.13 ? 444 ARG A N   1 
ATOM   766  C CA  . ARG A 1 96  ? 2.897   -9.469  4.331   1.00 14.03 ? 444 ARG A CA  1 
ATOM   767  C C   . ARG A 1 96  ? 2.726   -8.927  5.731   1.00 15.03 ? 444 ARG A C   1 
ATOM   768  O O   . ARG A 1 96  ? 1.604   -8.927  6.259   1.00 15.26 ? 444 ARG A O   1 
ATOM   769  C CB  . ARG A 1 96  ? 3.343   -10.924 4.375   1.00 15.34 ? 444 ARG A CB  1 
ATOM   770  C CG  . ARG A 1 96  ? 3.153   -11.597 3.032   1.00 18.19 ? 444 ARG A CG  1 
ATOM   771  C CD  . ARG A 1 96  ? 3.719   -12.995 3.047   1.00 22.56 ? 444 ARG A CD  1 
ATOM   772  N NE  . ARG A 1 96  ? 3.355   -13.675 1.810   1.00 24.13 ? 444 ARG A NE  1 
ATOM   773  C CZ  . ARG A 1 96  ? 3.936   -14.778 1.362   1.00 41.69 ? 444 ARG A CZ  1 
ATOM   774  N NH1 . ARG A 1 96  ? 4.938   -15.327 2.031   1.00 37.92 ? 444 ARG A NH1 1 
ATOM   775  N NH2 . ARG A 1 96  ? 3.507   -15.351 0.254   1.00 36.58 ? 444 ARG A NH2 1 
ATOM   776  N N   . LYS A 1 97  ? 3.822   -8.453  6.356   1.00 13.63 ? 445 LYS A N   1 
ATOM   777  C CA  . LYS A 1 97  ? 3.705   -7.856  7.682   1.00 13.87 ? 445 LYS A CA  1 
ATOM   778  C C   . LYS A 1 97  ? 2.833   -6.599  7.635   1.00 15.51 ? 445 LYS A C   1 
ATOM   779  O O   . LYS A 1 97  ? 2.025   -6.364  8.542   1.00 15.05 ? 445 LYS A O   1 
ATOM   780  C CB  . LYS A 1 97  ? 5.078   -7.514  8.263   1.00 15.79 ? 445 LYS A CB  1 
ATOM   781  C CG  . LYS A 1 97  ? 5.911   -8.762  8.605   1.00 17.29 ? 445 LYS A CG  1 
ATOM   782  C CD  . LYS A 1 97  ? 7.277   -8.403  9.143   1.00 20.18 ? 445 LYS A CD  1 
ATOM   783  C CE  . LYS A 1 97  ? 8.128   -9.638  9.319   1.00 26.93 ? 445 LYS A CE  1 
ATOM   784  N NZ  . LYS A 1 97  ? 9.527   -9.279  9.672   1.00 35.65 ? 445 LYS A NZ  1 
ATOM   785  N N   . LEU A 1 98  ? 2.992   -5.769  6.601   1.00 13.73 ? 446 LEU A N   1 
ATOM   786  C CA  . LEU A 1 98  ? 2.163   -4.577  6.526   1.00 13.44 ? 446 LEU A CA  1 
ATOM   787  C C   . LEU A 1 98  ? 0.707   -4.931  6.191   1.00 13.86 ? 446 LEU A C   1 
ATOM   788  O O   . LEU A 1 98  ? -0.220  -4.340  6.755   1.00 13.72 ? 446 LEU A O   1 
ATOM   789  C CB  . LEU A 1 98  ? 2.746   -3.620  5.503   1.00 13.63 ? 446 LEU A CB  1 
ATOM   790  C CG  . LEU A 1 98  ? 2.098   -2.211  5.474   1.00 16.33 ? 446 LEU A CG  1 
ATOM   791  C CD1 . LEU A 1 98  ? 2.146   -1.522  6.836   1.00 18.38 ? 446 LEU A CD1 1 
ATOM   792  C CD2 . LEU A 1 98  ? 2.730   -1.360  4.364   1.00 16.35 ? 446 LEU A CD2 1 
ATOM   793  N N   . GLN A 1 99  ? 0.512   -5.942  5.334   1.00 12.81 ? 447 GLN A N   1 
ATOM   794  C CA  . GLN A 1 99  ? -0.831  -6.368  4.991   1.00 13.02 ? 447 GLN A CA  1 
ATOM   795  C C   . GLN A 1 99  ? -1.533  -6.920  6.234   1.00 14.30 ? 447 GLN A C   1 
ATOM   796  O O   . GLN A 1 99  ? -2.730  -6.705  6.373   1.00 14.87 ? 447 GLN A O   1 
ATOM   797  C CB  . GLN A 1 99  ? -0.858  -7.354  3.827   1.00 13.07 ? 447 GLN A CB  1 
ATOM   798  C CG  . GLN A 1 99  ? -2.279  -7.675  3.410   1.00 13.46 ? 447 GLN A CG  1 
ATOM   799  C CD  . GLN A 1 99  ? -2.403  -8.330  2.075   1.00 19.98 ? 447 GLN A CD  1 
ATOM   800  O OE1 . GLN A 1 99  ? -1.448  -8.848  1.482   1.00 20.11 ? 447 GLN A OE1 1 
ATOM   801  N NE2 . GLN A 1 99  ? -3.601  -8.250  1.503   1.00 19.13 ? 447 GLN A NE2 1 
ATOM   802  N N   . ASP A 1 100 ? -0.796  -7.554  7.175   1.00 14.14 ? 448 ASP A N   1 
ATOM   803  C CA  . ASP A 1 100 ? -1.408  -8.004  8.441   1.00 15.64 ? 448 ASP A CA  1 
ATOM   804  C C   . ASP A 1 100 ? -2.011  -6.818  9.182   1.00 16.75 ? 448 ASP A C   1 
ATOM   805  O O   . ASP A 1 100 ? -3.132  -6.933  9.714   1.00 17.86 ? 448 ASP A O   1 
ATOM   806  C CB  . ASP A 1 100 ? -0.339  -8.623  9.373   1.00 18.17 ? 448 ASP A CB  1 
ATOM   807  C CG  . ASP A 1 100 ? 0.201   -9.980  8.992   1.00 28.69 ? 448 ASP A CG  1 
ATOM   808  O OD1 . ASP A 1 100 ? -0.392  -10.630 8.120   1.00 27.97 ? 448 ASP A OD1 1 
ATOM   809  O OD2 . ASP A 1 100 ? 1.229   -10.400 9.586   1.00 31.05 ? 448 ASP A OD2 1 
ATOM   810  N N   . VAL A 1 101 ? -1.282  -5.699  9.267   1.00 15.16 ? 449 VAL A N   1 
ATOM   811  C CA  . VAL A 1 101 ? -1.768  -4.478  9.949   1.00 15.41 ? 449 VAL A CA  1 
ATOM   812  C C   . VAL A 1 101 ? -3.053  -4.025  9.256   1.00 15.84 ? 449 VAL A C   1 
ATOM   813  O O   . VAL A 1 101 ? -4.083  -3.787  9.894   1.00 16.27 ? 449 VAL A O   1 
ATOM   814  C CB  . VAL A 1 101 ? -0.712  -3.324  9.883   1.00 18.82 ? 449 VAL A CB  1 
ATOM   815  C CG1 . VAL A 1 101 ? -1.258  -2.037  10.528  1.00 20.33 ? 449 VAL A CG1 1 
ATOM   816  C CG2 . VAL A 1 101 ? 0.626   -3.739  10.519  1.00 19.15 ? 449 VAL A CG2 1 
ATOM   817  N N   . PHE A 1 102 ? -2.980  -3.875  7.928   1.00 13.14 ? 450 PHE A N   1 
ATOM   818  C CA  . PHE A 1 102 ? -4.100  -3.381  7.170   1.00 12.56 ? 450 PHE A CA  1 
ATOM   819  C C   . PHE A 1 102 ? -5.323  -4.275  7.311   1.00 14.32 ? 450 PHE A C   1 
ATOM   820  O O   . PHE A 1 102 ? -6.428  -3.763  7.558   1.00 13.82 ? 450 PHE A O   1 
ATOM   821  C CB  . PHE A 1 102 ? -3.718  -3.222  5.704   1.00 13.32 ? 450 PHE A CB  1 
ATOM   822  C CG  . PHE A 1 102 ? -4.930  -2.996  4.846   1.00 12.54 ? 450 PHE A CG  1 
ATOM   823  C CD1 . PHE A 1 102 ? -5.579  -1.758  4.829   1.00 14.93 ? 450 PHE A CD1 1 
ATOM   824  C CD2 . PHE A 1 102 ? -5.452  -4.024  4.067   1.00 13.51 ? 450 PHE A CD2 1 
ATOM   825  C CE1 . PHE A 1 102 ? -6.715  -1.567  4.044   1.00 15.05 ? 450 PHE A CE1 1 
ATOM   826  C CE2 . PHE A 1 102 ? -6.608  -3.827  3.296   1.00 16.34 ? 450 PHE A CE2 1 
ATOM   827  C CZ  . PHE A 1 102 ? -7.232  -2.598  3.299   1.00 15.29 ? 450 PHE A CZ  1 
ATOM   828  N N   . GLU A 1 103 ? -5.175  -5.601  7.052   1.00 12.46 ? 451 GLU A N   1 
ATOM   829  C CA  . GLU A 1 103 ? -6.341  -6.470  7.052   1.00 12.70 ? 451 GLU A CA  1 
ATOM   830  C C   . GLU A 1 103 ? -7.018  -6.504  8.404   1.00 14.17 ? 451 GLU A C   1 
ATOM   831  O O   . GLU A 1 103 ? -8.248  -6.533  8.476   1.00 14.73 ? 451 GLU A O   1 
ATOM   832  C CB  . GLU A 1 103 ? -6.016  -7.897  6.575   1.00 13.56 ? 451 GLU A CB  1 
ATOM   833  C CG  . GLU A 1 103 ? -5.497  -7.985  5.146   1.00 14.88 ? 451 GLU A CG  1 
ATOM   834  C CD  . GLU A 1 103 ? -6.496  -7.678  4.051   1.00 16.94 ? 451 GLU A CD  1 
ATOM   835  O OE1 . GLU A 1 103 ? -7.722  -7.746  4.313   1.00 17.01 ? 451 GLU A OE1 1 
ATOM   836  O OE2 . GLU A 1 103 ? -6.053  -7.446  2.902   1.00 17.16 ? 451 GLU A OE2 1 
ATOM   837  N N   . MET A 1 104 ? -6.236  -6.519  9.472   1.00 13.42 ? 452 MET A N   1 
ATOM   838  C CA  . MET A 1 104 ? -6.854  -6.556  10.798  1.00 13.66 ? 452 MET A CA  1 
ATOM   839  C C   . MET A 1 104 ? -7.666  -5.280  11.050  1.00 15.94 ? 452 MET A C   1 
ATOM   840  O O   . MET A 1 104 ? -8.803  -5.365  11.520  1.00 16.36 ? 452 MET A O   1 
ATOM   841  C CB  . MET A 1 104 ? -5.785  -6.695  11.868  1.00 15.51 ? 452 MET A CB  1 
ATOM   842  C CG  A MET A 1 104 ? -5.136  -8.077  11.984  0.50 17.63 ? 452 MET A CG  1 
ATOM   843  C CG  B MET A 1 104 ? -6.317  -7.091  13.177  0.50 18.21 ? 452 MET A CG  1 
ATOM   844  S SD  A MET A 1 104 ? -6.133  -9.611  11.948  0.50 23.69 ? 452 MET A SD  1 
ATOM   845  S SD  B MET A 1 104 ? -6.586  -8.853  13.119  0.50 18.43 ? 452 MET A SD  1 
ATOM   846  C CE  A MET A 1 104 ? -5.753  -10.290 13.412  0.50 20.86 ? 452 MET A CE  1 
ATOM   847  C CE  B MET A 1 104 ? -5.283  -9.344  14.063  0.50 17.94 ? 452 MET A CE  1 
ATOM   848  N N   . ARG A 1 105 ? -7.130  -4.103  10.676  1.00 14.08 ? 453 ARG A N   1 
ATOM   849  C CA  . ARG A 1 105 ? -7.893  -2.876  10.897  1.00 14.64 ? 453 ARG A CA  1 
ATOM   850  C C   . ARG A 1 105 ? -9.066  -2.759  9.961   1.00 15.98 ? 453 ARG A C   1 
ATOM   851  O O   . ARG A 1 105 ? -10.155 -2.327  10.376  1.00 18.11 ? 453 ARG A O   1 
ATOM   852  C CB  . ARG A 1 105 ? -7.006  -1.641  10.719  1.00 16.68 ? 453 ARG A CB  1 
ATOM   853  C CG  . ARG A 1 105 ? -5.836  -1.530  11.674  1.00 21.28 ? 453 ARG A CG  1 
ATOM   854  C CD  . ARG A 1 105 ? -6.304  -1.398  13.116  1.00 22.71 ? 453 ARG A CD  1 
ATOM   855  N NE  . ARG A 1 105 ? -5.203  -1.033  13.996  1.00 24.91 ? 453 ARG A NE  1 
ATOM   856  C CZ  . ARG A 1 105 ? -5.308  -0.965  15.321  1.00 29.18 ? 453 ARG A CZ  1 
ATOM   857  N NH1 . ARG A 1 105 ? -6.439  -1.301  15.919  1.00 27.04 ? 453 ARG A NH1 1 
ATOM   858  N NH2 . ARG A 1 105 ? -4.257  -0.633  16.056  1.00 26.48 ? 453 ARG A NH2 1 
ATOM   859  N N   . PHE A 1 106 ? -8.876  -3.108  8.687   1.00 13.96 ? 454 PHE A N   1 
ATOM   860  C CA  . PHE A 1 106 ? -9.927  -2.983  7.698   1.00 14.04 ? 454 PHE A CA  1 
ATOM   861  C C   . PHE A 1 106 ? -11.113 -3.902  8.020   1.00 17.28 ? 454 PHE A C   1 
ATOM   862  O O   . PHE A 1 106 ? -12.271 -3.513  7.790   1.00 20.05 ? 454 PHE A O   1 
ATOM   863  C CB  . PHE A 1 106 ? -9.332  -3.286  6.322   1.00 15.11 ? 454 PHE A CB  1 
ATOM   864  C CG  . PHE A 1 106 ? -10.199 -2.890  5.171   1.00 15.39 ? 454 PHE A CG  1 
ATOM   865  C CD1 . PHE A 1 106 ? -10.431 -1.544  4.886   1.00 17.02 ? 454 PHE A CD1 1 
ATOM   866  C CD2 . PHE A 1 106 ? -10.701 -3.850  4.301   1.00 17.93 ? 454 PHE A CD2 1 
ATOM   867  C CE1 . PHE A 1 106 ? -11.174 -1.174  3.752   1.00 17.86 ? 454 PHE A CE1 1 
ATOM   868  C CE2 . PHE A 1 106 ? -11.455 -3.477  3.173   1.00 20.24 ? 454 PHE A CE2 1 
ATOM   869  C CZ  . PHE A 1 106 ? -11.671 -2.144  2.906   1.00 18.81 ? 454 PHE A CZ  1 
ATOM   870  N N   . ALA A 1 107 ? -10.828 -5.066  8.625   1.00 14.98 ? 455 ALA A N   1 
ATOM   871  C CA  . ALA A 1 107 ? -11.886 -6.009  9.001   1.00 15.12 ? 455 ALA A CA  1 
ATOM   872  C C   . ALA A 1 107 ? -12.685 -5.473  10.189  1.00 21.25 ? 455 ALA A C   1 
ATOM   873  O O   . ALA A 1 107 ? -13.858 -5.808  10.309  1.00 21.52 ? 455 ALA A O   1 
ATOM   874  C CB  . ALA A 1 107 ? -11.262 -7.357  9.388   1.00 16.26 ? 455 ALA A CB  1 
ATOM   875  N N   . LYS A 1 108 ? -12.037 -4.709  11.082  1.00 20.80 ? 456 LYS A N   1 
ATOM   876  C CA  . LYS A 1 108 ? -12.615 -4.264  12.372  1.00 23.28 ? 456 LYS A CA  1 
ATOM   877  C C   . LYS A 1 108 ? -13.125 -2.847  12.374  1.00 30.75 ? 456 LYS A C   1 
ATOM   878  O O   . LYS A 1 108 ? -13.610 -2.379  13.413  1.00 33.43 ? 456 LYS A O   1 
ATOM   879  C CB  . LYS A 1 108 ? -11.573 -4.466  13.493  1.00 25.42 ? 456 LYS A CB  1 
ATOM   880  C CG  . LYS A 1 108 ? -11.230 -5.929  13.759  1.00 27.26 ? 456 LYS A CG  1 
ATOM   881  C CD  . LYS A 1 108 ? -10.183 -6.064  14.858  1.00 31.59 ? 456 LYS A CD  1 
ATOM   882  C CE  . LYS A 1 108 ? -9.869  -7.502  15.153  1.00 35.69 ? 456 LYS A CE  1 
ATOM   883  N NZ  . LYS A 1 108 ? -8.655  -7.674  16.004  1.00 37.71 ? 456 LYS A NZ  1 
ATOM   884  N N   . MET A 1 109 ? -13.028 -2.152  11.234  1.00 26.95 ? 457 MET A N   1 
ATOM   885  C CA  . MET A 1 109 ? -13.462 -0.758  11.104  1.00 32.84 ? 457 MET A CA  1 
ATOM   886  C C   . MET A 1 109 ? -14.986 -0.582  11.114  1.00 75.09 ? 457 MET A C   1 
ATOM   887  O O   . MET A 1 109 ? -15.726 -1.557  11.223  1.00 45.47 ? 457 MET A O   1 
ATOM   888  C CB  . MET A 1 109 ? -12.829 -0.110  9.866   1.00 34.48 ? 457 MET A CB  1 
ATOM   889  C CG  . MET A 1 109 ? -13.316 -0.651  8.543   1.00 37.08 ? 457 MET A CG  1 
ATOM   890  S SD  . MET A 1 109 ? -12.780 0.399   7.170   1.00 39.61 ? 457 MET A SD  1 
ATOM   891  C CE  . MET A 1 109 ? -14.122 1.554   7.170   1.00 35.20 ? 457 MET A CE  1 
HETATM 892  C C4  . 89J B 2 .   ? 13.001  -1.144  -2.517  1.00 25.82 ? 501 89J A C4  1 
HETATM 893  C C5  . 89J B 2 .   ? 13.026  -0.782  -4.901  1.00 23.24 ? 501 89J A C5  1 
HETATM 894  C C6  . 89J B 2 .   ? 12.512  -1.416  -3.779  1.00 22.59 ? 501 89J A C6  1 
HETATM 895  C C7  . 89J B 2 .   ? 10.463  -4.326  -4.969  1.00 19.03 ? 501 89J A C7  1 
HETATM 896  C C8  . 89J B 2 .   ? 11.388  -2.353  -3.939  1.00 21.39 ? 501 89J A C8  1 
HETATM 897  C C10 . 89J B 2 .   ? 9.155   -3.859  -4.464  1.00 16.80 ? 501 89J A C10 1 
HETATM 898  C C1  . 89J B 2 .   ? 14.563  0.389   -3.498  1.00 28.74 ? 501 89J A C1  1 
HETATM 899  C C2  . 89J B 2 .   ? 14.043  -0.240  -2.380  1.00 28.59 ? 501 89J A C2  1 
HETATM 900  C C3  . 89J B 2 .   ? 14.063  0.125   -4.757  1.00 27.17 ? 501 89J A C3  1 
HETATM 901  C C9  . 89J B 2 .   ? 11.571  -3.620  -4.679  1.00 18.93 ? 501 89J A C9  1 
HETATM 902  C C11 . 89J B 2 .   ? 7.945   -2.258  -3.103  1.00 17.67 ? 501 89J A C11 1 
HETATM 903  C C12 . 89J B 2 .   ? 13.099  -5.247  -5.663  1.00 22.29 ? 501 89J A C12 1 
HETATM 904  N N13 . 89J B 2 .   ? 10.256  -1.941  -3.489  1.00 19.52 ? 501 89J A N13 1 
HETATM 905  N N14 . 89J B 2 .   ? 9.178   -2.736  -3.687  1.00 17.62 ? 501 89J A N14 1 
HETATM 906  N N15 . 89J B 2 .   ? 12.854  -3.962  -5.057  1.00 20.43 ? 501 89J A N15 1 
HETATM 907  O O16 . 89J B 2 .   ? 8.146   -4.532  -4.691  1.00 16.23 ? 501 89J A O16 1 
HETATM 908  O O   . HOH C 3 .   ? 5.775   -3.688  -5.875  1.00 15.56 ? 601 HOH A O   1 
HETATM 909  O O   . HOH C 3 .   ? -3.073  -10.515 -4.447  1.00 18.70 ? 602 HOH A O   1 
HETATM 910  O O   . HOH C 3 .   ? 5.336   2.750   9.025   1.00 17.05 ? 603 HOH A O   1 
HETATM 911  O O   . HOH C 3 .   ? 3.018   4.117   -7.057  1.00 19.68 ? 604 HOH A O   1 
HETATM 912  O O   . HOH C 3 .   ? 6.061   -13.543 -5.337  1.00 27.32 ? 605 HOH A O   1 
HETATM 913  O O   . HOH C 3 .   ? -4.064  3.009   14.823  1.00 26.73 ? 606 HOH A O   1 
HETATM 914  O O   . HOH C 3 .   ? -11.418 11.166  1.438   1.00 26.08 ? 607 HOH A O   1 
HETATM 915  O O   . HOH C 3 .   ? 4.337   0.003   -4.116  1.00 18.71 ? 608 HOH A O   1 
HETATM 916  O O   . HOH C 3 .   ? 13.942  -2.101  7.807   1.00 34.05 ? 609 HOH A O   1 
HETATM 917  O O   . HOH C 3 .   ? 15.957  0.574   -13.199 1.00 30.32 ? 610 HOH A O   1 
HETATM 918  O O   . HOH C 3 .   ? 11.586  -9.207  -16.620 1.00 45.31 ? 611 HOH A O   1 
HETATM 919  O O   . HOH C 3 .   ? -4.499  12.470  -5.821  1.00 43.09 ? 612 HOH A O   1 
HETATM 920  O O   . HOH C 3 .   ? -7.645  -0.079  -7.081  1.00 29.95 ? 613 HOH A O   1 
HETATM 921  O O   . HOH C 3 .   ? -5.405  9.545   -9.393  1.00 41.10 ? 614 HOH A O   1 
HETATM 922  O O   . HOH C 3 .   ? -12.085 -3.447  -1.922  1.00 25.76 ? 615 HOH A O   1 
HETATM 923  O O   . HOH C 3 .   ? 1.644   7.876   11.340  1.00 27.64 ? 616 HOH A O   1 
HETATM 924  O O   . HOH C 3 .   ? 6.284   1.528   -3.117  1.00 18.15 ? 617 HOH A O   1 
HETATM 925  O O   . HOH C 3 .   ? -2.122  -2.702  14.693  1.00 51.62 ? 618 HOH A O   1 
HETATM 926  O O   . HOH C 3 .   ? 7.126   -13.879 2.670   1.00 43.38 ? 619 HOH A O   1 
HETATM 927  O O   . HOH C 3 .   ? 16.232  3.934   -4.484  1.00 43.09 ? 620 HOH A O   1 
HETATM 928  O O   . HOH C 3 .   ? 17.360  -4.068  -6.523  1.00 36.24 ? 621 HOH A O   1 
HETATM 929  O O   . HOH C 3 .   ? 10.559  2.589   13.706  1.00 41.25 ? 622 HOH A O   1 
HETATM 930  O O   . HOH C 3 .   ? 1.168   11.785  -3.953  1.00 42.27 ? 623 HOH A O   1 
HETATM 931  O O   . HOH C 3 .   ? -17.577 1.619   -4.624  1.00 45.61 ? 624 HOH A O   1 
HETATM 932  O O   . HOH C 3 .   ? -20.209 3.575   -3.251  1.00 47.09 ? 625 HOH A O   1 
HETATM 933  O O   . HOH C 3 .   ? 1.649   8.350   -7.941  1.00 42.91 ? 626 HOH A O   1 
HETATM 934  O O   . HOH C 3 .   ? -0.520  14.229  1.024   1.00 43.08 ? 627 HOH A O   1 
HETATM 935  O O   . HOH C 3 .   ? 6.566   -16.593 -0.110  1.00 49.61 ? 628 HOH A O   1 
HETATM 936  O O   . HOH C 3 .   ? 10.091  -1.401  -17.252 1.00 42.33 ? 629 HOH A O   1 
HETATM 937  O O   . HOH C 3 .   ? -14.219 -4.489  6.152   1.00 46.34 ? 630 HOH A O   1 
HETATM 938  O O   . HOH C 3 .   ? -5.473  -7.068  -5.291  1.00 23.64 ? 631 HOH A O   1 
HETATM 939  O O   . HOH C 3 .   ? 2.341   -7.875  -16.510 1.00 39.80 ? 632 HOH A O   1 
HETATM 940  O O   . HOH C 3 .   ? 17.662  5.858   -8.266  1.00 60.76 ? 633 HOH A O   1 
HETATM 941  O O   . HOH C 3 .   ? 0.007   5.316   -9.150  1.00 43.56 ? 634 HOH A O   1 
HETATM 942  O O   . HOH C 3 .   ? -4.465  5.633   13.233  1.00 22.72 ? 635 HOH A O   1 
HETATM 943  O O   . HOH C 3 .   ? 9.837   7.310   -5.611  1.00 42.89 ? 636 HOH A O   1 
HETATM 944  O O   . HOH C 3 .   ? 1.244   -12.817 8.158   1.00 58.17 ? 637 HOH A O   1 
HETATM 945  O O   . HOH C 3 .   ? 3.573   -0.367  -6.939  1.00 17.39 ? 638 HOH A O   1 
HETATM 946  O O   . HOH C 3 .   ? -5.532  10.698  4.954   1.00 35.20 ? 639 HOH A O   1 
HETATM 947  O O   . HOH C 3 .   ? -1.789  3.017   -10.855 1.00 31.80 ? 640 HOH A O   1 
HETATM 948  O O   . HOH C 3 .   ? 7.009   -3.420  14.881  1.00 26.73 ? 641 HOH A O   1 
HETATM 949  O O   . HOH C 3 .   ? -14.184 11.743  5.057   1.00 53.33 ? 642 HOH A O   1 
HETATM 950  O O   . HOH C 3 .   ? -8.935  10.011  10.357  1.00 38.37 ? 643 HOH A O   1 
HETATM 951  O O   . HOH C 3 .   ? 10.145  0.728   -2.737  1.00 22.37 ? 644 HOH A O   1 
HETATM 952  O O   . HOH C 3 .   ? -9.763  1.824   -6.022  1.00 28.39 ? 645 HOH A O   1 
HETATM 953  O O   . HOH C 3 .   ? 14.662  -13.646 -3.777  1.00 43.23 ? 646 HOH A O   1 
HETATM 954  O O   . HOH C 3 .   ? 19.228  -1.155  -6.428  1.00 41.61 ? 647 HOH A O   1 
HETATM 955  O O   . HOH C 3 .   ? 13.126  0.815   -17.281 1.00 40.82 ? 648 HOH A O   1 
HETATM 956  O O   . HOH C 3 .   ? -15.594 12.589  0.016   1.00 35.60 ? 649 HOH A O   1 
HETATM 957  O O   . HOH C 3 .   ? -11.849 5.005   -6.728  1.00 38.04 ? 650 HOH A O   1 
HETATM 958  O O   . HOH C 3 .   ? -6.674  -4.482  -5.676  1.00 25.95 ? 651 HOH A O   1 
HETATM 959  O O   . HOH C 3 .   ? -4.431  15.365  -2.822  1.00 29.47 ? 652 HOH A O   1 
HETATM 960  O O   . HOH C 3 .   ? 8.686   -10.283 -12.236 1.00 38.35 ? 653 HOH A O   1 
HETATM 961  O O   . HOH C 3 .   ? 15.591  -7.599  -12.081 1.00 29.77 ? 654 HOH A O   1 
HETATM 962  O O   . HOH C 3 .   ? 3.471   0.543   -15.864 1.00 37.44 ? 655 HOH A O   1 
HETATM 963  O O   . HOH C 3 .   ? 2.700   -6.389  11.234  1.00 18.30 ? 656 HOH A O   1 
HETATM 964  O O   . HOH C 3 .   ? -6.024  3.062   -8.724  1.00 27.97 ? 657 HOH A O   1 
HETATM 965  O O   . HOH C 3 .   ? -16.266 -4.251  10.830  1.00 48.46 ? 658 HOH A O   1 
HETATM 966  O O   . HOH C 3 .   ? 4.461   -4.545  14.659  1.00 29.70 ? 659 HOH A O   1 
HETATM 967  O O   . HOH C 3 .   ? 9.043   4.185   -0.189  1.00 21.73 ? 660 HOH A O   1 
HETATM 968  O O   . HOH C 3 .   ? 12.647  -8.403  -7.413  1.00 21.17 ? 661 HOH A O   1 
HETATM 969  O O   . HOH C 3 .   ? -0.555  -3.497  -11.476 1.00 21.36 ? 662 HOH A O   1 
HETATM 970  O O   . HOH C 3 .   ? 10.492  -11.760 10.485  1.00 47.31 ? 663 HOH A O   1 
HETATM 971  O O   . HOH C 3 .   ? 4.207   -2.652  -3.912  1.00 18.38 ? 664 HOH A O   1 
HETATM 972  O O   . HOH C 3 .   ? 9.381   -13.544 1.326   1.00 24.05 ? 665 HOH A O   1 
HETATM 973  O O   . HOH C 3 .   ? -16.977 13.917  2.281   1.00 57.82 ? 666 HOH A O   1 
HETATM 974  O O   . HOH C 3 .   ? -14.682 9.698   -5.332  1.00 24.15 ? 667 HOH A O   1 
HETATM 975  O O   . HOH C 3 .   ? 12.942  -9.056  -12.157 1.00 45.54 ? 668 HOH A O   1 
HETATM 976  O O   . HOH C 3 .   ? -11.879 9.748   -0.932  1.00 20.07 ? 669 HOH A O   1 
HETATM 977  O O   . HOH C 3 .   ? 16.430  -7.237  -4.997  1.00 37.38 ? 670 HOH A O   1 
HETATM 978  O O   . HOH C 3 .   ? 5.823   8.072   8.002   1.00 34.03 ? 671 HOH A O   1 
HETATM 979  O O   . HOH C 3 .   ? 10.530  -8.141  7.306   1.00 43.26 ? 672 HOH A O   1 
HETATM 980  O O   . HOH C 3 .   ? 11.586  -9.401  -9.811  1.00 25.27 ? 673 HOH A O   1 
HETATM 981  O O   . HOH C 3 .   ? -14.447 13.630  -5.877  1.00 21.88 ? 674 HOH A O   1 
HETATM 982  O O   . HOH C 3 .   ? 20.386  1.676   -7.813  1.00 42.03 ? 675 HOH A O   1 
HETATM 983  O O   . HOH C 3 .   ? -9.800  -7.380  18.563  1.00 67.72 ? 676 HOH A O   1 
HETATM 984  O O   . HOH C 3 .   ? -10.389 16.069  1.544   1.00 52.71 ? 677 HOH A O   1 
HETATM 985  O O   . HOH C 3 .   ? -15.846 10.492  -1.609  1.00 32.11 ? 678 HOH A O   1 
HETATM 986  O O   . HOH C 3 .   ? -1.017  15.429  -2.280  1.00 50.84 ? 679 HOH A O   1 
HETATM 987  O O   . HOH C 3 .   ? 7.110   -13.290 -9.076  1.00 73.69 ? 680 HOH A O   1 
HETATM 988  O O   . HOH C 3 .   ? 10.094  4.461   -2.801  1.00 27.33 ? 681 HOH A O   1 
HETATM 989  O O   . HOH C 3 .   ? -9.853  -0.911  12.820  1.00 32.27 ? 682 HOH A O   1 
HETATM 990  O O   . HOH C 3 .   ? 6.264   -11.831 6.691   1.00 25.29 ? 683 HOH A O   1 
HETATM 991  O O   . HOH C 3 .   ? 0.082   -5.458  -13.407 1.00 31.95 ? 684 HOH A O   1 
HETATM 992  O O   . HOH C 3 .   ? -1.959  3.114   -13.578 1.00 47.37 ? 685 HOH A O   1 
HETATM 993  O O   . HOH C 3 .   ? -10.092 17.991  -1.737  1.00 41.44 ? 686 HOH A O   1 
HETATM 994  O O   . HOH C 3 .   ? 15.960  -8.702  -16.669 1.00 27.58 ? 687 HOH A O   1 
HETATM 995  O O   . HOH C 3 .   ? -12.836 -6.517  -0.481  1.00 32.94 ? 688 HOH A O   1 
HETATM 996  O O   . HOH C 3 .   ? -3.816  9.117   6.372   1.00 27.52 ? 689 HOH A O   1 
HETATM 997  O O   . HOH C 3 .   ? 0.800   12.067  0.050   1.00 28.39 ? 690 HOH A O   1 
HETATM 998  O O   . HOH C 3 .   ? -9.515  8.323   -9.228  1.00 51.94 ? 691 HOH A O   1 
HETATM 999  O O   . HOH C 3 .   ? 2.670   10.900  2.206   1.00 38.91 ? 692 HOH A O   1 
HETATM 1000 O O   . HOH C 3 .   ? -14.125 19.233  -0.964  1.00 32.42 ? 693 HOH A O   1 
HETATM 1001 O O   . HOH C 3 .   ? 1.127   -13.088 0.070   1.00 25.83 ? 694 HOH A O   1 
HETATM 1002 O O   . HOH C 3 .   ? -9.082  -10.157 3.486   1.00 17.17 ? 695 HOH A O   1 
HETATM 1003 O O   . HOH C 3 .   ? 17.311  -8.565  -0.773  1.00 54.88 ? 696 HOH A O   1 
HETATM 1004 O O   . HOH C 3 .   ? 6.649   3.139   -9.237  1.00 23.62 ? 697 HOH A O   1 
HETATM 1005 O O   . HOH C 3 .   ? 14.034  -6.546  -8.826  1.00 27.53 ? 698 HOH A O   1 
HETATM 1006 O O   . HOH C 3 .   ? 15.628  -10.700 -0.547  1.00 29.33 ? 699 HOH A O   1 
HETATM 1007 O O   . HOH C 3 .   ? -5.000  6.223   -9.516  1.00 43.06 ? 700 HOH A O   1 
HETATM 1008 O O   . HOH C 3 .   ? 4.752   -12.922 -11.875 1.00 53.16 ? 701 HOH A O   1 
HETATM 1009 O O   . HOH C 3 .   ? -14.243 -5.655  3.687   1.00 38.60 ? 702 HOH A O   1 
HETATM 1010 O O   . HOH C 3 .   ? -1.193  -6.447  -9.096  1.00 36.86 ? 703 HOH A O   1 
HETATM 1011 O O   . HOH C 3 .   ? -14.216 7.638   -7.085  1.00 36.83 ? 704 HOH A O   1 
HETATM 1012 O O   . HOH C 3 .   ? 10.818  -0.178  -14.853 1.00 28.32 ? 705 HOH A O   1 
HETATM 1013 O O   . HOH C 3 .   ? -5.926  -6.621  16.321  1.00 54.44 ? 706 HOH A O   1 
HETATM 1014 O O   . HOH C 3 .   ? -8.986  -2.405  14.931  1.00 38.36 ? 707 HOH A O   1 
HETATM 1015 O O   . HOH C 3 .   ? 4.958   2.201   -7.066  1.00 17.93 ? 708 HOH A O   1 
HETATM 1016 O O   . HOH C 3 .   ? -17.271 0.471   1.338   1.00 28.54 ? 709 HOH A O   1 
HETATM 1017 O O   . HOH C 3 .   ? -10.462 10.757  3.960   1.00 32.33 ? 710 HOH A O   1 
HETATM 1018 O O   . HOH C 3 .   ? -9.966  -5.049  -2.507  1.00 21.47 ? 711 HOH A O   1 
HETATM 1019 O O   . HOH C 3 .   ? 4.028   4.271   16.187  1.00 22.75 ? 712 HOH A O   1 
HETATM 1020 O O   . HOH C 3 .   ? 2.883   9.748   -4.399  1.00 34.16 ? 713 HOH A O   1 
HETATM 1021 O O   . HOH C 3 .   ? 15.690  -3.186  -4.547  1.00 27.71 ? 714 HOH A O   1 
HETATM 1022 O O   . HOH C 3 .   ? -10.655 15.216  -7.398  1.00 44.18 ? 715 HOH A O   1 
HETATM 1023 O O   . HOH C 3 .   ? 10.028  5.828   -9.987  1.00 37.85 ? 716 HOH A O   1 
HETATM 1024 O O   . HOH C 3 .   ? 12.122  -9.023  5.286   1.00 39.40 ? 717 HOH A O   1 
HETATM 1025 O O   . HOH C 3 .   ? -0.975  -10.650 5.176   1.00 38.80 ? 718 HOH A O   1 
HETATM 1026 O O   . HOH C 3 .   ? -9.355  4.170   -7.371  1.00 32.67 ? 719 HOH A O   1 
HETATM 1027 O O   . HOH C 3 .   ? -0.400  11.799  15.930  1.00 42.99 ? 720 HOH A O   1 
HETATM 1028 O O   . HOH C 3 .   ? 4.179   7.076   14.888  1.00 36.58 ? 721 HOH A O   1 
HETATM 1029 O O   . HOH C 3 .   ? 11.743  2.550   -3.851  1.00 24.77 ? 722 HOH A O   1 
HETATM 1030 O O   . HOH C 3 .   ? -18.212 9.624   -0.095  1.00 44.01 ? 723 HOH A O   1 
HETATM 1031 O O   . HOH C 3 .   ? 0.214   -4.213  15.342  1.00 56.05 ? 724 HOH A O   1 
HETATM 1032 O O   . HOH C 3 .   ? -3.832  -3.873  12.945  1.00 45.91 ? 725 HOH A O   1 
HETATM 1033 O O   . HOH C 3 .   ? -16.192 1.384   -8.244  1.00 58.68 ? 726 HOH A O   1 
HETATM 1034 O O   . HOH C 3 .   ? 7.669   6.127   10.337  1.00 39.65 ? 727 HOH A O   1 
HETATM 1035 O O   . HOH C 3 .   ? -16.880 -1.578  3.120   1.00 45.29 ? 728 HOH A O   1 
HETATM 1036 O O   . HOH C 3 .   ? 11.399  -5.778  8.384   1.00 41.10 ? 729 HOH A O   1 
HETATM 1037 O O   . HOH C 3 .   ? 3.782   -11.938 8.579   1.00 39.91 ? 730 HOH A O   1 
HETATM 1038 O O   . HOH C 3 .   ? 14.083  -4.819  0.252   1.00 47.48 ? 731 HOH A O   1 
HETATM 1039 O O   . HOH C 3 .   ? -11.754 -0.026  14.519  1.00 37.13 ? 732 HOH A O   1 
HETATM 1040 O O   . HOH C 3 .   ? -4.926  9.628   15.375  1.00 56.28 ? 733 HOH A O   1 
HETATM 1041 O O   . HOH C 3 .   ? -20.042 8.135   -2.148  1.00 67.26 ? 734 HOH A O   1 
HETATM 1042 O O   . HOH C 3 .   ? 5.160   10.422  -3.115  1.00 40.26 ? 735 HOH A O   1 
HETATM 1043 O O   . HOH C 3 .   ? 12.327  2.739   8.354   1.00 44.52 ? 736 HOH A O   1 
HETATM 1044 O O   . HOH C 3 .   ? -6.018  -4.284  14.645  1.00 43.64 ? 737 HOH A O   1 
HETATM 1045 O O   . HOH C 3 .   ? -1.088  9.772   7.419   1.00 29.01 ? 738 HOH A O   1 
HETATM 1046 O O   . HOH C 3 .   ? -15.178 -4.896  14.838  1.00 38.71 ? 739 HOH A O   1 
HETATM 1047 O O   . HOH C 3 .   ? -0.757  -12.040 1.892   1.00 36.43 ? 740 HOH A O   1 
HETATM 1048 O O   . HOH C 3 .   ? 2.738   10.849  5.289   1.00 46.62 ? 741 HOH A O   1 
HETATM 1049 O O   . HOH C 3 .   ? -1.905  -6.987  12.810  1.00 41.46 ? 742 HOH A O   1 
HETATM 1050 O O   . HOH C 3 .   ? 20.176  4.955   -9.825  1.00 46.44 ? 743 HOH A O   1 
HETATM 1051 O O   . HOH C 3 .   ? -8.073  12.743  3.790   1.00 54.42 ? 744 HOH A O   1 
HETATM 1052 O O   . HOH C 3 .   ? -21.777 0.927   -7.388  1.00 49.81 ? 745 HOH A O   1 
HETATM 1053 O O   . HOH C 3 .   ? -21.255 12.203  5.078   1.00 42.23 ? 746 HOH A O   1 
HETATM 1054 O O   . HOH C 3 .   ? -19.884 0.337   -5.375  1.00 56.52 ? 747 HOH A O   1 
HETATM 1055 O O   . HOH C 3 .   ? -6.252  17.449  -2.667  1.00 41.04 ? 748 HOH A O   1 
HETATM 1056 O O   . HOH C 3 .   ? -9.482  12.398  8.110   1.00 54.61 ? 749 HOH A O   1 
HETATM 1057 O O   . HOH C 3 .   ? 9.672   -13.305 -10.010 1.00 52.50 ? 750 HOH A O   1 
HETATM 1058 O O   . HOH C 3 .   ? -10.898 17.792  -4.326  1.00 49.23 ? 751 HOH A O   1 
HETATM 1059 O O   . HOH C 3 .   ? -12.914 15.264  2.102   1.00 40.88 ? 752 HOH A O   1 
HETATM 1060 O O   . HOH C 3 .   ? -7.573  -2.706  -7.787  1.00 40.56 ? 753 HOH A O   1 
HETATM 1061 O O   . HOH C 3 .   ? -13.408 -3.330  -4.398  1.00 47.88 ? 754 HOH A O   1 
HETATM 1062 O O   . HOH C 3 .   ? -6.320  9.784   11.140  1.00 42.02 ? 755 HOH A O   1 
HETATM 1063 O O   . HOH C 3 .   ? 5.989   -18.216 4.080   1.00 63.41 ? 756 HOH A O   1 
HETATM 1064 O O   . HOH C 3 .   ? 6.485   -14.108 5.189   1.00 36.99 ? 757 HOH A O   1 
HETATM 1065 O O   . HOH C 3 .   ? -4.453  2.395   -10.787 1.00 45.16 ? 758 HOH A O   1 
HETATM 1066 O O   . HOH C 3 .   ? -12.868 -3.303  16.981  1.00 57.71 ? 759 HOH A O   1 
HETATM 1067 O O   . HOH C 3 .   ? 10.913  -14.993 3.185   1.00 50.88 ? 760 HOH A O   1 
HETATM 1068 O O   . HOH C 3 .   ? 15.829  -4.997  -2.539  1.00 41.95 ? 761 HOH A O   1 
HETATM 1069 O O   . HOH C 3 .   ? 4.781   -18.521 -1.494  1.00 66.13 ? 762 HOH A O   1 
HETATM 1070 O O   . HOH C 3 .   ? -23.042 7.240   -5.726  1.00 36.70 ? 763 HOH A O   1 
HETATM 1071 O O   . HOH C 3 .   ? 16.400  -6.313  -7.560  1.00 35.93 ? 764 HOH A O   1 
HETATM 1072 O O   . HOH C 3 .   ? -3.930  15.161  -5.551  1.00 42.21 ? 765 HOH A O   1 
HETATM 1073 O O   . HOH C 3 .   ? -13.675 12.615  1.966   1.00 37.71 ? 766 HOH A O   1 
HETATM 1074 O O   . HOH C 3 .   ? 19.293  3.827   -6.013  1.00 63.70 ? 767 HOH A O   1 
HETATM 1075 O O   . HOH C 3 .   ? -6.197  0.197   -11.033 1.00 46.22 ? 768 HOH A O   1 
HETATM 1076 O O   . HOH C 3 .   ? 14.610  -10.317 -7.135  1.00 32.36 ? 769 HOH A O   1 
HETATM 1077 O O   . HOH C 3 .   ? -11.320 18.525  0.782   1.00 65.58 ? 770 HOH A O   1 
HETATM 1078 O O   . HOH C 3 .   ? 10.348  6.400   1.013   1.00 34.65 ? 771 HOH A O   1 
HETATM 1079 O O   . HOH C 3 .   ? -21.712 5.786   -3.731  1.00 51.68 ? 772 HOH A O   1 
HETATM 1080 O O   . HOH C 3 .   ? 15.033  2.819   5.270   1.00 56.06 ? 773 HOH A O   1 
HETATM 1081 O O   . HOH C 3 .   ? 3.017   5.995   -9.116  1.00 32.46 ? 774 HOH A O   1 
HETATM 1082 O O   . HOH C 3 .   ? -5.707  -2.473  -11.127 1.00 42.49 ? 775 HOH A O   1 
HETATM 1083 O O   . HOH C 3 .   ? 12.465  -11.904 -10.401 1.00 50.10 ? 776 HOH A O   1 
HETATM 1084 O O   . HOH C 3 .   ? 19.559  -7.256  -10.244 1.00 38.56 ? 777 HOH A O   1 
HETATM 1085 O O   . HOH C 3 .   ? 9.939   -7.457  -19.057 1.00 46.40 ? 778 HOH A O   1 
HETATM 1086 O O   . HOH C 3 .   ? 1.553   10.047  9.692   1.00 47.72 ? 779 HOH A O   1 
HETATM 1087 O O   . HOH C 3 .   ? 6.846   8.880   3.595   1.00 38.79 ? 780 HOH A O   1 
HETATM 1088 O O   . HOH C 3 .   ? -9.149  14.443  -9.861  1.00 53.17 ? 781 HOH A O   1 
HETATM 1089 O O   . HOH C 3 .   ? -12.169 0.509   -7.012  1.00 34.71 ? 782 HOH A O   1 
HETATM 1090 O O   . HOH C 3 .   ? -12.288 -6.297  18.243  1.00 58.77 ? 783 HOH A O   1 
HETATM 1091 O O   . HOH C 3 .   ? -3.437  -4.155  -11.775 1.00 39.61 ? 784 HOH A O   1 
HETATM 1092 O O   . HOH C 3 .   ? -8.195  18.154  -4.499  1.00 54.77 ? 785 HOH A O   1 
HETATM 1093 O O   . HOH C 3 .   ? 11.513  6.974   -2.348  1.00 56.41 ? 786 HOH A O   1 
HETATM 1094 O O   . HOH C 3 .   ? 15.993  -12.094 -5.576  1.00 46.74 ? 787 HOH A O   1 
HETATM 1095 O O   . HOH C 3 .   ? 7.213   10.805  -4.843  1.00 43.19 ? 788 HOH A O   1 
HETATM 1096 O O   . HOH C 3 .   ? -16.335 -7.132  4.668   1.00 46.09 ? 789 HOH A O   1 
HETATM 1097 O O   . HOH C 3 .   ? 17.891  1.857   -3.913  1.00 52.04 ? 790 HOH A O   1 
HETATM 1098 O O   . HOH C 3 .   ? 11.789  5.789   5.202   1.00 45.27 ? 791 HOH A O   1 
HETATM 1099 O O   . HOH C 3 .   ? 9.440   8.482   2.537   1.00 37.04 ? 792 HOH A O   1 
HETATM 1100 O O   . HOH C 3 .   ? 10.372  8.157   5.335   1.00 51.15 ? 793 HOH A O   1 
HETATM 1101 O O   . HOH C 3 .   ? 6.410   8.446   -9.513  1.00 55.00 ? 794 HOH A O   1 
HETATM 1102 O O   . HOH C 3 .   ? 17.094  -0.692  -0.170  1.00 52.46 ? 795 HOH A O   1 
HETATM 1103 O O   . HOH C 3 .   ? 16.516  2.043   -0.325  1.00 52.37 ? 796 HOH A O   1 
# 
